data_7TS2
#
_entry.id   7TS2
#
_cell.length_a   52.319
_cell.length_b   118.679
_cell.length_c   164.995
_cell.angle_alpha   90.000
_cell.angle_beta   90.130
_cell.angle_gamma   90.000
#
_symmetry.space_group_name_H-M   'P 1 21 1'
#
loop_
_entity.id
_entity.type
_entity.pdbx_description
1 polymer 'Nitric oxide synthase, brain'
2 non-polymer 'PROTOPORPHYRIN IX CONTAINING FE'
3 non-polymer 5,6,7,8-TETRAHYDROBIOPTERIN
4 non-polymer 6-[3-(3,3-difluoroazetidin-1-yl)propyl]-4-methylpyridin-2-amine
5 non-polymer GLYCEROL
6 non-polymer 'ZINC ION'
7 water water
#
_entity_poly.entity_id   1
_entity_poly.type   'polypeptide(L)'
_entity_poly.pdbx_seq_one_letter_code
;CPRFLKVKNWETEVVLTDTLHLKSTLETGCTEYICMGSIMHPSQHARRPEDVATKDQLFPLAKEFIDQYYSSIKRFGSKA
HMERLEEVNKEIDTTSTYQLKDTELIYGAKHAWRNASRCVGRIQWSKLQVFDARDCTTAHGMFNYICNHVKYATNKGNLR
SAITIFPQRTDGKHDFRVWNSQLIRYAGYKQPDGSTLGDPANVQFTEICIQQGWKPPRGRFDVLPLLLQANGNDPELFQI
PPELVLEVPIRHPKFEWFKDLGLKWYGLPAVSNMLLEIGGLEFSACPFSGWYMGTEIGVRDYCDNSRYNILEEVAKKMNL
DMRKTSSLWKDQALVEINIAVLYSFQSDKVTIVDHHSATESFIKHMENEYRCRGGCPADWVWIVPPMSGSITPVFHQEML
NYRLTPSFEYQPDPWNTHVWKLV
;
_entity_poly.pdbx_strand_id   A,B,C,D
#
loop_
_chem_comp.id
_chem_comp.type
_chem_comp.name
_chem_comp.formula
GOL non-polymer GLYCEROL 'C3 H8 O3'
H4B non-polymer 5,6,7,8-TETRAHYDROBIOPTERIN 'C9 H15 N5 O3'
HEM non-polymer 'PROTOPORPHYRIN IX CONTAINING FE' 'C34 H32 Fe N4 O4'
K8F non-polymer 6-[3-(3,3-difluoroazetidin-1-yl)propyl]-4-methylpyridin-2-amine 'C12 H17 F2 N3'
ZN non-polymer 'ZINC ION' 'Zn 2'
#
# COMPACT_ATOMS: atom_id res chain seq x y z
N PRO A 2 -10.60 18.84 20.02
CA PRO A 2 -9.44 19.20 20.83
C PRO A 2 -8.77 18.05 21.60
N ARG A 3 -7.54 18.37 22.02
CA ARG A 3 -6.70 17.65 22.99
C ARG A 3 -7.40 16.86 24.09
N PHE A 4 -8.73 16.89 24.17
CA PHE A 4 -9.39 16.01 25.11
C PHE A 4 -10.86 15.85 24.76
N LEU A 5 -11.37 14.66 25.06
CA LEU A 5 -12.79 14.35 24.99
C LEU A 5 -13.17 13.73 26.33
N LYS A 6 -14.25 14.20 26.93
CA LYS A 6 -14.70 13.67 28.21
C LYS A 6 -15.73 12.55 28.02
N VAL A 7 -15.71 11.60 28.94
CA VAL A 7 -16.75 10.59 29.04
C VAL A 7 -17.31 10.64 30.46
N LYS A 8 -18.63 10.53 30.57
CA LYS A 8 -19.32 10.69 31.83
C LYS A 8 -20.03 9.40 32.18
N ASN A 9 -19.98 9.03 33.46
CA ASN A 9 -20.87 8.00 33.99
C ASN A 9 -22.09 8.68 34.59
N TRP A 10 -23.29 8.31 34.14
CA TRP A 10 -24.48 9.03 34.57
C TRP A 10 -25.05 8.53 35.88
N GLU A 11 -24.51 7.43 36.42
CA GLU A 11 -24.86 6.96 37.75
C GLU A 11 -24.03 7.68 38.80
N THR A 12 -22.71 7.71 38.63
CA THR A 12 -21.78 8.23 39.63
C THR A 12 -21.35 9.67 39.37
N GLU A 13 -21.57 10.17 38.16
CA GLU A 13 -21.11 11.49 37.70
C GLU A 13 -19.60 11.58 37.58
N VAL A 14 -18.88 10.45 37.65
CA VAL A 14 -17.46 10.46 37.35
C VAL A 14 -17.25 10.86 35.89
N VAL A 15 -16.32 11.78 35.67
CA VAL A 15 -15.95 12.25 34.34
C VAL A 15 -14.50 11.87 34.09
N LEU A 16 -14.22 11.27 32.94
CA LEU A 16 -12.88 10.91 32.54
C LEU A 16 -12.52 11.68 31.28
N THR A 17 -11.22 11.90 31.08
CA THR A 17 -10.74 12.79 30.02
C THR A 17 -9.80 12.00 29.12
N ASP A 18 -10.16 11.86 27.85
CA ASP A 18 -9.45 10.98 26.92
C ASP A 18 -8.49 11.79 26.07
N THR A 19 -7.20 11.48 26.16
CA THR A 19 -6.20 11.95 25.21
C THR A 19 -5.60 10.81 24.38
N LEU A 20 -5.76 9.56 24.81
CA LEU A 20 -5.16 8.43 24.09
C LEU A 20 -5.70 8.33 22.67
N HIS A 21 -6.92 8.80 22.41
CA HIS A 21 -7.50 8.70 21.08
C HIS A 21 -6.70 9.47 20.04
N LEU A 22 -5.83 10.40 20.47
CA LEU A 22 -5.01 11.14 19.52
C LEU A 22 -4.03 10.24 18.79
N LYS A 23 -3.73 9.06 19.35
CA LYS A 23 -2.85 8.08 18.72
C LYS A 23 -3.60 7.08 17.85
N SER A 24 -4.88 7.29 17.60
CA SER A 24 -5.63 6.31 16.82
C SER A 24 -5.20 6.35 15.36
N THR A 25 -5.12 5.18 14.75
CA THR A 25 -4.50 5.04 13.44
C THR A 25 -5.51 4.92 12.29
N LEU A 26 -6.52 4.07 12.43
CA LEU A 26 -7.38 3.76 11.28
C LEU A 26 -8.84 4.13 11.54
N GLU A 27 -9.59 4.18 10.44
CA GLU A 27 -10.94 4.72 10.44
C GLU A 27 -11.91 3.83 11.20
N THR A 28 -12.86 4.46 11.90
CA THR A 28 -13.89 3.71 12.60
C THR A 28 -15.01 3.30 11.68
N GLY A 29 -15.14 3.95 10.54
CA GLY A 29 -16.31 3.85 9.72
C GLY A 29 -17.27 5.00 9.88
N CYS A 30 -17.26 5.67 11.03
CA CYS A 30 -18.15 6.82 11.23
C CYS A 30 -17.63 8.05 10.50
N THR A 31 -18.51 9.05 10.37
CA THR A 31 -18.13 10.37 9.94
C THR A 31 -18.87 11.40 10.79
N GLU A 32 -18.56 12.67 10.54
CA GLU A 32 -19.35 13.84 10.92
C GLU A 32 -20.86 13.64 10.79
N TYR A 33 -21.29 12.94 9.74
CA TYR A 33 -22.70 12.86 9.39
C TYR A 33 -23.35 11.52 9.65
N ILE A 34 -22.58 10.46 9.86
CA ILE A 34 -23.19 9.14 10.00
C ILE A 34 -22.39 8.33 11.01
N CYS A 35 -23.08 7.69 11.94
CA CYS A 35 -22.45 6.84 12.94
C CYS A 35 -22.71 5.37 12.61
N MET A 36 -21.63 4.60 12.51
CA MET A 36 -21.73 3.18 12.17
C MET A 36 -21.47 2.29 13.38
N GLY A 37 -21.69 2.83 14.57
CA GLY A 37 -21.37 2.15 15.81
C GLY A 37 -22.04 0.79 16.03
N SER A 38 -23.16 0.52 15.36
CA SER A 38 -23.78 -0.80 15.48
C SER A 38 -23.55 -1.69 14.26
N ILE A 39 -22.65 -1.30 13.36
CA ILE A 39 -22.29 -2.16 12.23
C ILE A 39 -21.24 -3.18 12.68
N MET A 40 -21.49 -4.45 12.40
CA MET A 40 -20.55 -5.50 12.80
C MET A 40 -19.14 -5.25 12.24
N HIS A 41 -19.03 -4.92 10.95
CA HIS A 41 -17.75 -4.71 10.25
C HIS A 41 -17.78 -3.35 9.56
N PRO A 42 -17.64 -2.26 10.32
CA PRO A 42 -17.89 -0.93 9.73
C PRO A 42 -16.85 -0.48 8.73
N SER A 43 -15.63 -1.05 8.74
CA SER A 43 -14.54 -0.45 7.98
C SER A 43 -13.65 -1.52 7.36
N GLN A 44 -13.16 -1.24 6.15
CA GLN A 44 -12.12 -2.06 5.53
C GLN A 44 -10.75 -1.40 5.57
N HIS A 45 -10.61 -0.28 6.28
CA HIS A 45 -9.34 0.43 6.40
C HIS A 45 -8.30 -0.47 7.06
N ALA A 46 -7.31 -0.91 6.29
CA ALA A 46 -6.22 -1.73 6.78
C ALA A 46 -4.90 -0.99 6.60
N ARG A 47 -3.89 -1.42 7.35
CA ARG A 47 -2.65 -0.65 7.43
C ARG A 47 -1.66 -0.97 6.31
N ARG A 48 -1.81 -2.09 5.63
CA ARG A 48 -1.00 -2.38 4.45
C ARG A 48 -1.84 -3.13 3.43
N PRO A 49 -1.58 -2.95 2.12
CA PRO A 49 -2.41 -3.58 1.09
C PRO A 49 -2.53 -5.10 1.17
N GLU A 50 -3.30 -5.67 0.23
CA GLU A 50 -3.86 -7.01 0.40
C GLU A 50 -2.82 -8.12 0.47
N ASP A 51 -1.60 -7.89 -0.03
CA ASP A 51 -0.56 -8.90 0.13
C ASP A 51 0.79 -8.19 0.24
N VAL A 52 1.87 -8.90 -0.11
CA VAL A 52 3.24 -8.51 0.22
C VAL A 52 3.54 -7.08 -0.19
N ALA A 53 3.71 -6.23 0.83
CA ALA A 53 3.92 -4.81 0.61
C ALA A 53 5.30 -4.53 0.03
N THR A 54 5.44 -3.34 -0.55
CA THR A 54 6.74 -2.81 -0.87
C THR A 54 7.41 -2.27 0.39
N LYS A 55 8.70 -1.94 0.27
CA LYS A 55 9.43 -1.42 1.42
C LYS A 55 8.75 -0.18 2.00
N ASP A 56 8.40 0.78 1.14
CA ASP A 56 7.78 2.03 1.59
C ASP A 56 6.43 1.79 2.25
N GLN A 57 5.83 0.62 2.08
CA GLN A 57 4.57 0.32 2.76
C GLN A 57 4.79 -0.38 4.09
N LEU A 58 5.77 -1.29 4.17
CA LEU A 58 5.94 -2.06 5.40
C LEU A 58 6.79 -1.32 6.43
N PHE A 59 7.94 -0.79 5.99
CA PHE A 59 8.86 -0.20 6.97
C PHE A 59 8.23 0.86 7.85
N PRO A 60 7.42 1.81 7.35
CA PRO A 60 6.83 2.81 8.25
C PRO A 60 6.01 2.19 9.36
N LEU A 61 5.25 1.14 9.08
CA LEU A 61 4.47 0.47 10.11
C LEU A 61 5.39 -0.24 11.11
N ALA A 62 6.48 -0.85 10.62
CA ALA A 62 7.43 -1.50 11.51
C ALA A 62 8.08 -0.49 12.43
N LYS A 63 8.57 0.62 11.86
CA LYS A 63 9.18 1.68 12.66
C LYS A 63 8.22 2.17 13.73
N GLU A 64 6.95 2.38 13.38
CA GLU A 64 5.97 2.85 14.37
C GLU A 64 5.84 1.89 15.54
N PHE A 65 5.78 0.58 15.26
CA PHE A 65 5.65 -0.39 16.35
C PHE A 65 6.93 -0.48 17.16
N ILE A 66 8.09 -0.54 16.48
CA ILE A 66 9.34 -0.64 17.23
C ILE A 66 9.53 0.61 18.08
N ASP A 67 9.20 1.78 17.51
CA ASP A 67 9.22 3.04 18.26
C ASP A 67 8.35 2.94 19.50
N GLN A 68 7.13 2.44 19.35
CA GLN A 68 6.21 2.29 20.47
C GLN A 68 6.74 1.30 21.51
N TYR A 69 7.29 0.18 21.05
CA TYR A 69 7.84 -0.79 22.01
C TYR A 69 9.02 -0.20 22.79
N TYR A 70 9.94 0.48 22.09
CA TYR A 70 11.10 1.02 22.81
C TYR A 70 10.73 2.21 23.68
N SER A 71 9.71 2.98 23.30
CA SER A 71 9.16 3.96 24.23
C SER A 71 8.56 3.27 25.45
N SER A 72 7.80 2.19 25.23
CA SER A 72 7.13 1.53 26.34
C SER A 72 8.09 1.10 27.43
N ILE A 73 9.35 0.77 27.08
CA ILE A 73 10.32 0.33 28.08
C ILE A 73 11.33 1.43 28.42
N LYS A 74 10.97 2.69 28.21
CA LYS A 74 11.77 3.83 28.68
C LYS A 74 13.14 3.87 28.01
N ARG A 75 13.18 3.54 26.72
CA ARG A 75 14.35 3.82 25.91
C ARG A 75 13.96 4.90 24.92
N PHE A 76 13.66 4.56 23.66
CA PHE A 76 13.58 5.50 22.55
C PHE A 76 14.92 6.20 22.35
N GLY A 77 15.51 5.99 21.17
CA GLY A 77 16.79 6.56 20.83
C GLY A 77 18.00 5.82 21.38
N SER A 78 17.78 4.81 22.23
CA SER A 78 18.88 4.07 22.82
C SER A 78 19.64 3.31 21.74
N LYS A 79 20.78 2.75 22.14
CA LYS A 79 21.58 1.97 21.21
C LYS A 79 20.75 0.86 20.58
N ALA A 80 20.05 0.07 21.40
CA ALA A 80 19.32 -1.09 20.88
C ALA A 80 18.15 -0.68 19.99
N HIS A 81 17.51 0.45 20.28
CA HIS A 81 16.42 0.94 19.43
C HIS A 81 16.93 1.26 18.02
N MET A 82 18.04 2.01 17.94
CA MET A 82 18.56 2.39 16.64
C MET A 82 19.08 1.19 15.87
N GLU A 83 19.71 0.25 16.57
CA GLU A 83 20.15 -0.98 15.92
C GLU A 83 18.97 -1.79 15.42
N ARG A 84 17.90 -1.88 16.22
CA ARG A 84 16.75 -2.66 15.82
C ARG A 84 16.14 -2.09 14.55
N LEU A 85 15.99 -0.77 14.49
CA LEU A 85 15.55 -0.09 13.27
C LEU A 85 16.39 -0.51 12.07
N GLU A 86 17.72 -0.40 12.19
CA GLU A 86 18.57 -0.77 11.06
C GLU A 86 18.48 -2.25 10.75
N GLU A 87 18.26 -3.09 11.78
CA GLU A 87 18.11 -4.51 11.54
C GLU A 87 16.79 -4.83 10.83
N VAL A 88 15.71 -4.19 11.26
CA VAL A 88 14.45 -4.32 10.53
C VAL A 88 14.62 -3.83 9.10
N ASN A 89 15.37 -2.74 8.93
CA ASN A 89 15.58 -2.17 7.59
C ASN A 89 16.25 -3.18 6.67
N LYS A 90 17.30 -3.85 7.15
CA LYS A 90 18.00 -4.82 6.31
C LYS A 90 17.13 -6.03 6.02
N GLU A 91 16.42 -6.50 7.05
CA GLU A 91 15.56 -7.68 6.91
C GLU A 91 14.48 -7.46 5.85
N ILE A 92 13.88 -6.27 5.82
CA ILE A 92 12.89 -5.98 4.80
C ILE A 92 13.56 -5.92 3.43
N ASP A 93 14.70 -5.22 3.34
CA ASP A 93 15.46 -5.15 2.09
C ASP A 93 15.73 -6.51 1.48
N THR A 94 15.98 -7.51 2.31
CA THR A 94 16.48 -8.79 1.82
C THR A 94 15.47 -9.92 1.88
N THR A 95 14.31 -9.72 2.52
CA THR A 95 13.27 -10.74 2.58
C THR A 95 11.86 -10.21 2.31
N SER A 96 11.67 -8.90 2.19
CA SER A 96 10.38 -8.25 2.04
C SER A 96 9.52 -8.31 3.31
N THR A 97 10.07 -8.79 4.42
CA THR A 97 9.37 -8.81 5.69
C THR A 97 10.41 -8.68 6.80
N TYR A 98 9.99 -8.88 8.05
CA TYR A 98 10.94 -8.95 9.16
C TYR A 98 10.35 -9.84 10.25
N GLN A 99 11.19 -10.22 11.21
CA GLN A 99 10.81 -11.15 12.26
C GLN A 99 10.87 -10.45 13.61
N LEU A 100 9.83 -10.61 14.41
CA LEU A 100 9.76 -10.00 15.73
C LEU A 100 10.61 -10.74 16.74
N LYS A 101 11.28 -9.99 17.62
CA LYS A 101 11.89 -10.56 18.82
C LYS A 101 10.84 -11.13 19.77
N ASP A 102 11.25 -12.13 20.56
CA ASP A 102 10.37 -12.72 21.57
C ASP A 102 9.69 -11.67 22.44
N THR A 103 10.46 -10.70 22.95
CA THR A 103 9.88 -9.65 23.79
C THR A 103 8.87 -8.81 23.01
N GLU A 104 9.23 -8.44 21.78
CA GLU A 104 8.31 -7.68 20.95
C GLU A 104 7.04 -8.47 20.68
N LEU A 105 7.18 -9.77 20.39
CA LEU A 105 6.00 -10.60 20.15
C LEU A 105 5.07 -10.61 21.35
N ILE A 106 5.64 -10.72 22.55
CA ILE A 106 4.82 -10.79 23.75
C ILE A 106 4.14 -9.44 24.00
N TYR A 107 4.91 -8.35 23.90
CA TYR A 107 4.37 -7.01 24.02
C TYR A 107 3.22 -6.78 23.04
N GLY A 108 3.42 -7.21 21.80
CA GLY A 108 2.40 -7.01 20.79
C GLY A 108 1.11 -7.76 21.07
N ALA A 109 1.23 -9.03 21.46
CA ALA A 109 0.04 -9.82 21.76
C ALA A 109 -0.73 -9.22 22.94
N LYS A 110 -0.03 -8.82 24.00
CA LYS A 110 -0.73 -8.27 25.15
C LYS A 110 -1.42 -6.96 24.83
N HIS A 111 -0.82 -6.16 23.95
CA HIS A 111 -1.39 -4.86 23.64
C HIS A 111 -2.54 -4.98 22.64
N ALA A 112 -2.53 -6.01 21.81
CA ALA A 112 -3.71 -6.31 20.99
C ALA A 112 -4.92 -6.59 21.88
N TRP A 113 -4.72 -7.40 22.93
CA TRP A 113 -5.81 -7.64 23.87
C TRP A 113 -6.18 -6.35 24.60
N ARG A 114 -5.19 -5.57 25.01
CA ARG A 114 -5.45 -4.32 25.73
C ARG A 114 -6.26 -3.35 24.87
N ASN A 115 -6.07 -3.39 23.56
CA ASN A 115 -6.71 -2.47 22.63
C ASN A 115 -8.02 -2.99 22.09
N ALA A 116 -8.47 -4.18 22.50
CA ALA A 116 -9.67 -4.81 21.93
C ALA A 116 -10.91 -4.15 22.52
N SER A 117 -11.45 -3.18 21.80
CA SER A 117 -12.50 -2.35 22.40
CA SER A 117 -12.53 -2.33 22.32
C SER A 117 -13.78 -3.13 22.67
N ARG A 118 -13.98 -4.28 22.03
CA ARG A 118 -15.18 -5.08 22.25
C ARG A 118 -15.09 -6.02 23.45
N CYS A 119 -13.95 -6.06 24.17
CA CYS A 119 -13.71 -7.08 25.17
C CYS A 119 -13.90 -6.51 26.58
N VAL A 120 -14.86 -7.07 27.31
CA VAL A 120 -15.13 -6.64 28.68
C VAL A 120 -14.16 -7.25 29.67
N GLY A 121 -13.33 -8.19 29.23
CA GLY A 121 -12.44 -8.89 30.14
C GLY A 121 -11.06 -8.32 30.27
N ARG A 122 -10.81 -7.10 29.77
CA ARG A 122 -9.45 -6.62 29.61
C ARG A 122 -8.75 -6.18 30.90
N ILE A 123 -9.40 -6.23 32.06
CA ILE A 123 -8.62 -5.93 33.27
C ILE A 123 -7.46 -6.91 33.43
N GLN A 124 -7.57 -8.08 32.82
CA GLN A 124 -6.58 -9.16 32.87
C GLN A 124 -5.50 -9.07 31.79
N TRP A 125 -5.47 -7.99 31.01
CA TRP A 125 -4.73 -7.96 29.74
C TRP A 125 -3.24 -8.26 29.89
N SER A 126 -2.62 -7.85 30.99
CA SER A 126 -1.18 -8.07 31.09
C SER A 126 -0.82 -9.46 31.61
N LYS A 127 -1.80 -10.26 32.01
CA LYS A 127 -1.57 -11.63 32.47
C LYS A 127 -2.02 -12.58 31.37
N LEU A 128 -1.20 -12.67 30.33
CA LEU A 128 -1.50 -13.47 29.15
C LEU A 128 -0.27 -14.33 28.88
N GLN A 129 -0.46 -15.64 28.78
CA GLN A 129 0.62 -16.55 28.46
C GLN A 129 0.74 -16.65 26.95
N VAL A 130 1.94 -16.40 26.42
CA VAL A 130 2.15 -16.35 24.97
C VAL A 130 3.02 -17.54 24.57
N PHE A 131 2.48 -18.42 23.71
CA PHE A 131 3.23 -19.54 23.15
C PHE A 131 3.65 -19.18 21.73
N ASP A 132 4.96 -19.08 21.52
CA ASP A 132 5.58 -18.80 20.24
C ASP A 132 5.59 -20.08 19.41
N ALA A 133 4.72 -20.15 18.40
CA ALA A 133 4.65 -21.31 17.52
C ALA A 133 5.14 -20.98 16.11
N ARG A 134 6.04 -20.01 15.98
CA ARG A 134 6.50 -19.57 14.68
C ARG A 134 7.49 -20.53 14.02
N ASP A 135 7.88 -21.60 14.68
CA ASP A 135 8.74 -22.60 14.04
C ASP A 135 7.92 -23.72 13.39
N CYS A 136 6.60 -23.62 13.44
CA CYS A 136 5.72 -24.68 12.99
C CYS A 136 5.71 -24.75 11.45
N THR A 137 5.62 -25.97 10.90
CA THR A 137 5.62 -26.13 9.45
C THR A 137 4.50 -26.99 8.91
N THR A 138 3.79 -27.77 9.73
CA THR A 138 2.77 -28.66 9.20
C THR A 138 1.54 -28.60 10.08
N ALA A 139 0.43 -29.11 9.52
CA ALA A 139 -0.82 -29.20 10.27
C ALA A 139 -0.68 -30.13 11.47
N HIS A 140 0.17 -31.17 11.37
CA HIS A 140 0.42 -32.02 12.53
C HIS A 140 1.06 -31.22 13.66
N GLY A 141 2.05 -30.38 13.34
CA GLY A 141 2.64 -29.52 14.35
C GLY A 141 1.65 -28.50 14.89
N MET A 142 0.73 -28.02 14.04
CA MET A 142 -0.29 -27.08 14.53
C MET A 142 -1.18 -27.76 15.56
N PHE A 143 -1.52 -29.04 15.30
CA PHE A 143 -2.35 -29.81 16.22
C PHE A 143 -1.66 -29.98 17.56
N ASN A 144 -0.35 -30.29 17.54
CA ASN A 144 0.41 -30.44 18.78
C ASN A 144 0.43 -29.13 19.57
N TYR A 145 0.68 -28.01 18.90
CA TYR A 145 0.66 -26.71 19.58
C TYR A 145 -0.71 -26.40 20.17
N ILE A 146 -1.78 -26.76 19.46
CA ILE A 146 -3.12 -26.41 19.94
C ILE A 146 -3.50 -27.29 21.12
N CYS A 147 -3.13 -28.57 21.08
CA CYS A 147 -3.37 -29.47 22.21
C CYS A 147 -2.67 -28.99 23.47
N ASN A 148 -1.41 -28.56 23.34
CA ASN A 148 -0.69 -28.04 24.50
C ASN A 148 -1.34 -26.76 25.02
N HIS A 149 -1.79 -25.90 24.12
CA HIS A 149 -2.51 -24.68 24.52
C HIS A 149 -3.74 -25.03 25.34
N VAL A 150 -4.60 -25.91 24.79
CA VAL A 150 -5.83 -26.31 25.46
C VAL A 150 -5.52 -26.91 26.83
N LYS A 151 -4.46 -27.71 26.94
CA LYS A 151 -4.17 -28.34 28.22
C LYS A 151 -3.68 -27.30 29.24
N TYR A 152 -2.79 -26.41 28.82
CA TYR A 152 -2.29 -25.35 29.69
C TYR A 152 -3.42 -24.42 30.12
N ALA A 153 -4.23 -23.97 29.16
CA ALA A 153 -5.29 -23.00 29.42
C ALA A 153 -6.39 -23.56 30.30
N THR A 154 -6.72 -24.85 30.14
CA THR A 154 -7.79 -25.45 30.92
C THR A 154 -7.36 -25.66 32.36
N ASN A 155 -6.15 -26.22 32.58
CA ASN A 155 -5.55 -26.28 33.93
C ASN A 155 -6.53 -26.92 34.92
N LYS A 156 -7.15 -28.01 34.50
CA LYS A 156 -8.12 -28.76 35.31
C LYS A 156 -9.24 -27.88 35.86
N GLY A 157 -9.62 -26.83 35.13
CA GLY A 157 -10.73 -25.97 35.53
C GLY A 157 -10.32 -24.61 36.05
N ASN A 158 -9.09 -24.47 36.52
CA ASN A 158 -8.56 -23.17 36.95
C ASN A 158 -8.00 -22.46 35.71
N LEU A 159 -8.90 -21.89 34.91
CA LEU A 159 -8.54 -21.52 33.54
C LEU A 159 -7.51 -20.39 33.51
N ARG A 160 -6.68 -20.41 32.47
CA ARG A 160 -5.58 -19.46 32.29
C ARG A 160 -5.65 -18.89 30.88
N SER A 161 -5.54 -17.57 30.76
CA SER A 161 -5.57 -16.95 29.43
CA SER A 161 -5.58 -16.96 29.44
C SER A 161 -4.29 -17.26 28.67
N ALA A 162 -4.44 -17.54 27.37
CA ALA A 162 -3.28 -17.89 26.56
C ALA A 162 -3.56 -17.60 25.09
N ILE A 163 -2.47 -17.40 24.37
CA ILE A 163 -2.49 -17.24 22.92
C ILE A 163 -1.33 -18.05 22.36
N THR A 164 -1.57 -18.73 21.24
CA THR A 164 -0.55 -19.46 20.51
C THR A 164 -0.41 -18.85 19.12
N ILE A 165 0.81 -18.47 18.74
CA ILE A 165 1.02 -17.62 17.56
C ILE A 165 1.84 -18.40 16.52
N PHE A 166 1.20 -18.68 15.37
CA PHE A 166 1.79 -19.44 14.27
C PHE A 166 2.47 -18.51 13.28
N PRO A 167 3.22 -19.04 12.31
CA PRO A 167 3.99 -18.17 11.42
C PRO A 167 3.16 -17.09 10.75
N GLN A 168 3.72 -15.89 10.66
CA GLN A 168 3.02 -14.77 10.05
C GLN A 168 2.81 -15.02 8.55
N ARG A 169 1.90 -14.23 7.99
CA ARG A 169 1.66 -14.27 6.55
C ARG A 169 2.88 -13.79 5.78
N THR A 170 3.12 -14.40 4.62
CA THR A 170 4.20 -13.97 3.75
C THR A 170 3.65 -13.34 2.48
N ASP A 171 3.28 -14.16 1.51
CA ASP A 171 2.71 -13.67 0.26
C ASP A 171 1.20 -13.84 0.16
N GLY A 172 0.57 -14.49 1.14
CA GLY A 172 -0.85 -14.69 1.11
C GLY A 172 -1.30 -16.00 0.49
N LYS A 173 -0.39 -16.72 -0.15
CA LYS A 173 -0.66 -18.06 -0.65
C LYS A 173 -0.18 -19.13 0.31
N HIS A 174 0.46 -18.74 1.40
CA HIS A 174 1.06 -19.68 2.35
C HIS A 174 0.58 -19.39 3.76
N ASP A 175 -0.71 -19.07 3.88
CA ASP A 175 -1.26 -18.73 5.19
C ASP A 175 -1.35 -19.97 6.06
N PHE A 176 -1.07 -19.78 7.35
CA PHE A 176 -1.51 -20.70 8.39
C PHE A 176 -2.91 -20.28 8.83
N ARG A 177 -3.85 -21.23 8.89
CA ARG A 177 -5.20 -20.92 9.35
C ARG A 177 -5.75 -22.06 10.21
N VAL A 178 -6.43 -21.69 11.28
CA VAL A 178 -7.36 -22.59 11.96
C VAL A 178 -8.73 -22.32 11.35
N TRP A 179 -9.29 -23.31 10.65
CA TRP A 179 -10.56 -23.06 9.98
C TRP A 179 -11.73 -23.00 10.96
N ASN A 180 -11.61 -23.67 12.11
CA ASN A 180 -12.61 -23.54 13.16
C ASN A 180 -12.70 -22.09 13.61
N SER A 181 -13.91 -21.65 13.96
CA SER A 181 -14.03 -20.30 14.51
C SER A 181 -13.64 -20.25 15.98
N GLN A 182 -13.90 -21.32 16.73
CA GLN A 182 -13.31 -21.54 18.05
C GLN A 182 -12.73 -22.94 18.10
N LEU A 183 -11.71 -23.12 18.95
CA LEU A 183 -11.04 -24.41 19.07
C LEU A 183 -12.02 -25.52 19.45
N ILE A 184 -13.02 -25.20 20.28
CA ILE A 184 -13.99 -26.18 20.77
C ILE A 184 -15.39 -25.61 20.52
N ARG A 185 -16.16 -26.30 19.68
CA ARG A 185 -17.55 -25.99 19.40
C ARG A 185 -18.27 -27.29 19.07
N TYR A 186 -19.59 -27.26 19.18
CA TYR A 186 -20.39 -28.44 18.90
C TYR A 186 -20.90 -28.41 17.46
N ALA A 187 -21.06 -29.59 16.88
CA ALA A 187 -21.55 -29.71 15.51
C ALA A 187 -23.01 -29.30 15.39
N GLY A 188 -23.41 -28.92 14.18
CA GLY A 188 -24.79 -28.68 13.86
C GLY A 188 -25.19 -29.44 12.60
N TYR A 189 -26.33 -30.11 12.63
CA TYR A 189 -26.72 -31.02 11.56
C TYR A 189 -28.05 -30.58 10.97
N LYS A 190 -28.08 -30.40 9.65
CA LYS A 190 -29.33 -30.17 8.94
C LYS A 190 -30.13 -31.48 8.90
N GLN A 191 -31.39 -31.40 9.32
CA GLN A 191 -32.24 -32.57 9.51
C GLN A 191 -33.16 -32.79 8.31
N PRO A 192 -33.76 -33.99 8.20
CA PRO A 192 -34.61 -34.26 7.02
C PRO A 192 -35.77 -33.28 6.87
N ASP A 193 -36.56 -33.07 7.93
CA ASP A 193 -37.70 -32.16 7.82
C ASP A 193 -37.27 -30.74 7.49
N GLY A 194 -36.08 -30.33 7.94
CA GLY A 194 -35.62 -28.96 7.77
C GLY A 194 -35.26 -28.27 9.08
N SER A 195 -35.45 -28.90 10.23
CA SER A 195 -34.97 -28.35 11.49
C SER A 195 -33.47 -28.60 11.59
N THR A 196 -32.88 -28.31 12.75
CA THR A 196 -31.45 -28.43 12.91
C THR A 196 -31.16 -29.15 14.21
N LEU A 197 -30.24 -30.13 14.16
CA LEU A 197 -29.76 -30.85 15.34
C LEU A 197 -28.41 -30.29 15.76
N GLY A 198 -28.29 -29.95 17.05
CA GLY A 198 -27.03 -29.45 17.58
C GLY A 198 -26.97 -27.92 17.56
N ASP A 199 -25.82 -27.37 17.14
CA ASP A 199 -25.60 -25.93 17.15
C ASP A 199 -25.80 -25.37 15.74
N PRO A 200 -26.86 -24.59 15.49
CA PRO A 200 -27.15 -24.15 14.11
C PRO A 200 -26.11 -23.23 13.51
N ALA A 201 -25.35 -22.49 14.34
CA ALA A 201 -24.29 -21.64 13.80
C ALA A 201 -23.26 -22.44 13.02
N ASN A 202 -23.04 -23.68 13.41
CA ASN A 202 -21.93 -24.46 12.89
C ASN A 202 -22.34 -25.41 11.79
N VAL A 203 -23.54 -25.24 11.22
CA VAL A 203 -24.02 -26.18 10.21
C VAL A 203 -23.06 -26.23 9.03
N GLN A 204 -22.65 -25.07 8.51
CA GLN A 204 -21.81 -25.07 7.32
C GLN A 204 -20.44 -25.66 7.62
N PHE A 205 -19.82 -25.21 8.72
CA PHE A 205 -18.53 -25.77 9.08
C PHE A 205 -18.64 -27.27 9.33
N THR A 206 -19.69 -27.71 10.04
CA THR A 206 -19.95 -29.13 10.21
C THR A 206 -20.00 -29.85 8.87
N GLU A 207 -20.64 -29.25 7.87
CA GLU A 207 -20.75 -29.92 6.58
C GLU A 207 -19.41 -29.98 5.86
N ILE A 208 -18.57 -28.94 6.05
CA ILE A 208 -17.23 -29.00 5.47
C ILE A 208 -16.44 -30.14 6.10
N CYS A 209 -16.55 -30.30 7.43
CA CYS A 209 -15.87 -31.41 8.10
C CYS A 209 -16.36 -32.76 7.57
N ILE A 210 -17.68 -32.92 7.45
CA ILE A 210 -18.22 -34.16 6.89
C ILE A 210 -17.71 -34.34 5.47
N GLN A 211 -17.78 -33.28 4.67
CA GLN A 211 -17.30 -33.30 3.29
C GLN A 211 -15.79 -33.48 3.22
N GLN A 212 -15.08 -33.45 4.35
CA GLN A 212 -13.66 -33.72 4.38
C GLN A 212 -13.35 -35.10 4.94
N GLY A 213 -14.36 -35.89 5.29
CA GLY A 213 -14.14 -37.25 5.75
C GLY A 213 -14.45 -37.48 7.21
N TRP A 214 -14.82 -36.46 7.95
CA TRP A 214 -15.24 -36.64 9.33
C TRP A 214 -16.51 -37.47 9.39
N LYS A 215 -16.50 -38.51 10.23
CA LYS A 215 -17.68 -39.33 10.48
C LYS A 215 -18.42 -38.73 11.66
N PRO A 216 -19.55 -38.05 11.43
CA PRO A 216 -20.26 -37.42 12.52
C PRO A 216 -21.01 -38.44 13.35
N PRO A 217 -20.88 -38.38 14.68
CA PRO A 217 -21.73 -39.23 15.53
C PRO A 217 -23.20 -38.79 15.55
N ARG A 218 -23.50 -37.60 15.02
CA ARG A 218 -24.87 -37.12 14.87
C ARG A 218 -25.62 -37.09 16.20
N GLY A 219 -24.98 -36.47 17.20
CA GLY A 219 -25.62 -36.12 18.45
C GLY A 219 -25.89 -34.63 18.56
N ARG A 220 -26.30 -34.22 19.77
CA ARG A 220 -26.58 -32.81 20.00
C ARG A 220 -25.38 -32.04 20.52
N PHE A 221 -24.38 -32.71 21.10
CA PHE A 221 -23.17 -32.08 21.64
C PHE A 221 -21.91 -32.82 21.15
N ASP A 222 -21.74 -32.85 19.82
CA ASP A 222 -20.57 -33.48 19.20
C ASP A 222 -19.47 -32.43 19.08
N VAL A 223 -18.37 -32.63 19.79
CA VAL A 223 -17.24 -31.73 19.64
C VAL A 223 -16.70 -31.86 18.23
N LEU A 224 -16.62 -30.75 17.51
CA LEU A 224 -16.13 -30.76 16.15
C LEU A 224 -14.63 -31.09 16.11
N PRO A 225 -14.15 -31.64 15.00
CA PRO A 225 -12.71 -31.84 14.84
C PRO A 225 -12.02 -30.52 14.54
N LEU A 226 -10.72 -30.51 14.72
CA LEU A 226 -9.93 -29.37 14.27
C LEU A 226 -9.65 -29.52 12.78
N LEU A 227 -9.76 -28.40 12.05
CA LEU A 227 -9.49 -28.34 10.60
C LEU A 227 -8.38 -27.32 10.41
N LEU A 228 -7.15 -27.81 10.24
CA LEU A 228 -5.95 -26.99 10.37
C LEU A 228 -5.22 -26.87 9.04
N GLN A 229 -4.87 -25.65 8.67
CA GLN A 229 -4.13 -25.37 7.45
C GLN A 229 -2.79 -24.73 7.79
N ALA A 230 -1.72 -25.31 7.24
CA ALA A 230 -0.35 -24.87 7.47
C ALA A 230 0.30 -24.54 6.12
N ASN A 231 0.88 -23.34 6.02
CA ASN A 231 1.68 -22.95 4.87
C ASN A 231 0.89 -23.04 3.56
N GLY A 232 -0.40 -22.70 3.62
CA GLY A 232 -1.23 -22.64 2.44
C GLY A 232 -1.68 -23.97 1.87
N ASN A 233 -1.33 -25.09 2.50
CA ASN A 233 -1.75 -26.36 1.94
C ASN A 233 -3.21 -26.66 2.30
N ASP A 234 -3.75 -27.72 1.73
CA ASP A 234 -5.11 -28.12 2.06
C ASP A 234 -5.21 -28.43 3.56
N PRO A 235 -6.34 -28.14 4.19
CA PRO A 235 -6.49 -28.36 5.62
C PRO A 235 -6.68 -29.84 5.97
N GLU A 236 -6.32 -30.19 7.20
CA GLU A 236 -6.33 -31.57 7.68
C GLU A 236 -7.14 -31.68 8.97
N LEU A 237 -7.92 -32.76 9.10
CA LEU A 237 -8.77 -33.01 10.25
C LEU A 237 -8.02 -33.70 11.38
N PHE A 238 -8.29 -33.28 12.63
CA PHE A 238 -7.71 -33.86 13.83
C PHE A 238 -8.75 -33.91 14.94
N GLN A 239 -8.84 -35.02 15.65
CA GLN A 239 -9.76 -35.13 16.78
C GLN A 239 -9.04 -34.71 18.05
N ILE A 240 -9.51 -33.62 18.66
CA ILE A 240 -8.96 -33.24 19.97
C ILE A 240 -9.19 -34.38 20.94
N PRO A 241 -8.18 -34.85 21.67
CA PRO A 241 -8.41 -35.90 22.66
C PRO A 241 -9.46 -35.45 23.67
N PRO A 242 -10.50 -36.27 23.87
CA PRO A 242 -11.62 -35.82 24.71
C PRO A 242 -11.21 -35.46 26.12
N GLU A 243 -10.19 -36.13 26.67
CA GLU A 243 -9.76 -35.82 28.04
C GLU A 243 -9.20 -34.42 28.16
N LEU A 244 -8.89 -33.76 27.04
CA LEU A 244 -8.48 -32.37 27.07
C LEU A 244 -9.65 -31.41 26.98
N VAL A 245 -10.86 -31.88 26.67
CA VAL A 245 -12.01 -31.00 26.46
C VAL A 245 -12.87 -31.04 27.72
N LEU A 246 -12.72 -30.03 28.57
CA LEU A 246 -13.46 -29.99 29.82
C LEU A 246 -14.88 -29.50 29.57
N GLU A 247 -15.87 -30.25 30.07
CA GLU A 247 -17.28 -29.91 29.90
C GLU A 247 -17.99 -29.87 31.23
N VAL A 248 -19.08 -29.10 31.28
CA VAL A 248 -19.82 -28.87 32.50
C VAL A 248 -21.26 -29.29 32.26
N PRO A 249 -21.78 -30.31 32.95
CA PRO A 249 -23.22 -30.60 32.86
C PRO A 249 -24.02 -29.50 33.54
N ILE A 250 -25.07 -29.05 32.87
CA ILE A 250 -25.85 -27.92 33.38
C ILE A 250 -26.97 -28.46 34.26
N ARG A 251 -26.95 -28.07 35.54
CA ARG A 251 -28.04 -28.33 36.47
C ARG A 251 -28.43 -27.01 37.13
N HIS A 252 -29.58 -27.04 37.81
CA HIS A 252 -30.17 -25.87 38.45
C HIS A 252 -30.27 -26.10 39.95
N PRO A 253 -30.00 -25.08 40.76
CA PRO A 253 -30.01 -25.28 42.22
C PRO A 253 -31.39 -25.50 42.80
N LYS A 254 -32.46 -25.13 42.12
CA LYS A 254 -33.80 -25.32 42.65
C LYS A 254 -34.62 -26.32 41.85
N PHE A 255 -34.52 -26.27 40.53
CA PHE A 255 -35.32 -27.11 39.66
C PHE A 255 -34.56 -28.42 39.44
N GLU A 256 -34.99 -29.47 40.13
CA GLU A 256 -34.35 -30.76 39.94
C GLU A 256 -34.59 -31.32 38.55
N TRP A 257 -35.65 -30.87 37.85
CA TRP A 257 -35.89 -31.36 36.50
C TRP A 257 -34.91 -30.79 35.49
N PHE A 258 -34.16 -29.75 35.84
CA PHE A 258 -33.32 -29.07 34.85
C PHE A 258 -32.27 -30.02 34.29
N LYS A 259 -31.64 -30.83 35.15
CA LYS A 259 -30.57 -31.68 34.66
C LYS A 259 -31.06 -32.73 33.68
N ASP A 260 -32.35 -33.08 33.76
CA ASP A 260 -32.94 -34.02 32.80
C ASP A 260 -33.09 -33.41 31.41
N LEU A 261 -32.87 -32.11 31.25
CA LEU A 261 -32.80 -31.52 29.91
C LEU A 261 -31.59 -32.03 29.12
N GLY A 262 -30.64 -32.68 29.79
CA GLY A 262 -29.46 -33.23 29.13
C GLY A 262 -28.53 -32.22 28.51
N LEU A 263 -28.41 -31.04 29.11
CA LEU A 263 -27.56 -29.98 28.56
C LEU A 263 -26.17 -30.01 29.18
N LYS A 264 -25.18 -29.61 28.37
CA LYS A 264 -23.84 -29.37 28.86
C LYS A 264 -23.21 -28.28 28.01
N TRP A 265 -22.03 -27.82 28.44
CA TRP A 265 -21.26 -26.86 27.66
C TRP A 265 -19.80 -27.02 28.02
N TYR A 266 -18.94 -26.57 27.11
CA TYR A 266 -17.50 -26.70 27.33
C TYR A 266 -16.98 -25.53 28.15
N GLY A 267 -15.84 -25.73 28.78
CA GLY A 267 -15.35 -24.73 29.71
C GLY A 267 -14.48 -23.67 29.10
N LEU A 268 -13.89 -23.95 27.94
CA LEU A 268 -12.82 -23.12 27.39
C LEU A 268 -13.29 -22.34 26.17
N PRO A 269 -13.50 -21.01 26.26
CA PRO A 269 -13.76 -20.23 25.03
C PRO A 269 -12.45 -19.83 24.38
N ALA A 270 -12.24 -20.19 23.12
CA ALA A 270 -10.93 -20.02 22.49
C ALA A 270 -11.14 -19.59 21.04
N VAL A 271 -11.09 -18.27 20.80
CA VAL A 271 -11.32 -17.75 19.46
C VAL A 271 -10.13 -18.07 18.57
N SER A 272 -10.40 -18.62 17.38
CA SER A 272 -9.31 -19.09 16.52
C SER A 272 -9.39 -18.58 15.09
N ASN A 273 -10.35 -17.71 14.77
CA ASN A 273 -10.46 -17.25 13.39
C ASN A 273 -10.06 -15.80 13.17
N MET A 274 -9.45 -15.15 14.16
CA MET A 274 -9.10 -13.74 13.99
C MET A 274 -7.64 -13.57 13.59
N LEU A 275 -7.31 -12.36 13.17
CA LEU A 275 -5.98 -12.01 12.69
C LEU A 275 -5.31 -11.04 13.66
N LEU A 276 -4.06 -11.31 14.00
CA LEU A 276 -3.30 -10.50 14.95
C LEU A 276 -2.31 -9.66 14.15
N GLU A 277 -2.35 -8.34 14.35
CA GLU A 277 -1.58 -7.42 13.53
C GLU A 277 -0.62 -6.64 14.43
N ILE A 278 0.68 -6.75 14.15
CA ILE A 278 1.73 -6.13 14.94
C ILE A 278 2.75 -5.55 13.97
N GLY A 279 2.91 -4.23 13.99
CA GLY A 279 3.92 -3.58 13.18
C GLY A 279 3.88 -3.93 11.71
N GLY A 280 2.67 -4.04 11.15
CA GLY A 280 2.50 -4.41 9.76
C GLY A 280 2.59 -5.89 9.47
N LEU A 281 2.90 -6.72 10.48
CA LEU A 281 2.93 -8.17 10.33
C LEU A 281 1.55 -8.73 10.66
N GLU A 282 1.14 -9.77 9.93
CA GLU A 282 -0.19 -10.33 10.07
C GLU A 282 -0.10 -11.80 10.47
N PHE A 283 -0.51 -12.11 11.69
CA PHE A 283 -0.53 -13.49 12.16
C PHE A 283 -1.95 -14.02 11.98
N SER A 284 -2.15 -14.77 10.90
CA SER A 284 -3.47 -15.25 10.48
C SER A 284 -3.96 -16.45 11.27
N ALA A 285 -3.08 -17.08 12.05
CA ALA A 285 -3.45 -18.19 12.94
C ALA A 285 -2.91 -17.83 14.32
N CYS A 286 -3.81 -17.49 15.23
CA CYS A 286 -3.40 -17.00 16.53
C CYS A 286 -4.46 -17.31 17.59
N PRO A 287 -4.80 -18.58 17.78
CA PRO A 287 -5.92 -18.90 18.70
C PRO A 287 -5.65 -18.40 20.11
N PHE A 288 -6.65 -17.72 20.70
CA PHE A 288 -6.53 -17.20 22.07
C PHE A 288 -7.76 -17.59 22.90
N SER A 289 -7.55 -17.72 24.20
CA SER A 289 -8.56 -18.27 25.07
C SER A 289 -8.53 -17.54 26.39
N GLY A 290 -9.69 -17.46 27.03
CA GLY A 290 -9.73 -16.98 28.39
C GLY A 290 -10.69 -17.80 29.21
N TRP A 291 -11.75 -17.18 29.72
CA TRP A 291 -12.79 -17.91 30.41
C TRP A 291 -14.11 -17.17 30.17
N TYR A 292 -15.21 -17.87 30.37
CA TYR A 292 -16.52 -17.37 29.96
C TYR A 292 -17.07 -16.33 30.91
N MET A 293 -17.84 -15.40 30.35
CA MET A 293 -18.88 -14.71 31.10
C MET A 293 -20.17 -15.51 30.89
N GLY A 294 -20.88 -15.78 31.97
CA GLY A 294 -21.98 -16.73 31.92
C GLY A 294 -23.01 -16.45 30.84
N THR A 295 -23.27 -15.17 30.54
CA THR A 295 -24.28 -14.83 29.54
C THR A 295 -23.88 -15.27 28.15
N GLU A 296 -22.58 -15.43 27.87
CA GLU A 296 -22.15 -15.88 26.54
C GLU A 296 -22.73 -17.26 26.23
N ILE A 297 -22.78 -18.13 27.24
CA ILE A 297 -23.43 -19.42 27.11
C ILE A 297 -24.95 -19.30 27.22
N GLY A 298 -25.43 -18.81 28.37
CA GLY A 298 -26.84 -18.90 28.73
C GLY A 298 -27.77 -17.97 27.98
N VAL A 299 -27.25 -16.85 27.46
CA VAL A 299 -28.08 -15.93 26.69
C VAL A 299 -27.93 -16.18 25.19
N ARG A 300 -26.68 -16.10 24.69
CA ARG A 300 -26.46 -16.17 23.24
C ARG A 300 -26.42 -17.61 22.73
N ASP A 301 -25.61 -18.47 23.36
CA ASP A 301 -25.44 -19.83 22.85
C ASP A 301 -26.73 -20.65 23.00
N TYR A 302 -27.45 -20.47 24.10
CA TYR A 302 -28.63 -21.30 24.37
C TYR A 302 -29.93 -20.70 23.87
N CYS A 303 -30.02 -19.36 23.77
CA CYS A 303 -31.29 -18.69 23.60
C CYS A 303 -31.45 -17.86 22.34
N ASP A 304 -30.39 -17.64 21.56
CA ASP A 304 -30.58 -17.02 20.24
C ASP A 304 -31.50 -17.90 19.40
N ASN A 305 -32.30 -17.25 18.54
CA ASN A 305 -33.24 -18.00 17.71
C ASN A 305 -32.51 -18.91 16.73
N SER A 306 -31.48 -18.39 16.07
CA SER A 306 -30.66 -19.17 15.15
C SER A 306 -29.52 -19.91 15.85
N ARG A 307 -29.65 -20.14 17.16
CA ARG A 307 -28.71 -21.02 17.87
C ARG A 307 -29.47 -22.16 18.54
N TYR A 308 -29.19 -22.45 19.82
CA TYR A 308 -29.79 -23.63 20.43
C TYR A 308 -31.27 -23.45 20.73
N ASN A 309 -31.71 -22.22 20.99
CA ASN A 309 -33.14 -21.87 20.99
C ASN A 309 -33.95 -22.67 22.02
N ILE A 310 -33.39 -22.86 23.22
CA ILE A 310 -33.99 -23.79 24.19
C ILE A 310 -34.94 -23.11 25.18
N LEU A 311 -35.30 -21.84 24.89
CA LEU A 311 -36.22 -21.13 25.77
C LEU A 311 -37.56 -21.85 25.88
N GLU A 312 -38.07 -22.34 24.75
CA GLU A 312 -39.28 -23.15 24.71
C GLU A 312 -39.33 -24.20 25.80
N GLU A 313 -38.34 -25.11 25.82
CA GLU A 313 -38.39 -26.25 26.73
C GLU A 313 -38.37 -25.79 28.18
N VAL A 314 -37.42 -24.91 28.52
CA VAL A 314 -37.31 -24.44 29.89
C VAL A 314 -38.62 -23.82 30.34
N ALA A 315 -39.20 -22.97 29.49
CA ALA A 315 -40.45 -22.30 29.83
C ALA A 315 -41.57 -23.29 30.07
N LYS A 316 -41.68 -24.31 29.21
CA LYS A 316 -42.70 -25.35 29.40
C LYS A 316 -42.54 -26.01 30.76
N LYS A 317 -41.34 -26.53 31.04
CA LYS A 317 -41.11 -27.19 32.32
C LYS A 317 -41.41 -26.28 33.49
N MET A 318 -41.25 -24.95 33.31
CA MET A 318 -41.53 -24.00 34.37
C MET A 318 -43.01 -23.68 34.51
N ASN A 319 -43.85 -24.10 33.55
CA ASN A 319 -45.29 -23.87 33.58
C ASN A 319 -45.63 -22.38 33.50
N LEU A 320 -45.03 -21.70 32.53
CA LEU A 320 -45.30 -20.30 32.29
C LEU A 320 -46.31 -20.17 31.15
N ASP A 321 -46.99 -19.02 31.12
CA ASP A 321 -47.93 -18.74 30.04
C ASP A 321 -47.16 -18.30 28.81
N MET A 322 -47.19 -19.11 27.75
CA MET A 322 -46.54 -18.76 26.49
C MET A 322 -47.53 -18.30 25.42
N ARG A 323 -48.75 -17.92 25.82
CA ARG A 323 -49.73 -17.38 24.87
C ARG A 323 -49.26 -16.07 24.25
N LYS A 324 -48.72 -15.17 25.07
CA LYS A 324 -48.43 -13.80 24.64
C LYS A 324 -47.07 -13.36 25.17
N THR A 325 -46.50 -12.35 24.51
CA THR A 325 -45.18 -11.88 24.93
C THR A 325 -45.22 -11.20 26.28
N SER A 326 -46.33 -10.55 26.64
CA SER A 326 -46.38 -9.68 27.82
C SER A 326 -46.34 -10.46 29.13
N SER A 327 -46.43 -11.79 29.11
CA SER A 327 -46.15 -12.51 30.36
C SER A 327 -44.65 -12.55 30.66
N LEU A 328 -43.81 -12.13 29.71
CA LEU A 328 -42.36 -12.14 29.87
C LEU A 328 -41.83 -13.54 30.19
N TRP A 329 -42.46 -14.57 29.62
CA TRP A 329 -41.99 -15.94 29.85
C TRP A 329 -40.59 -16.15 29.30
N LYS A 330 -40.27 -15.53 28.17
CA LYS A 330 -38.91 -15.61 27.64
C LYS A 330 -37.91 -15.02 28.63
N ASP A 331 -38.24 -13.86 29.21
CA ASP A 331 -37.34 -13.19 30.14
C ASP A 331 -37.14 -14.01 31.40
N GLN A 332 -38.21 -14.67 31.85
CA GLN A 332 -38.20 -15.42 33.10
C GLN A 332 -37.39 -16.69 32.95
N ALA A 333 -37.58 -17.41 31.85
CA ALA A 333 -36.78 -18.59 31.60
C ALA A 333 -35.32 -18.23 31.35
N LEU A 334 -35.09 -17.09 30.66
CA LEU A 334 -33.71 -16.67 30.39
C LEU A 334 -32.93 -16.50 31.68
N VAL A 335 -33.55 -15.93 32.71
CA VAL A 335 -32.87 -15.75 33.99
C VAL A 335 -32.51 -17.11 34.60
N GLU A 336 -33.49 -18.03 34.64
CA GLU A 336 -33.25 -19.34 35.24
C GLU A 336 -32.09 -20.06 34.59
N ILE A 337 -32.00 -19.96 33.26
CA ILE A 337 -30.94 -20.67 32.54
C ILE A 337 -29.58 -20.11 32.94
N ASN A 338 -29.50 -18.78 33.04
CA ASN A 338 -28.23 -18.17 33.41
C ASN A 338 -27.88 -18.42 34.87
N ILE A 339 -28.89 -18.57 35.74
CA ILE A 339 -28.64 -19.05 37.09
C ILE A 339 -28.02 -20.45 37.04
N ALA A 340 -28.57 -21.33 36.21
CA ALA A 340 -28.12 -22.72 36.19
C ALA A 340 -26.69 -22.83 35.64
N VAL A 341 -26.39 -22.09 34.57
CA VAL A 341 -25.04 -22.12 34.00
C VAL A 341 -24.00 -21.72 35.05
N LEU A 342 -24.20 -20.57 35.69
CA LEU A 342 -23.27 -20.12 36.71
C LEU A 342 -23.16 -21.13 37.86
N TYR A 343 -24.29 -21.64 38.33
CA TYR A 343 -24.26 -22.61 39.43
C TYR A 343 -23.49 -23.86 39.04
N SER A 344 -23.60 -24.29 37.78
CA SER A 344 -22.96 -25.53 37.35
C SER A 344 -21.45 -25.36 37.22
N PHE A 345 -21.00 -24.29 36.58
CA PHE A 345 -19.57 -24.02 36.47
C PHE A 345 -18.94 -23.86 37.85
N GLN A 346 -19.60 -23.15 38.75
CA GLN A 346 -19.04 -22.93 40.08
C GLN A 346 -19.01 -24.22 40.87
N SER A 347 -20.00 -25.09 40.67
CA SER A 347 -20.04 -26.34 41.41
C SER A 347 -18.87 -27.25 41.02
N ASP A 348 -18.52 -27.28 39.74
CA ASP A 348 -17.42 -28.08 39.22
C ASP A 348 -16.09 -27.33 39.25
N LYS A 349 -16.03 -26.20 39.93
CA LYS A 349 -14.80 -25.42 40.07
C LYS A 349 -14.17 -25.15 38.70
N VAL A 350 -15.00 -24.71 37.76
CA VAL A 350 -14.53 -24.22 36.47
C VAL A 350 -14.68 -22.71 36.46
N THR A 351 -13.58 -22.01 36.14
CA THR A 351 -13.60 -20.55 36.17
C THR A 351 -14.75 -20.02 35.33
N ILE A 352 -15.47 -19.04 35.89
CA ILE A 352 -16.54 -18.36 35.18
C ILE A 352 -16.83 -17.06 35.94
N VAL A 353 -17.38 -16.06 35.23
CA VAL A 353 -17.70 -14.78 35.83
C VAL A 353 -19.12 -14.39 35.42
N ASP A 354 -19.89 -13.84 36.37
CA ASP A 354 -21.21 -13.34 36.01
C ASP A 354 -21.12 -11.95 35.40
N HIS A 355 -22.18 -11.54 34.71
CA HIS A 355 -22.15 -10.24 34.06
C HIS A 355 -22.10 -9.08 35.06
N HIS A 356 -22.56 -9.26 36.30
CA HIS A 356 -22.43 -8.18 37.28
C HIS A 356 -20.96 -7.95 37.66
N SER A 357 -20.25 -9.03 37.97
CA SER A 357 -18.84 -8.92 38.34
CA SER A 357 -18.84 -8.92 38.34
C SER A 357 -17.98 -8.46 37.17
N ALA A 358 -18.19 -9.02 35.98
CA ALA A 358 -17.38 -8.64 34.82
C ALA A 358 -17.53 -7.16 34.48
N THR A 359 -18.77 -6.65 34.50
CA THR A 359 -18.93 -5.25 34.12
C THR A 359 -18.38 -4.32 35.19
N GLU A 360 -18.52 -4.69 36.46
CA GLU A 360 -17.90 -3.89 37.51
C GLU A 360 -16.38 -3.87 37.35
N SER A 361 -15.78 -5.04 37.10
CA SER A 361 -14.36 -5.10 36.77
C SER A 361 -14.02 -4.16 35.63
N PHE A 362 -14.89 -4.05 34.63
CA PHE A 362 -14.51 -3.24 33.47
C PHE A 362 -14.53 -1.76 33.80
N ILE A 363 -15.50 -1.29 34.60
CA ILE A 363 -15.48 0.10 35.06
C ILE A 363 -14.17 0.38 35.78
N LYS A 364 -13.75 -0.53 36.66
CA LYS A 364 -12.47 -0.34 37.34
C LYS A 364 -11.31 -0.33 36.35
N HIS A 365 -11.34 -1.21 35.36
CA HIS A 365 -10.31 -1.20 34.32
C HIS A 365 -10.28 0.13 33.59
N MET A 366 -11.44 0.65 33.18
CA MET A 366 -11.50 1.95 32.50
C MET A 366 -10.82 3.02 33.34
N GLU A 367 -11.11 3.05 34.64
CA GLU A 367 -10.54 4.07 35.51
C GLU A 367 -9.03 3.95 35.57
N ASN A 368 -8.52 2.73 35.73
CA ASN A 368 -7.08 2.49 35.68
C ASN A 368 -6.47 3.01 34.39
N GLU A 369 -7.10 2.69 33.26
CA GLU A 369 -6.54 3.05 31.96
C GLU A 369 -6.56 4.56 31.73
N TYR A 370 -7.63 5.26 32.14
CA TYR A 370 -7.62 6.71 32.01
C TYR A 370 -6.54 7.31 32.90
N ARG A 371 -6.33 6.74 34.08
CA ARG A 371 -5.32 7.29 34.99
C ARG A 371 -3.90 7.05 34.45
N CYS A 372 -3.58 5.86 33.95
CA CYS A 372 -2.21 5.62 33.53
CA CYS A 372 -2.21 5.58 33.54
C CYS A 372 -1.97 5.86 32.05
N ARG A 373 -2.96 5.61 31.20
CA ARG A 373 -2.77 5.66 29.75
C ARG A 373 -3.41 6.86 29.07
N GLY A 374 -4.32 7.58 29.73
CA GLY A 374 -5.03 8.66 29.08
C GLY A 374 -6.25 8.21 28.27
N GLY A 375 -6.71 6.99 28.44
CA GLY A 375 -7.92 6.56 27.75
C GLY A 375 -8.03 5.05 27.68
N CYS A 376 -9.19 4.62 27.18
CA CYS A 376 -9.46 3.20 26.98
C CYS A 376 -10.52 3.03 25.91
N PRO A 377 -10.17 2.55 24.73
CA PRO A 377 -11.18 2.39 23.67
C PRO A 377 -12.18 1.32 24.05
N ALA A 378 -13.47 1.63 23.89
CA ALA A 378 -14.51 0.74 24.36
C ALA A 378 -15.76 0.86 23.50
N ASP A 379 -16.30 -0.27 23.13
CA ASP A 379 -17.45 -0.38 22.23
C ASP A 379 -18.67 -0.72 23.07
N TRP A 380 -19.46 0.29 23.43
CA TRP A 380 -20.63 0.12 24.30
C TRP A 380 -21.55 -0.98 23.79
N VAL A 381 -21.80 -1.01 22.49
CA VAL A 381 -22.69 -1.99 21.88
C VAL A 381 -22.30 -3.42 22.26
N TRP A 382 -20.99 -3.68 22.37
CA TRP A 382 -20.49 -5.02 22.71
C TRP A 382 -20.22 -5.21 24.20
N ILE A 383 -19.90 -4.14 24.91
CA ILE A 383 -19.54 -4.26 26.32
C ILE A 383 -20.79 -4.51 27.18
N VAL A 384 -21.91 -3.85 26.88
CA VAL A 384 -23.12 -4.04 27.67
C VAL A 384 -23.61 -5.48 27.53
N PRO A 385 -23.88 -6.19 28.62
CA PRO A 385 -24.26 -7.61 28.48
C PRO A 385 -25.61 -7.75 27.81
N PRO A 386 -25.85 -8.88 27.14
CA PRO A 386 -27.10 -9.07 26.38
C PRO A 386 -28.33 -9.40 27.22
N MET A 387 -28.23 -9.38 28.54
CA MET A 387 -29.42 -9.37 29.40
C MET A 387 -29.19 -8.41 30.55
N SER A 388 -30.28 -7.89 31.10
CA SER A 388 -30.25 -7.05 32.31
C SER A 388 -29.30 -5.86 32.15
N GLY A 389 -29.30 -5.26 30.96
CA GLY A 389 -28.31 -4.23 30.66
C GLY A 389 -28.24 -3.12 31.69
N SER A 390 -29.40 -2.49 31.99
CA SER A 390 -29.32 -1.24 32.73
C SER A 390 -29.10 -1.45 34.23
N ILE A 391 -29.17 -2.68 34.74
CA ILE A 391 -28.79 -2.88 36.14
C ILE A 391 -27.33 -3.32 36.21
N THR A 392 -26.58 -3.16 35.11
CA THR A 392 -25.12 -3.25 35.22
C THR A 392 -24.51 -1.87 35.07
N PRO A 393 -23.34 -1.61 35.68
CA PRO A 393 -22.80 -0.24 35.68
C PRO A 393 -22.34 0.24 34.32
N VAL A 394 -21.99 -0.64 33.39
CA VAL A 394 -21.51 -0.17 32.09
C VAL A 394 -22.62 0.46 31.27
N PHE A 395 -23.88 0.12 31.55
CA PHE A 395 -24.99 0.69 30.79
C PHE A 395 -24.99 2.21 30.87
N HIS A 396 -24.69 2.75 32.05
CA HIS A 396 -24.68 4.17 32.32
C HIS A 396 -23.34 4.83 32.07
N GLN A 397 -22.36 4.10 31.52
CA GLN A 397 -21.02 4.61 31.29
C GLN A 397 -20.86 5.05 29.84
N GLU A 398 -20.58 6.32 29.60
CA GLU A 398 -20.21 6.75 28.26
C GLU A 398 -18.85 6.18 27.90
N MET A 399 -18.67 5.82 26.62
CA MET A 399 -17.43 5.23 26.13
C MET A 399 -17.07 5.85 24.79
N LEU A 400 -15.76 5.95 24.54
CA LEU A 400 -15.23 6.37 23.25
C LEU A 400 -14.64 5.15 22.57
N ASN A 401 -14.95 4.97 21.29
CA ASN A 401 -14.39 3.86 20.52
C ASN A 401 -13.44 4.39 19.45
N TYR A 402 -12.23 3.80 19.40
CA TYR A 402 -11.22 4.15 18.42
C TYR A 402 -10.28 2.96 18.28
N ARG A 403 -9.55 2.93 17.15
CA ARG A 403 -8.77 1.76 16.76
C ARG A 403 -7.28 2.03 16.99
N LEU A 404 -6.67 1.26 17.89
CA LEU A 404 -5.25 1.34 18.19
C LEU A 404 -4.56 0.07 17.72
N THR A 405 -3.28 0.20 17.38
CA THR A 405 -2.47 -0.95 17.00
CA THR A 405 -2.50 -0.98 17.03
C THR A 405 -1.37 -1.17 18.04
N PRO A 406 -0.92 -2.43 18.25
CA PRO A 406 -1.36 -3.75 17.74
C PRO A 406 -2.83 -4.08 17.97
N SER A 407 -3.40 -4.97 17.14
CA SER A 407 -4.83 -5.22 17.26
C SER A 407 -5.19 -6.62 16.76
N PHE A 408 -6.37 -7.08 17.17
CA PHE A 408 -7.02 -8.25 16.59
C PHE A 408 -8.03 -7.80 15.54
N GLU A 409 -7.98 -8.42 14.37
CA GLU A 409 -8.84 -8.03 13.25
C GLU A 409 -9.63 -9.24 12.76
N TYR A 410 -10.80 -8.98 12.18
CA TYR A 410 -11.49 -10.03 11.45
C TYR A 410 -10.78 -10.32 10.12
N GLN A 411 -11.05 -11.51 9.59
CA GLN A 411 -10.49 -11.93 8.31
C GLN A 411 -11.52 -12.84 7.63
N PRO A 412 -11.49 -12.92 6.31
CA PRO A 412 -12.48 -13.76 5.62
C PRO A 412 -12.30 -15.23 6.01
N ASP A 413 -13.40 -15.97 5.96
CA ASP A 413 -13.34 -17.40 6.18
C ASP A 413 -12.47 -18.04 5.12
N PRO A 414 -11.57 -18.97 5.50
CA PRO A 414 -10.63 -19.52 4.51
C PRO A 414 -11.30 -20.32 3.41
N TRP A 415 -12.50 -20.85 3.61
CA TRP A 415 -13.11 -21.65 2.54
C TRP A 415 -13.70 -20.81 1.43
N ASN A 416 -13.82 -19.49 1.60
CA ASN A 416 -14.21 -18.62 0.50
C ASN A 416 -13.03 -18.27 -0.40
N THR A 417 -11.81 -18.37 0.11
CA THR A 417 -10.62 -17.90 -0.59
C THR A 417 -9.63 -18.99 -0.96
N HIS A 418 -9.68 -20.15 -0.32
CA HIS A 418 -8.67 -21.19 -0.53
C HIS A 418 -8.87 -21.87 -1.88
N VAL A 419 -7.79 -21.96 -2.67
CA VAL A 419 -7.78 -22.77 -3.88
C VAL A 419 -7.21 -24.14 -3.53
N TRP A 420 -8.04 -25.17 -3.66
CA TRP A 420 -7.67 -26.50 -3.24
C TRP A 420 -6.68 -27.13 -4.22
N LYS A 421 -5.94 -28.10 -3.70
CA LYS A 421 -4.93 -28.78 -4.51
C LYS A 421 -5.39 -30.21 -4.84
N ARG B 3 -24.22 6.99 -3.93
CA ARG B 3 -23.69 6.10 -2.91
C ARG B 3 -24.80 5.38 -2.14
N PHE B 4 -24.50 4.18 -1.64
CA PHE B 4 -25.41 3.36 -0.88
C PHE B 4 -24.66 2.82 0.34
N LEU B 5 -25.38 2.58 1.43
CA LEU B 5 -24.82 1.87 2.57
C LEU B 5 -25.72 0.71 2.92
N LYS B 6 -25.13 -0.44 3.23
CA LYS B 6 -25.95 -1.60 3.55
C LYS B 6 -25.94 -1.86 5.05
N VAL B 7 -27.07 -2.37 5.53
CA VAL B 7 -27.21 -2.80 6.92
C VAL B 7 -27.80 -4.20 6.90
N LYS B 8 -27.24 -5.06 7.75
CA LYS B 8 -27.57 -6.47 7.78
C LYS B 8 -28.21 -6.83 9.11
N ASN B 9 -29.18 -7.74 9.07
CA ASN B 9 -29.70 -8.37 10.26
C ASN B 9 -29.02 -9.73 10.40
N TRP B 10 -28.32 -9.97 11.51
CA TRP B 10 -27.51 -11.17 11.65
C TRP B 10 -28.31 -12.37 12.11
N GLU B 11 -29.56 -12.18 12.51
CA GLU B 11 -30.46 -13.27 12.83
C GLU B 11 -31.21 -13.78 11.59
N THR B 12 -31.70 -12.86 10.76
CA THR B 12 -32.52 -13.18 9.60
C THR B 12 -31.74 -13.18 8.30
N GLU B 13 -30.56 -12.56 8.27
CA GLU B 13 -29.73 -12.33 7.08
C GLU B 13 -30.34 -11.34 6.09
N VAL B 14 -31.45 -10.66 6.45
CA VAL B 14 -32.01 -9.61 5.60
C VAL B 14 -31.03 -8.44 5.50
N VAL B 15 -30.90 -7.88 4.31
CA VAL B 15 -29.97 -6.79 4.02
C VAL B 15 -30.73 -5.64 3.40
N LEU B 16 -30.59 -4.45 3.97
CA LEU B 16 -31.30 -3.26 3.52
C LEU B 16 -30.30 -2.22 3.05
N THR B 17 -30.73 -1.35 2.15
CA THR B 17 -29.85 -0.39 1.51
C THR B 17 -30.30 1.03 1.84
N ASP B 18 -29.42 1.81 2.46
CA ASP B 18 -29.75 3.15 2.91
C ASP B 18 -29.24 4.16 1.90
N THR B 19 -30.15 4.94 1.34
CA THR B 19 -29.78 6.11 0.58
C THR B 19 -30.20 7.41 1.26
N LEU B 20 -31.11 7.33 2.24
CA LEU B 20 -31.61 8.53 2.90
C LEU B 20 -30.51 9.28 3.67
N HIS B 21 -29.45 8.57 4.11
CA HIS B 21 -28.36 9.22 4.84
C HIS B 21 -27.71 10.33 4.03
N LEU B 22 -27.83 10.33 2.70
CA LEU B 22 -27.26 11.43 1.92
C LEU B 22 -27.98 12.75 2.19
N LYS B 23 -29.18 12.72 2.75
CA LYS B 23 -29.91 13.92 3.07
C LYS B 23 -29.54 14.52 4.43
N SER B 24 -28.65 13.90 5.20
CA SER B 24 -28.42 14.37 6.56
C SER B 24 -27.61 15.66 6.55
N THR B 25 -27.58 16.36 7.70
CA THR B 25 -26.90 17.65 7.72
C THR B 25 -26.16 17.94 9.02
N LEU B 26 -26.82 17.92 10.17
CA LEU B 26 -26.09 18.24 11.38
C LEU B 26 -25.11 17.11 11.68
N GLU B 27 -24.36 17.31 12.76
CA GLU B 27 -23.31 16.38 13.16
C GLU B 27 -23.90 15.24 13.96
N THR B 28 -23.24 14.08 13.87
CA THR B 28 -23.46 12.99 14.81
C THR B 28 -22.64 13.15 16.07
N GLY B 29 -21.53 13.89 16.01
CA GLY B 29 -20.54 13.90 17.06
C GLY B 29 -19.33 13.04 16.78
N CYS B 30 -19.49 11.99 15.96
CA CYS B 30 -18.36 11.13 15.63
C CYS B 30 -17.47 11.81 14.61
N THR B 31 -16.22 11.36 14.57
CA THR B 31 -15.29 11.75 13.53
C THR B 31 -14.89 10.50 12.76
N GLU B 32 -14.04 10.66 11.76
CA GLU B 32 -13.60 9.49 11.02
C GLU B 32 -12.74 8.56 11.87
N TYR B 33 -12.18 9.04 12.97
CA TYR B 33 -11.30 8.23 13.79
C TYR B 33 -11.81 7.97 15.20
N ILE B 34 -12.93 8.54 15.61
CA ILE B 34 -13.49 8.28 16.94
C ILE B 34 -15.00 8.15 16.79
N CYS B 35 -15.59 7.13 17.41
CA CYS B 35 -17.03 6.98 17.44
C CYS B 35 -17.55 7.38 18.82
N MET B 36 -18.56 8.25 18.83
CA MET B 36 -19.16 8.76 20.05
C MET B 36 -20.61 8.29 20.19
N GLY B 37 -20.91 7.14 19.60
CA GLY B 37 -22.24 6.57 19.58
C GLY B 37 -22.87 6.33 20.95
N SER B 38 -22.06 6.26 22.03
CA SER B 38 -22.64 6.10 23.36
C SER B 38 -22.54 7.36 24.21
N ILE B 39 -22.21 8.50 23.61
CA ILE B 39 -22.25 9.78 24.32
C ILE B 39 -23.69 10.26 24.37
N MET B 40 -24.16 10.66 25.55
CA MET B 40 -25.55 11.07 25.70
C MET B 40 -25.85 12.37 24.97
N HIS B 41 -25.05 13.42 25.20
CA HIS B 41 -25.16 14.69 24.48
C HIS B 41 -23.81 15.03 23.87
N PRO B 42 -23.58 14.68 22.60
CA PRO B 42 -22.36 15.18 21.94
C PRO B 42 -22.46 16.66 21.63
N SER B 43 -21.42 17.25 21.05
CA SER B 43 -21.41 18.69 20.82
C SER B 43 -20.76 19.06 19.49
N ASP B 51 -29.23 33.39 21.89
CA ASP B 51 -28.50 33.01 20.69
C ASP B 51 -29.46 32.42 19.64
N VAL B 52 -29.65 33.15 18.53
CA VAL B 52 -30.66 32.82 17.53
C VAL B 52 -30.10 33.09 16.14
N ALA B 53 -30.70 32.44 15.15
CA ALA B 53 -30.19 32.47 13.78
C ALA B 53 -30.40 33.85 13.14
N THR B 54 -29.45 34.23 12.30
CA THR B 54 -29.53 35.46 11.54
C THR B 54 -30.40 35.25 10.29
N LYS B 55 -30.65 36.35 9.57
CA LYS B 55 -31.37 36.26 8.31
C LYS B 55 -30.69 35.30 7.36
N ASP B 56 -29.38 35.46 7.17
CA ASP B 56 -28.64 34.65 6.20
C ASP B 56 -28.61 33.18 6.59
N GLN B 57 -28.56 32.87 7.89
CA GLN B 57 -28.62 31.47 8.29
C GLN B 57 -30.01 30.89 8.08
N LEU B 58 -31.06 31.71 8.24
CA LEU B 58 -32.42 31.19 8.18
C LEU B 58 -32.85 30.88 6.75
N PHE B 59 -32.48 31.73 5.77
CA PHE B 59 -32.85 31.56 4.37
C PHE B 59 -32.67 30.11 3.90
N PRO B 60 -31.45 29.54 3.90
CA PRO B 60 -31.32 28.17 3.38
C PRO B 60 -32.02 27.12 4.22
N LEU B 61 -32.03 27.26 5.54
CA LEU B 61 -32.77 26.31 6.37
C LEU B 61 -34.24 26.29 5.97
N ALA B 62 -34.83 27.47 5.82
CA ALA B 62 -36.23 27.56 5.44
C ALA B 62 -36.46 26.92 4.08
N LYS B 63 -35.63 27.27 3.10
CA LYS B 63 -35.80 26.73 1.76
C LYS B 63 -35.80 25.22 1.78
N GLU B 64 -34.80 24.61 2.42
CA GLU B 64 -34.72 23.15 2.47
C GLU B 64 -36.00 22.54 3.04
N PHE B 65 -36.56 23.15 4.08
CA PHE B 65 -37.79 22.61 4.66
C PHE B 65 -38.96 22.76 3.70
N ILE B 66 -39.14 23.95 3.11
CA ILE B 66 -40.26 24.15 2.21
C ILE B 66 -40.12 23.24 1.00
N ASP B 67 -38.91 23.14 0.44
CA ASP B 67 -38.63 22.18 -0.63
C ASP B 67 -39.05 20.77 -0.23
N GLN B 68 -38.70 20.35 0.98
CA GLN B 68 -39.04 18.97 1.35
C GLN B 68 -40.54 18.83 1.58
N TYR B 69 -41.21 19.89 2.04
CA TYR B 69 -42.65 19.81 2.22
C TYR B 69 -43.36 19.68 0.87
N TYR B 70 -42.96 20.49 -0.12
CA TYR B 70 -43.66 20.43 -1.39
C TYR B 70 -43.32 19.17 -2.15
N SER B 71 -42.16 18.57 -1.88
CA SER B 71 -41.87 17.28 -2.46
C SER B 71 -42.75 16.20 -1.87
N SER B 72 -42.99 16.24 -0.54
CA SER B 72 -43.80 15.20 0.09
C SER B 72 -45.23 15.19 -0.42
N ILE B 73 -45.74 16.33 -0.86
CA ILE B 73 -47.10 16.42 -1.37
C ILE B 73 -47.13 16.46 -2.90
N LYS B 74 -46.05 16.03 -3.55
CA LYS B 74 -45.99 15.90 -5.01
C LYS B 74 -46.35 17.21 -5.71
N ARG B 75 -45.84 18.31 -5.17
CA ARG B 75 -46.06 19.65 -5.71
C ARG B 75 -44.73 20.39 -5.91
N PHE B 76 -43.62 19.66 -5.97
CA PHE B 76 -42.32 20.31 -6.08
C PHE B 76 -42.24 21.03 -7.42
N GLY B 77 -41.67 22.24 -7.41
CA GLY B 77 -41.63 23.06 -8.61
C GLY B 77 -42.92 23.75 -8.97
N SER B 78 -44.01 23.52 -8.22
CA SER B 78 -45.30 24.07 -8.60
C SER B 78 -45.34 25.59 -8.39
N LYS B 79 -46.38 26.22 -8.95
CA LYS B 79 -46.57 27.65 -8.72
C LYS B 79 -46.76 27.94 -7.24
N ALA B 80 -47.54 27.10 -6.55
CA ALA B 80 -47.72 27.25 -5.11
C ALA B 80 -46.41 27.05 -4.34
N HIS B 81 -45.56 26.14 -4.81
CA HIS B 81 -44.25 25.98 -4.20
C HIS B 81 -43.42 27.27 -4.35
N MET B 82 -43.31 27.79 -5.58
CA MET B 82 -42.50 28.98 -5.81
C MET B 82 -43.06 30.19 -5.07
N GLU B 83 -44.39 30.30 -4.96
CA GLU B 83 -44.96 31.43 -4.26
C GLU B 83 -44.74 31.34 -2.76
N ARG B 84 -44.79 30.13 -2.20
CA ARG B 84 -44.50 29.97 -0.78
C ARG B 84 -43.05 30.35 -0.47
N LEU B 85 -42.11 29.87 -1.29
CA LEU B 85 -40.71 30.29 -1.14
C LEU B 85 -40.59 31.80 -1.19
N GLU B 86 -41.20 32.43 -2.21
CA GLU B 86 -41.18 33.88 -2.31
C GLU B 86 -41.71 34.52 -1.04
N GLU B 87 -42.86 34.04 -0.57
CA GLU B 87 -43.49 34.60 0.63
C GLU B 87 -42.61 34.42 1.87
N VAL B 88 -41.97 33.25 2.01
CA VAL B 88 -41.12 33.00 3.17
C VAL B 88 -39.97 33.98 3.20
N ASN B 89 -39.31 34.18 2.05
CA ASN B 89 -38.13 35.03 1.99
C ASN B 89 -38.47 36.50 2.23
N LYS B 90 -39.67 36.94 1.83
CA LYS B 90 -40.15 38.26 2.23
C LYS B 90 -40.14 38.40 3.75
N GLU B 91 -40.82 37.48 4.43
CA GLU B 91 -40.93 37.55 5.90
C GLU B 91 -39.57 37.58 6.55
N ILE B 92 -38.69 36.64 6.19
CA ILE B 92 -37.33 36.65 6.71
C ILE B 92 -36.69 38.00 6.44
N ASP B 93 -36.81 38.49 5.20
CA ASP B 93 -36.20 39.77 4.83
C ASP B 93 -36.72 40.93 5.69
N THR B 94 -38.03 40.96 5.95
CA THR B 94 -38.62 42.09 6.65
C THR B 94 -38.62 41.93 8.17
N THR B 95 -38.89 40.73 8.68
CA THR B 95 -39.11 40.51 10.10
C THR B 95 -38.01 39.70 10.78
N SER B 96 -37.05 39.17 10.01
CA SER B 96 -35.97 38.30 10.47
C SER B 96 -36.47 36.94 10.96
N THR B 97 -37.71 36.57 10.64
CA THR B 97 -38.22 35.23 10.92
C THR B 97 -39.34 34.95 9.93
N TYR B 98 -40.04 33.83 10.12
CA TYR B 98 -41.28 33.61 9.36
C TYR B 98 -42.21 32.71 10.16
N GLN B 99 -43.42 32.53 9.63
CA GLN B 99 -44.48 31.78 10.27
C GLN B 99 -44.87 30.58 9.41
N LEU B 100 -44.89 29.39 10.01
CA LEU B 100 -45.35 28.19 9.31
C LEU B 100 -46.86 28.25 9.08
N LYS B 101 -47.29 27.78 7.90
CA LYS B 101 -48.70 27.43 7.69
C LYS B 101 -49.06 26.27 8.61
N ASP B 102 -50.37 26.09 8.83
CA ASP B 102 -50.82 25.00 9.68
C ASP B 102 -50.42 23.65 9.10
N THR B 103 -50.54 23.48 7.79
CA THR B 103 -50.15 22.23 7.16
C THR B 103 -48.67 21.94 7.39
N GLU B 104 -47.84 22.97 7.28
CA GLU B 104 -46.41 22.79 7.44
C GLU B 104 -46.07 22.43 8.87
N LEU B 105 -46.79 23.03 9.83
CA LEU B 105 -46.56 22.72 11.23
C LEU B 105 -46.87 21.26 11.51
N ILE B 106 -47.98 20.75 10.99
CA ILE B 106 -48.37 19.37 11.25
C ILE B 106 -47.34 18.42 10.65
N TYR B 107 -46.98 18.66 9.39
CA TYR B 107 -45.96 17.88 8.69
C TYR B 107 -44.62 17.91 9.41
N GLY B 108 -44.22 19.10 9.86
CA GLY B 108 -42.96 19.22 10.57
C GLY B 108 -42.97 18.44 11.87
N ALA B 109 -44.05 18.58 12.65
CA ALA B 109 -44.14 17.87 13.93
C ALA B 109 -44.07 16.36 13.73
N LYS B 110 -44.85 15.84 12.77
CA LYS B 110 -44.86 14.41 12.49
C LYS B 110 -43.50 13.92 12.03
N HIS B 111 -42.80 14.71 11.21
CA HIS B 111 -41.52 14.24 10.70
C HIS B 111 -40.41 14.35 11.74
N ALA B 112 -40.51 15.29 12.68
CA ALA B 112 -39.57 15.26 13.79
C ALA B 112 -39.65 13.95 14.55
N TRP B 113 -40.86 13.44 14.77
CA TRP B 113 -41.05 12.12 15.37
C TRP B 113 -40.47 11.04 14.47
N ARG B 114 -40.81 11.06 13.18
CA ARG B 114 -40.33 10.05 12.26
C ARG B 114 -38.82 10.03 12.21
N ASN B 115 -38.19 11.18 12.44
CA ASN B 115 -36.75 11.35 12.42
C ASN B 115 -36.06 11.08 13.75
N ALA B 116 -36.80 10.80 14.83
CA ALA B 116 -36.20 10.65 16.15
C ALA B 116 -35.47 9.31 16.23
N SER B 117 -34.15 9.32 16.02
CA SER B 117 -33.48 8.03 15.89
CA SER B 117 -33.40 8.07 15.92
C SER B 117 -33.46 7.23 17.18
N ARG B 118 -33.73 7.85 18.33
CA ARG B 118 -33.73 7.15 19.61
C ARG B 118 -35.08 6.55 20.01
N CYS B 119 -36.11 6.62 19.15
CA CYS B 119 -37.48 6.26 19.53
C CYS B 119 -37.90 4.96 18.86
N VAL B 120 -38.12 3.93 19.67
CA VAL B 120 -38.57 2.63 19.18
C VAL B 120 -40.04 2.62 18.78
N GLY B 121 -40.80 3.66 19.13
CA GLY B 121 -42.23 3.66 18.84
C GLY B 121 -42.67 4.35 17.56
N ARG B 122 -41.77 4.49 16.58
CA ARG B 122 -42.05 5.31 15.41
C ARG B 122 -42.96 4.68 14.37
N ILE B 123 -43.33 3.40 14.51
CA ILE B 123 -44.32 2.87 13.58
C ILE B 123 -45.61 3.69 13.64
N GLN B 124 -45.83 4.41 14.72
CA GLN B 124 -47.02 5.22 14.95
C GLN B 124 -46.91 6.66 14.44
N TRP B 125 -45.78 7.02 13.80
CA TRP B 125 -45.42 8.43 13.65
C TRP B 125 -46.48 9.25 12.90
N SER B 126 -47.16 8.64 11.93
CA SER B 126 -48.09 9.44 11.13
C SER B 126 -49.43 9.65 11.82
N LYS B 127 -49.72 8.94 12.92
CA LYS B 127 -50.92 9.18 13.71
C LYS B 127 -50.48 9.96 14.95
N LEU B 128 -50.37 11.27 14.77
CA LEU B 128 -49.97 12.19 15.81
C LEU B 128 -50.96 13.34 15.76
N GLN B 129 -51.55 13.67 16.89
CA GLN B 129 -52.52 14.73 16.94
C GLN B 129 -51.79 16.01 17.30
N VAL B 130 -51.84 17.01 16.42
CA VAL B 130 -51.05 18.23 16.58
C VAL B 130 -51.97 19.34 17.07
N PHE B 131 -51.64 19.93 18.22
CA PHE B 131 -52.41 21.05 18.77
C PHE B 131 -51.59 22.32 18.58
N ASP B 132 -52.11 23.25 17.78
CA ASP B 132 -51.41 24.50 17.47
C ASP B 132 -51.70 25.50 18.59
N ALA B 133 -50.68 25.81 19.39
CA ALA B 133 -50.82 26.75 20.49
C ALA B 133 -50.01 28.02 20.27
N ARG B 134 -49.77 28.38 19.00
CA ARG B 134 -48.93 29.53 18.70
C ARG B 134 -49.60 30.87 18.99
N ASP B 135 -50.90 30.89 19.29
CA ASP B 135 -51.55 32.13 19.70
C ASP B 135 -51.46 32.40 21.21
N CYS B 136 -50.83 31.50 21.98
CA CYS B 136 -50.81 31.61 23.43
C CYS B 136 -49.89 32.74 23.87
N THR B 137 -50.25 33.44 24.95
CA THR B 137 -49.41 34.55 25.41
C THR B 137 -49.07 34.53 26.90
N THR B 138 -49.72 33.71 27.71
CA THR B 138 -49.47 33.76 29.15
C THR B 138 -49.39 32.34 29.70
N ALA B 139 -48.88 32.24 30.94
CA ALA B 139 -48.75 30.94 31.58
C ALA B 139 -50.12 30.31 31.82
N HIS B 140 -51.11 31.11 32.22
CA HIS B 140 -52.47 30.59 32.33
C HIS B 140 -52.93 29.97 31.01
N GLY B 141 -52.67 30.65 29.89
CA GLY B 141 -52.99 30.07 28.60
C GLY B 141 -52.28 28.75 28.34
N MET B 142 -50.99 28.67 28.70
CA MET B 142 -50.26 27.42 28.55
C MET B 142 -50.90 26.31 29.37
N PHE B 143 -51.29 26.64 30.62
CA PHE B 143 -51.92 25.66 31.50
C PHE B 143 -53.18 25.09 30.85
N ASN B 144 -54.03 25.98 30.32
CA ASN B 144 -55.24 25.55 29.61
C ASN B 144 -54.91 24.59 28.47
N TYR B 145 -53.98 24.98 27.59
CA TYR B 145 -53.56 24.11 26.49
C TYR B 145 -53.04 22.76 26.99
N ILE B 146 -52.25 22.76 28.06
CA ILE B 146 -51.68 21.50 28.55
C ILE B 146 -52.75 20.62 29.19
N CYS B 147 -53.69 21.22 29.92
CA CYS B 147 -54.81 20.45 30.46
C CYS B 147 -55.59 19.76 29.35
N ASN B 148 -55.91 20.50 28.28
CA ASN B 148 -56.65 19.92 27.17
C ASN B 148 -55.84 18.79 26.50
N HIS B 149 -54.55 19.01 26.31
CA HIS B 149 -53.67 17.95 25.82
C HIS B 149 -53.76 16.69 26.67
N VAL B 150 -53.58 16.83 27.99
CA VAL B 150 -53.60 15.68 28.88
C VAL B 150 -54.92 14.93 28.75
N LYS B 151 -56.04 15.66 28.75
CA LYS B 151 -57.34 15.00 28.71
C LYS B 151 -57.56 14.29 27.37
N TYR B 152 -57.22 14.93 26.26
CA TYR B 152 -57.33 14.28 24.96
C TYR B 152 -56.44 13.06 24.86
N ALA B 153 -55.18 13.20 25.25
CA ALA B 153 -54.21 12.09 25.11
C ALA B 153 -54.57 10.91 26.01
N THR B 154 -55.05 11.21 27.22
CA THR B 154 -55.37 10.15 28.17
C THR B 154 -56.57 9.33 27.73
N ASN B 155 -57.68 9.99 27.35
CA ASN B 155 -58.79 9.31 26.68
C ASN B 155 -59.28 8.10 27.51
N LYS B 156 -59.41 8.31 28.82
CA LYS B 156 -59.89 7.29 29.76
C LYS B 156 -59.09 5.98 29.70
N GLY B 157 -57.82 6.05 29.30
CA GLY B 157 -56.94 4.90 29.25
C GLY B 157 -56.62 4.42 27.85
N ASN B 158 -57.41 4.82 26.86
CA ASN B 158 -57.14 4.44 25.47
C ASN B 158 -56.26 5.54 24.88
N LEU B 159 -54.96 5.46 25.17
CA LEU B 159 -54.08 6.60 24.97
C LEU B 159 -53.88 6.92 23.50
N ARG B 160 -53.77 8.22 23.21
CA ARG B 160 -53.60 8.76 21.87
C ARG B 160 -52.40 9.69 21.87
N SER B 161 -51.52 9.53 20.89
CA SER B 161 -50.34 10.37 20.76
C SER B 161 -50.72 11.80 20.38
N ALA B 162 -50.04 12.76 20.99
CA ALA B 162 -50.39 14.16 20.76
C ALA B 162 -49.19 15.03 21.08
N ILE B 163 -49.19 16.25 20.52
CA ILE B 163 -48.18 17.26 20.78
C ILE B 163 -48.88 18.62 20.75
N THR B 164 -48.44 19.53 21.62
CA THR B 164 -48.92 20.89 21.66
C THR B 164 -47.75 21.83 21.44
N ILE B 165 -47.88 22.75 20.48
CA ILE B 165 -46.77 23.56 20.03
C ILE B 165 -47.02 25.03 20.35
N PHE B 166 -46.18 25.58 21.21
CA PHE B 166 -46.26 26.95 21.69
C PHE B 166 -45.45 27.88 20.79
N PRO B 167 -45.55 29.21 20.97
CA PRO B 167 -44.85 30.12 20.04
C PRO B 167 -43.35 29.86 19.96
N GLN B 168 -42.80 30.03 18.76
CA GLN B 168 -41.40 29.79 18.49
C GLN B 168 -40.52 30.87 19.12
N ARG B 169 -39.26 30.53 19.29
CA ARG B 169 -38.28 31.51 19.75
C ARG B 169 -38.24 32.70 18.80
N THR B 170 -37.98 33.87 19.36
CA THR B 170 -37.80 35.06 18.55
C THR B 170 -36.38 35.56 18.78
N ASP B 171 -36.15 36.38 19.80
CA ASP B 171 -34.82 36.88 20.08
C ASP B 171 -34.10 36.07 21.14
N GLY B 172 -34.69 34.98 21.63
CA GLY B 172 -34.11 34.20 22.72
C GLY B 172 -34.31 34.81 24.09
N LYS B 173 -34.89 36.02 24.18
CA LYS B 173 -35.21 36.65 25.45
C LYS B 173 -36.69 36.49 25.80
N HIS B 174 -37.48 35.84 24.95
CA HIS B 174 -38.91 35.70 25.20
C HIS B 174 -39.37 34.26 25.03
N ASP B 175 -38.53 33.30 25.42
CA ASP B 175 -38.84 31.90 25.15
C ASP B 175 -40.04 31.43 25.97
N PHE B 176 -40.87 30.59 25.35
CA PHE B 176 -41.83 29.78 26.08
C PHE B 176 -41.13 28.48 26.50
N ARG B 177 -41.30 28.07 27.76
CA ARG B 177 -40.73 26.83 28.26
C ARG B 177 -41.69 26.16 29.21
N VAL B 178 -41.78 24.84 29.14
CA VAL B 178 -42.29 24.06 30.26
C VAL B 178 -41.09 23.65 31.10
N TRP B 179 -41.06 24.09 32.35
CA TRP B 179 -39.87 23.80 33.16
C TRP B 179 -39.82 22.34 33.57
N ASN B 180 -40.96 21.67 33.68
CA ASN B 180 -41.00 20.24 33.95
C ASN B 180 -40.33 19.45 32.84
N SER B 181 -39.71 18.33 33.22
CA SER B 181 -39.11 17.47 32.22
C SER B 181 -40.18 16.60 31.55
N GLN B 182 -41.16 16.14 32.31
CA GLN B 182 -42.38 15.55 31.77
C GLN B 182 -43.60 16.22 32.39
N LEU B 183 -44.72 16.16 31.68
CA LEU B 183 -45.95 16.81 32.18
C LEU B 183 -46.38 16.25 33.52
N ILE B 184 -46.27 14.94 33.69
CA ILE B 184 -46.69 14.25 34.90
C ILE B 184 -45.49 13.48 35.43
N ARG B 185 -45.03 13.84 36.64
CA ARG B 185 -43.97 13.15 37.34
C ARG B 185 -44.20 13.27 38.84
N TYR B 186 -43.55 12.39 39.59
CA TYR B 186 -43.68 12.36 41.03
C TYR B 186 -42.56 13.15 41.70
N ALA B 187 -42.91 13.83 42.80
CA ALA B 187 -41.93 14.60 43.54
C ALA B 187 -40.93 13.68 44.23
N GLY B 188 -39.77 14.22 44.53
CA GLY B 188 -38.79 13.53 45.33
C GLY B 188 -38.27 14.47 46.40
N TYR B 189 -38.05 13.93 47.60
CA TYR B 189 -37.60 14.72 48.74
C TYR B 189 -36.44 13.99 49.40
N LYS B 190 -35.29 14.65 49.48
CA LYS B 190 -34.20 14.15 50.30
C LYS B 190 -34.50 14.48 51.76
N GLN B 191 -34.26 13.52 52.64
CA GLN B 191 -34.43 13.70 54.06
C GLN B 191 -33.12 14.14 54.72
N PRO B 192 -33.19 14.78 55.88
CA PRO B 192 -31.94 15.10 56.60
C PRO B 192 -31.04 13.90 56.86
N ASP B 193 -31.58 12.68 56.94
CA ASP B 193 -30.76 11.50 57.22
C ASP B 193 -30.15 10.90 55.96
N GLY B 194 -30.29 11.57 54.82
CA GLY B 194 -29.73 11.12 53.58
C GLY B 194 -30.63 10.24 52.73
N SER B 195 -31.75 9.76 53.28
CA SER B 195 -32.66 8.95 52.49
C SER B 195 -33.49 9.83 51.56
N THR B 196 -34.27 9.18 50.69
CA THR B 196 -35.10 9.87 49.70
C THR B 196 -36.54 9.37 49.80
N LEU B 197 -37.49 10.28 49.80
CA LEU B 197 -38.91 9.94 49.68
C LEU B 197 -39.36 10.29 48.28
N GLY B 198 -40.06 9.38 47.62
CA GLY B 198 -40.53 9.64 46.26
C GLY B 198 -39.50 9.32 45.20
N ASP B 199 -39.52 10.07 44.11
CA ASP B 199 -38.68 9.79 42.95
C ASP B 199 -37.36 10.53 43.08
N PRO B 200 -36.23 9.83 43.26
CA PRO B 200 -34.94 10.54 43.43
C PRO B 200 -34.50 11.35 42.22
N ALA B 201 -34.93 10.97 41.00
CA ALA B 201 -34.58 11.76 39.81
C ALA B 201 -35.12 13.17 39.86
N ASN B 202 -36.18 13.42 40.63
CA ASN B 202 -36.85 14.70 40.57
C ASN B 202 -36.57 15.59 41.78
N VAL B 203 -35.55 15.26 42.58
CA VAL B 203 -35.26 16.04 43.78
C VAL B 203 -35.01 17.50 43.42
N GLN B 204 -34.18 17.75 42.40
CA GLN B 204 -33.81 19.13 42.09
C GLN B 204 -35.03 19.93 41.66
N PHE B 205 -35.84 19.37 40.76
CA PHE B 205 -36.99 20.11 40.27
C PHE B 205 -38.03 20.29 41.37
N THR B 206 -38.14 19.29 42.26
CA THR B 206 -39.02 19.44 43.42
C THR B 206 -38.59 20.62 44.29
N GLU B 207 -37.28 20.79 44.50
CA GLU B 207 -36.80 21.93 45.28
C GLU B 207 -37.20 23.25 44.63
N ILE B 208 -37.05 23.34 43.30
CA ILE B 208 -37.40 24.56 42.59
C ILE B 208 -38.87 24.90 42.81
N CYS B 209 -39.73 23.88 42.72
CA CYS B 209 -41.16 24.12 42.92
C CYS B 209 -41.44 24.63 44.33
N ILE B 210 -40.93 23.92 45.34
CA ILE B 210 -41.12 24.34 46.73
C ILE B 210 -40.69 25.78 46.91
N GLN B 211 -39.55 26.15 46.32
CA GLN B 211 -39.06 27.51 46.42
C GLN B 211 -40.00 28.51 45.75
N GLN B 212 -40.61 28.12 44.62
CA GLN B 212 -41.56 29.00 43.93
C GLN B 212 -42.88 29.14 44.66
N GLY B 213 -43.06 28.45 45.79
CA GLY B 213 -44.30 28.57 46.57
C GLY B 213 -45.12 27.31 46.69
N TRP B 214 -44.78 26.21 46.02
CA TRP B 214 -45.55 24.98 46.12
C TRP B 214 -45.52 24.43 47.55
N LYS B 215 -46.69 23.99 48.02
CA LYS B 215 -46.81 23.36 49.33
C LYS B 215 -46.82 21.86 49.12
N PRO B 216 -45.74 21.15 49.41
CA PRO B 216 -45.66 19.73 49.05
C PRO B 216 -46.39 18.86 50.05
N PRO B 217 -47.13 17.85 49.59
CA PRO B 217 -47.73 16.88 50.52
C PRO B 217 -46.71 16.04 51.27
N ARG B 218 -45.50 15.87 50.75
CA ARG B 218 -44.49 14.98 51.33
C ARG B 218 -45.04 13.56 51.47
N GLY B 219 -45.40 12.99 50.31
CA GLY B 219 -45.69 11.58 50.19
C GLY B 219 -44.79 10.94 49.14
N ARG B 220 -45.06 9.65 48.90
CA ARG B 220 -44.27 8.90 47.93
C ARG B 220 -44.65 9.18 46.48
N PHE B 221 -45.88 9.60 46.22
CA PHE B 221 -46.37 9.75 44.85
C PHE B 221 -47.14 11.06 44.70
N ASP B 222 -46.47 12.17 45.01
CA ASP B 222 -47.06 13.49 44.80
C ASP B 222 -46.84 13.91 43.36
N VAL B 223 -47.93 14.08 42.62
CA VAL B 223 -47.80 14.62 41.27
C VAL B 223 -47.28 16.04 41.36
N LEU B 224 -46.22 16.34 40.61
CA LEU B 224 -45.62 17.66 40.68
C LEU B 224 -46.52 18.70 40.01
N PRO B 225 -46.45 19.96 40.43
CA PRO B 225 -47.17 21.01 39.72
C PRO B 225 -46.49 21.37 38.42
N LEU B 226 -47.24 21.99 37.53
CA LEU B 226 -46.66 22.51 36.30
C LEU B 226 -46.01 23.85 36.58
N LEU B 227 -44.82 24.06 36.04
CA LEU B 227 -44.05 25.30 36.14
C LEU B 227 -43.89 25.83 34.73
N LEU B 228 -44.65 26.88 34.39
CA LEU B 228 -44.84 27.28 32.99
C LEU B 228 -44.31 28.68 32.76
N GLN B 229 -43.54 28.84 31.67
CA GLN B 229 -42.93 30.11 31.32
C GLN B 229 -43.46 30.55 29.96
N ALA B 230 -44.09 31.72 29.92
CA ALA B 230 -44.61 32.31 28.70
C ALA B 230 -43.85 33.59 28.37
N ASN B 231 -43.36 33.68 27.13
CA ASN B 231 -42.82 34.92 26.57
C ASN B 231 -41.64 35.45 27.38
N GLY B 232 -40.82 34.56 27.93
CA GLY B 232 -39.64 34.96 28.70
C GLY B 232 -39.90 35.51 30.09
N ASN B 233 -41.13 35.47 30.59
CA ASN B 233 -41.38 35.96 31.94
C ASN B 233 -41.06 34.89 32.97
N ASP B 234 -41.05 35.28 34.26
CA ASP B 234 -40.83 34.31 35.32
C ASP B 234 -41.88 33.20 35.24
N PRO B 235 -41.51 31.95 35.46
CA PRO B 235 -42.49 30.87 35.38
C PRO B 235 -43.45 30.88 36.56
N GLU B 236 -44.63 30.31 36.33
CA GLU B 236 -45.71 30.31 37.31
C GLU B 236 -46.22 28.88 37.54
N LEU B 237 -46.66 28.62 38.78
CA LEU B 237 -47.07 27.29 39.21
C LEU B 237 -48.56 27.04 38.98
N PHE B 238 -48.90 25.81 38.57
CA PHE B 238 -50.28 25.37 38.39
C PHE B 238 -50.40 23.91 38.78
N GLN B 239 -51.48 23.57 39.48
CA GLN B 239 -51.78 22.20 39.84
C GLN B 239 -52.66 21.55 38.76
N ILE B 240 -52.17 20.48 38.15
CA ILE B 240 -53.02 19.74 37.20
C ILE B 240 -54.23 19.20 37.95
N PRO B 241 -55.45 19.38 37.47
CA PRO B 241 -56.62 18.83 38.17
C PRO B 241 -56.48 17.33 38.34
N PRO B 242 -56.58 16.83 39.58
CA PRO B 242 -56.21 15.42 39.84
C PRO B 242 -57.02 14.42 39.05
N GLU B 243 -58.24 14.77 38.65
CA GLU B 243 -59.04 13.84 37.86
C GLU B 243 -58.54 13.73 36.42
N LEU B 244 -57.58 14.54 36.00
CA LEU B 244 -56.98 14.38 34.69
C LEU B 244 -55.73 13.50 34.70
N VAL B 245 -55.25 13.07 35.87
CA VAL B 245 -54.02 12.29 36.00
C VAL B 245 -54.42 10.83 36.21
N LEU B 246 -54.33 10.03 35.15
CA LEU B 246 -54.69 8.63 35.27
C LEU B 246 -53.51 7.87 35.87
N GLU B 247 -53.78 7.08 36.91
CA GLU B 247 -52.74 6.31 37.57
C GLU B 247 -53.16 4.84 37.66
N VAL B 248 -52.16 3.97 37.73
CA VAL B 248 -52.34 2.53 37.76
C VAL B 248 -51.66 1.99 39.01
N PRO B 249 -52.40 1.40 39.95
CA PRO B 249 -51.76 0.71 41.08
C PRO B 249 -51.11 -0.59 40.62
N ILE B 250 -49.87 -0.84 41.06
CA ILE B 250 -49.11 -1.98 40.55
C ILE B 250 -49.33 -3.19 41.46
N ARG B 251 -49.90 -4.25 40.88
CA ARG B 251 -50.04 -5.54 41.54
C ARG B 251 -49.45 -6.61 40.63
N HIS B 252 -49.27 -7.81 41.18
CA HIS B 252 -48.62 -8.89 40.46
C HIS B 252 -49.59 -10.06 40.35
N PRO B 253 -49.62 -10.75 39.19
CA PRO B 253 -50.65 -11.77 38.98
C PRO B 253 -50.45 -13.05 39.78
N LYS B 254 -49.28 -13.26 40.39
CA LYS B 254 -49.01 -14.43 41.20
C LYS B 254 -48.63 -14.10 42.64
N PHE B 255 -47.93 -12.99 42.87
CA PHE B 255 -47.51 -12.59 44.21
C PHE B 255 -48.53 -11.63 44.78
N GLU B 256 -49.42 -12.14 45.64
CA GLU B 256 -50.42 -11.28 46.26
C GLU B 256 -49.80 -10.23 47.17
N TRP B 257 -48.58 -10.47 47.66
CA TRP B 257 -47.93 -9.47 48.50
C TRP B 257 -47.44 -8.26 47.72
N PHE B 258 -47.39 -8.33 46.38
CA PHE B 258 -46.84 -7.21 45.61
C PHE B 258 -47.66 -5.94 45.80
N LYS B 259 -48.99 -6.07 45.86
CA LYS B 259 -49.81 -4.88 46.07
C LYS B 259 -49.46 -4.19 47.38
N ASP B 260 -48.96 -4.93 48.38
CA ASP B 260 -48.64 -4.32 49.65
C ASP B 260 -47.40 -3.42 49.59
N LEU B 261 -46.63 -3.46 48.50
CA LEU B 261 -45.56 -2.50 48.34
C LEU B 261 -46.07 -1.07 48.14
N GLY B 262 -47.37 -0.89 47.90
CA GLY B 262 -47.95 0.44 47.74
C GLY B 262 -47.56 1.17 46.47
N LEU B 263 -47.19 0.46 45.42
CA LEU B 263 -46.67 1.10 44.23
C LEU B 263 -47.78 1.47 43.26
N LYS B 264 -47.55 2.58 42.56
CA LYS B 264 -48.41 3.00 41.47
C LYS B 264 -47.56 3.79 40.50
N TRP B 265 -48.08 3.96 39.29
CA TRP B 265 -47.47 4.83 38.30
C TRP B 265 -48.56 5.52 37.49
N TYR B 266 -48.17 6.60 36.83
CA TYR B 266 -49.08 7.35 35.97
C TYR B 266 -49.10 6.75 34.56
N GLY B 267 -50.22 6.91 33.87
CA GLY B 267 -50.35 6.25 32.58
C GLY B 267 -49.79 7.01 31.39
N LEU B 268 -49.62 8.33 31.50
CA LEU B 268 -49.30 9.17 30.35
C LEU B 268 -47.85 9.60 30.36
N PRO B 269 -46.97 9.06 29.48
CA PRO B 269 -45.61 9.62 29.38
C PRO B 269 -45.59 10.80 28.43
N ALA B 270 -45.08 11.95 28.88
CA ALA B 270 -45.26 13.18 28.11
C ALA B 270 -44.02 14.06 28.31
N VAL B 271 -43.08 13.98 27.35
CA VAL B 271 -41.82 14.72 27.44
C VAL B 271 -42.06 16.20 27.16
N SER B 272 -41.55 17.07 28.03
CA SER B 272 -41.88 18.49 27.93
C SER B 272 -40.66 19.42 27.92
N ASN B 273 -39.43 18.89 27.86
CA ASN B 273 -38.25 19.74 27.95
C ASN B 273 -37.42 19.79 26.67
N MET B 274 -37.92 19.25 25.56
CA MET B 274 -37.13 19.25 24.34
C MET B 274 -37.52 20.41 23.42
N LEU B 275 -36.70 20.59 22.39
CA LEU B 275 -36.86 21.66 21.42
C LEU B 275 -37.20 21.06 20.07
N LEU B 276 -38.24 21.58 19.43
CA LEU B 276 -38.69 21.13 18.13
C LEU B 276 -38.21 22.12 17.07
N GLU B 277 -37.37 21.66 16.15
CA GLU B 277 -36.80 22.51 15.11
C GLU B 277 -37.44 22.16 13.79
N ILE B 278 -38.03 23.15 13.13
CA ILE B 278 -38.68 22.98 11.83
C ILE B 278 -38.27 24.15 10.94
N GLY B 279 -37.56 23.84 9.85
CA GLY B 279 -37.19 24.87 8.88
C GLY B 279 -36.38 26.00 9.46
N GLY B 280 -35.50 25.70 10.41
CA GLY B 280 -34.74 26.73 11.10
C GLY B 280 -35.47 27.39 12.26
N LEU B 281 -36.78 27.22 12.39
CA LEU B 281 -37.52 27.83 13.49
C LEU B 281 -37.43 26.93 14.73
N GLU B 282 -37.36 27.55 15.91
CA GLU B 282 -37.15 26.82 17.16
C GLU B 282 -38.36 26.93 18.07
N PHE B 283 -38.98 25.79 18.36
CA PHE B 283 -40.16 25.69 19.22
C PHE B 283 -39.69 25.12 20.54
N SER B 284 -39.38 26.01 21.48
CA SER B 284 -38.76 25.65 22.76
C SER B 284 -39.72 25.04 23.77
N ALA B 285 -41.03 25.14 23.53
CA ALA B 285 -42.05 24.52 24.37
C ALA B 285 -42.97 23.70 23.46
N CYS B 286 -42.85 22.37 23.51
CA CYS B 286 -43.56 21.52 22.57
C CYS B 286 -43.89 20.16 23.19
N PRO B 287 -44.58 20.11 24.33
CA PRO B 287 -44.75 18.84 25.04
C PRO B 287 -45.50 17.81 24.19
N PHE B 288 -45.00 16.57 24.22
CA PHE B 288 -45.56 15.51 23.40
C PHE B 288 -45.66 14.25 24.23
N SER B 289 -46.63 13.40 23.87
CA SER B 289 -46.99 12.28 24.72
C SER B 289 -47.34 11.09 23.85
N GLY B 290 -47.10 9.90 24.37
CA GLY B 290 -47.57 8.69 23.71
C GLY B 290 -48.16 7.71 24.68
N TRP B 291 -47.56 6.51 24.74
CA TRP B 291 -47.87 5.52 25.75
C TRP B 291 -46.59 4.76 26.07
N TYR B 292 -46.58 4.10 27.23
CA TYR B 292 -45.35 3.52 27.76
C TYR B 292 -45.01 2.18 27.12
N MET B 293 -43.71 1.94 27.00
CA MET B 293 -43.17 0.58 26.96
C MET B 293 -42.90 0.19 28.42
N GLY B 294 -43.33 -1.01 28.81
CA GLY B 294 -43.27 -1.40 30.22
C GLY B 294 -41.92 -1.22 30.88
N THR B 295 -40.82 -1.48 30.15
CA THR B 295 -39.50 -1.41 30.77
C THR B 295 -39.14 0.01 31.15
N GLU B 296 -39.75 1.02 30.54
CA GLU B 296 -39.49 2.38 30.97
C GLU B 296 -39.86 2.57 32.43
N ILE B 297 -41.00 1.98 32.84
CA ILE B 297 -41.39 1.99 34.24
C ILE B 297 -40.67 0.89 35.00
N GLY B 298 -40.74 -0.34 34.48
CA GLY B 298 -40.38 -1.51 35.26
C GLY B 298 -38.88 -1.68 35.47
N VAL B 299 -38.08 -1.36 34.45
CA VAL B 299 -36.62 -1.49 34.55
C VAL B 299 -35.98 -0.20 35.05
N ARG B 300 -36.30 0.93 34.42
CA ARG B 300 -35.61 2.19 34.68
C ARG B 300 -36.24 2.96 35.84
N ASP B 301 -37.56 3.25 35.76
CA ASP B 301 -38.24 4.04 36.78
C ASP B 301 -38.19 3.38 38.15
N TYR B 302 -38.24 2.05 38.23
CA TYR B 302 -38.31 1.37 39.53
C TYR B 302 -36.98 0.78 40.00
N CYS B 303 -36.06 0.46 39.06
CA CYS B 303 -34.89 -0.35 39.37
C CYS B 303 -33.54 0.28 39.06
N ASP B 304 -33.51 1.46 38.44
CA ASP B 304 -32.26 2.23 38.44
C ASP B 304 -31.85 2.52 39.88
N ASN B 305 -30.54 2.58 40.11
CA ASN B 305 -30.03 2.82 41.46
C ASN B 305 -30.32 4.23 41.93
N SER B 306 -30.34 5.22 41.02
CA SER B 306 -30.70 6.58 41.34
C SER B 306 -32.18 6.87 41.15
N ARG B 307 -33.01 5.82 41.05
CA ARG B 307 -34.46 5.99 40.95
C ARG B 307 -35.14 5.33 42.15
N TYR B 308 -36.27 4.65 41.94
CA TYR B 308 -37.03 4.19 43.10
C TYR B 308 -36.37 2.98 43.77
N ASN B 309 -35.55 2.22 43.05
CA ASN B 309 -34.58 1.27 43.64
C ASN B 309 -35.25 0.23 44.54
N ILE B 310 -36.27 -0.46 43.99
CA ILE B 310 -37.05 -1.42 44.77
C ILE B 310 -36.64 -2.87 44.49
N LEU B 311 -35.54 -3.08 43.77
CA LEU B 311 -35.04 -4.44 43.59
C LEU B 311 -34.89 -5.13 44.93
N GLU B 312 -34.28 -4.44 45.90
CA GLU B 312 -34.04 -4.98 47.23
C GLU B 312 -35.32 -5.54 47.85
N GLU B 313 -36.36 -4.70 47.99
CA GLU B 313 -37.56 -5.15 48.69
C GLU B 313 -38.24 -6.29 47.96
N VAL B 314 -38.26 -6.23 46.62
CA VAL B 314 -38.92 -7.30 45.87
C VAL B 314 -38.15 -8.60 46.05
N ALA B 315 -36.82 -8.55 45.92
CA ALA B 315 -36.02 -9.76 46.08
C ALA B 315 -36.12 -10.29 47.51
N LYS B 316 -36.20 -9.40 48.49
CA LYS B 316 -36.40 -9.84 49.88
C LYS B 316 -37.71 -10.60 50.03
N LYS B 317 -38.80 -9.98 49.57
CA LYS B 317 -40.08 -10.67 49.65
C LYS B 317 -40.12 -11.90 48.76
N MET B 318 -39.24 -12.00 47.77
CA MET B 318 -39.14 -13.22 46.99
C MET B 318 -38.24 -14.27 47.64
N ASN B 319 -37.63 -13.96 48.77
CA ASN B 319 -36.73 -14.87 49.49
C ASN B 319 -35.48 -15.22 48.67
N LEU B 320 -35.04 -14.36 47.78
CA LEU B 320 -33.88 -14.68 46.97
C LEU B 320 -32.60 -14.59 47.79
N ASP B 321 -31.61 -15.40 47.39
CA ASP B 321 -30.28 -15.35 47.99
C ASP B 321 -29.60 -14.08 47.52
N MET B 322 -29.55 -13.06 48.39
CA MET B 322 -29.00 -11.76 48.02
C MET B 322 -27.55 -11.58 48.47
N ARG B 323 -26.86 -12.67 48.80
CA ARG B 323 -25.45 -12.54 49.19
C ARG B 323 -24.53 -12.50 47.97
N LYS B 324 -24.62 -13.48 47.08
CA LYS B 324 -23.78 -13.49 45.88
C LYS B 324 -24.51 -12.88 44.70
N THR B 325 -23.77 -12.11 43.87
CA THR B 325 -24.39 -11.60 42.64
C THR B 325 -24.73 -12.73 41.68
N SER B 326 -23.92 -13.80 41.68
CA SER B 326 -24.10 -14.89 40.73
C SER B 326 -25.36 -15.70 40.98
N SER B 327 -26.06 -15.48 42.10
CA SER B 327 -27.42 -15.99 42.21
C SER B 327 -28.39 -15.28 41.28
N LEU B 328 -27.98 -14.15 40.69
CA LEU B 328 -28.81 -13.35 39.77
C LEU B 328 -30.14 -12.93 40.39
N TRP B 329 -30.11 -12.60 41.69
CA TRP B 329 -31.34 -12.14 42.33
C TRP B 329 -31.84 -10.83 41.74
N LYS B 330 -30.94 -9.88 41.43
CA LYS B 330 -31.36 -8.64 40.78
C LYS B 330 -32.11 -8.92 39.48
N ASP B 331 -31.54 -9.79 38.64
CA ASP B 331 -32.18 -10.13 37.36
C ASP B 331 -33.54 -10.78 37.59
N GLN B 332 -33.64 -11.65 38.60
CA GLN B 332 -34.89 -12.37 38.85
C GLN B 332 -35.97 -11.43 39.34
N ALA B 333 -35.62 -10.51 40.24
CA ALA B 333 -36.59 -9.54 40.74
C ALA B 333 -36.97 -8.51 39.69
N LEU B 334 -36.01 -8.09 38.86
CA LEU B 334 -36.30 -7.16 37.76
C LEU B 334 -37.41 -7.70 36.85
N VAL B 335 -37.32 -8.98 36.48
CA VAL B 335 -38.35 -9.58 35.62
C VAL B 335 -39.71 -9.50 36.29
N GLU B 336 -39.79 -9.88 37.57
CA GLU B 336 -41.10 -9.92 38.23
C GLU B 336 -41.71 -8.53 38.32
N ILE B 337 -40.90 -7.51 38.59
CA ILE B 337 -41.39 -6.14 38.61
C ILE B 337 -41.98 -5.78 37.25
N ASN B 338 -41.31 -6.17 36.18
CA ASN B 338 -41.79 -5.82 34.86
C ASN B 338 -43.03 -6.62 34.47
N ILE B 339 -43.15 -7.86 34.94
CA ILE B 339 -44.40 -8.60 34.78
C ILE B 339 -45.54 -7.85 35.44
N ALA B 340 -45.30 -7.37 36.67
CA ALA B 340 -46.33 -6.69 37.45
C ALA B 340 -46.82 -5.43 36.74
N VAL B 341 -45.87 -4.64 36.24
CA VAL B 341 -46.22 -3.41 35.52
C VAL B 341 -47.16 -3.71 34.37
N LEU B 342 -46.79 -4.68 33.51
CA LEU B 342 -47.61 -4.95 32.33
C LEU B 342 -48.97 -5.50 32.71
N TYR B 343 -49.01 -6.45 33.65
CA TYR B 343 -50.28 -7.00 34.13
C TYR B 343 -51.17 -5.90 34.69
N SER B 344 -50.60 -4.94 35.40
CA SER B 344 -51.42 -3.93 36.05
C SER B 344 -52.07 -3.01 35.02
N PHE B 345 -51.29 -2.54 34.05
CA PHE B 345 -51.85 -1.66 33.02
C PHE B 345 -52.90 -2.37 32.18
N GLN B 346 -52.63 -3.61 31.78
CA GLN B 346 -53.58 -4.36 30.97
C GLN B 346 -54.89 -4.60 31.73
N SER B 347 -54.79 -4.96 33.01
CA SER B 347 -55.98 -5.16 33.83
C SER B 347 -56.82 -3.89 33.89
N ASP B 348 -56.19 -2.73 34.01
CA ASP B 348 -56.90 -1.48 34.08
C ASP B 348 -57.19 -0.89 32.70
N LYS B 349 -56.87 -1.62 31.64
CA LYS B 349 -57.15 -1.18 30.26
C LYS B 349 -56.55 0.19 30.00
N VAL B 350 -55.31 0.37 30.42
CA VAL B 350 -54.51 1.54 30.09
C VAL B 350 -53.47 1.09 29.09
N THR B 351 -53.38 1.78 27.95
CA THR B 351 -52.48 1.39 26.87
C THR B 351 -51.05 1.24 27.37
N ILE B 352 -50.42 0.11 27.01
CA ILE B 352 -49.01 -0.14 27.26
C ILE B 352 -48.54 -1.17 26.24
N VAL B 353 -47.22 -1.22 26.01
CA VAL B 353 -46.62 -2.19 25.12
C VAL B 353 -45.40 -2.82 25.80
N ASP B 354 -45.25 -4.14 25.67
CA ASP B 354 -44.06 -4.79 26.20
C ASP B 354 -42.91 -4.70 25.20
N HIS B 355 -41.70 -4.89 25.71
CA HIS B 355 -40.52 -4.63 24.88
C HIS B 355 -40.41 -5.63 23.73
N HIS B 356 -40.96 -6.84 23.88
CA HIS B 356 -40.94 -7.77 22.75
C HIS B 356 -41.85 -7.29 21.62
N SER B 357 -43.08 -6.91 21.94
CA SER B 357 -43.98 -6.44 20.90
C SER B 357 -43.44 -5.17 20.23
N ALA B 358 -42.87 -4.26 21.02
CA ALA B 358 -42.43 -2.96 20.50
C ALA B 358 -41.23 -3.10 19.58
N THR B 359 -40.27 -3.96 19.93
CA THR B 359 -39.10 -4.08 19.08
C THR B 359 -39.45 -4.82 17.79
N GLU B 360 -40.36 -5.80 17.88
CA GLU B 360 -40.85 -6.43 16.66
C GLU B 360 -41.52 -5.41 15.75
N SER B 361 -42.41 -4.57 16.30
CA SER B 361 -43.03 -3.54 15.48
CA SER B 361 -43.04 -3.53 15.49
C SER B 361 -41.99 -2.62 14.86
N PHE B 362 -40.95 -2.26 15.63
CA PHE B 362 -39.95 -1.34 15.10
C PHE B 362 -39.20 -1.94 13.91
N ILE B 363 -38.91 -3.25 13.94
CA ILE B 363 -38.24 -3.88 12.81
C ILE B 363 -39.12 -3.82 11.57
N LYS B 364 -40.43 -4.10 11.72
CA LYS B 364 -41.32 -3.96 10.59
C LYS B 364 -41.35 -2.51 10.10
N HIS B 365 -41.39 -1.55 11.03
CA HIS B 365 -41.36 -0.14 10.66
C HIS B 365 -40.07 0.21 9.92
N MET B 366 -38.93 -0.15 10.51
CA MET B 366 -37.64 0.07 9.87
C MET B 366 -37.60 -0.46 8.44
N GLU B 367 -38.06 -1.70 8.24
CA GLU B 367 -38.02 -2.26 6.90
C GLU B 367 -38.94 -1.50 5.96
N ASN B 368 -40.13 -1.13 6.42
CA ASN B 368 -41.02 -0.32 5.59
C ASN B 368 -40.38 1.01 5.23
N GLU B 369 -39.76 1.67 6.21
CA GLU B 369 -39.06 2.94 5.97
C GLU B 369 -37.93 2.78 4.94
N TYR B 370 -37.15 1.71 5.01
CA TYR B 370 -36.12 1.54 3.99
C TYR B 370 -36.74 1.45 2.61
N ARG B 371 -37.88 0.75 2.50
CA ARG B 371 -38.55 0.57 1.21
C ARG B 371 -39.08 1.89 0.67
N CYS B 372 -39.97 2.55 1.41
CA CYS B 372 -40.65 3.71 0.86
C CYS B 372 -39.82 4.99 0.93
N ARG B 373 -38.86 5.07 1.85
CA ARG B 373 -38.14 6.30 2.13
C ARG B 373 -36.64 6.21 1.87
N GLY B 374 -36.08 5.01 1.70
CA GLY B 374 -34.65 4.90 1.49
C GLY B 374 -33.83 4.79 2.76
N GLY B 375 -34.48 4.74 3.92
CA GLY B 375 -33.77 4.41 5.14
C GLY B 375 -34.57 4.82 6.37
N CYS B 376 -33.91 4.66 7.51
CA CYS B 376 -34.51 4.96 8.80
C CYS B 376 -33.40 5.15 9.82
N PRO B 377 -33.08 6.38 10.20
CA PRO B 377 -32.00 6.60 11.18
C PRO B 377 -32.39 6.01 12.53
N ALA B 378 -31.46 5.29 13.14
CA ALA B 378 -31.78 4.55 14.35
C ALA B 378 -30.57 4.49 15.26
N ASP B 379 -30.80 4.68 16.55
CA ASP B 379 -29.74 4.69 17.56
C ASP B 379 -29.80 3.41 18.37
N TRP B 380 -28.95 2.43 18.00
CA TRP B 380 -29.01 1.09 18.59
C TRP B 380 -28.91 1.14 20.12
N VAL B 381 -27.98 1.94 20.64
CA VAL B 381 -27.79 2.16 22.08
C VAL B 381 -29.10 2.48 22.79
N TRP B 382 -29.99 3.22 22.14
CA TRP B 382 -31.28 3.55 22.75
C TRP B 382 -32.42 2.63 22.33
N ILE B 383 -32.35 2.05 21.13
CA ILE B 383 -33.44 1.22 20.60
C ILE B 383 -33.50 -0.13 21.33
N VAL B 384 -32.34 -0.76 21.56
CA VAL B 384 -32.31 -2.01 22.31
C VAL B 384 -32.83 -1.80 23.73
N PRO B 385 -33.80 -2.59 24.20
CA PRO B 385 -34.40 -2.35 25.53
C PRO B 385 -33.40 -2.57 26.65
N PRO B 386 -33.65 -1.97 27.83
CA PRO B 386 -32.68 -2.08 28.94
C PRO B 386 -32.67 -3.43 29.64
N MET B 387 -33.45 -4.42 29.21
CA MET B 387 -33.33 -5.78 29.73
C MET B 387 -33.56 -6.75 28.58
N SER B 388 -33.01 -7.97 28.73
CA SER B 388 -33.26 -9.05 27.78
C SER B 388 -32.90 -8.65 26.35
N GLY B 389 -31.89 -7.77 26.20
CA GLY B 389 -31.50 -7.25 24.91
C GLY B 389 -31.46 -8.23 23.77
N SER B 390 -30.65 -9.31 23.89
CA SER B 390 -30.45 -10.17 22.75
C SER B 390 -31.62 -11.07 22.42
N ILE B 391 -32.62 -11.19 23.29
CA ILE B 391 -33.73 -12.02 22.89
C ILE B 391 -34.79 -11.14 22.23
N THR B 392 -34.43 -9.84 21.97
CA THR B 392 -35.36 -9.09 21.13
C THR B 392 -34.78 -8.94 19.72
N PRO B 393 -35.60 -8.76 18.69
CA PRO B 393 -35.05 -8.77 17.32
C PRO B 393 -34.15 -7.58 17.01
N VAL B 394 -34.31 -6.42 17.68
CA VAL B 394 -33.47 -5.27 17.34
C VAL B 394 -32.01 -5.51 17.69
N PHE B 395 -31.71 -6.38 18.66
CA PHE B 395 -30.33 -6.58 19.09
C PHE B 395 -29.44 -7.01 17.92
N HIS B 396 -29.99 -7.82 17.02
CA HIS B 396 -29.27 -8.39 15.90
C HIS B 396 -29.36 -7.56 14.64
N GLN B 397 -29.99 -6.39 14.73
CA GLN B 397 -30.24 -5.53 13.59
C GLN B 397 -29.15 -4.44 13.53
N GLU B 398 -28.31 -4.47 12.50
CA GLU B 398 -27.46 -3.32 12.22
C GLU B 398 -28.32 -2.08 11.92
N MET B 399 -27.84 -0.91 12.36
CA MET B 399 -28.58 0.34 12.21
C MET B 399 -27.62 1.47 11.88
N LEU B 400 -28.09 2.45 11.14
CA LEU B 400 -27.32 3.64 10.83
C LEU B 400 -27.95 4.84 11.53
N ASN B 401 -27.11 5.64 12.18
CA ASN B 401 -27.55 6.81 12.92
C ASN B 401 -27.08 8.07 12.20
N TYR B 402 -28.02 8.95 11.90
CA TYR B 402 -27.72 10.24 11.28
C TYR B 402 -28.87 11.16 11.64
N ARG B 403 -28.66 12.45 11.42
CA ARG B 403 -29.62 13.45 11.89
C ARG B 403 -30.35 14.08 10.72
N LEU B 404 -31.67 13.91 10.68
CA LEU B 404 -32.52 14.56 9.71
C LEU B 404 -33.32 15.66 10.39
N THR B 405 -33.62 16.70 9.66
CA THR B 405 -34.52 17.72 10.17
C THR B 405 -35.82 17.71 9.36
N PRO B 406 -36.97 18.09 9.96
CA PRO B 406 -37.23 18.56 11.34
C PRO B 406 -36.82 17.57 12.42
N SER B 407 -36.56 18.06 13.63
CA SER B 407 -36.02 17.17 14.64
C SER B 407 -36.39 17.66 16.01
N PHE B 408 -36.33 16.73 16.97
CA PHE B 408 -36.36 17.06 18.39
C PHE B 408 -34.93 17.10 18.91
N GLU B 409 -34.61 18.15 19.66
CA GLU B 409 -33.28 18.37 20.19
C GLU B 409 -33.39 18.63 21.68
N TYR B 410 -32.29 18.35 22.38
CA TYR B 410 -32.10 18.80 23.75
C TYR B 410 -31.82 20.29 23.78
N GLN B 411 -32.13 20.90 24.92
CA GLN B 411 -31.87 22.30 25.17
C GLN B 411 -31.47 22.42 26.63
N PRO B 412 -30.76 23.48 27.00
CA PRO B 412 -30.36 23.62 28.40
C PRO B 412 -31.59 23.73 29.29
N ASP B 413 -31.43 23.30 30.53
CA ASP B 413 -32.48 23.47 31.53
C ASP B 413 -32.76 24.96 31.74
N PRO B 414 -34.02 25.36 31.91
CA PRO B 414 -34.32 26.79 31.94
C PRO B 414 -33.82 27.49 33.20
N TRP B 415 -33.70 26.77 34.32
CA TRP B 415 -33.18 27.40 35.53
C TRP B 415 -31.69 27.69 35.44
N ASN B 416 -30.99 27.18 34.42
CA ASN B 416 -29.59 27.54 34.24
C ASN B 416 -29.40 28.81 33.43
N THR B 417 -30.36 29.16 32.57
CA THR B 417 -30.21 30.33 31.72
C THR B 417 -31.19 31.46 32.01
N HIS B 418 -32.28 31.20 32.74
CA HIS B 418 -33.30 32.22 32.93
C HIS B 418 -32.77 33.31 33.85
N VAL B 419 -32.98 34.57 33.48
CA VAL B 419 -32.65 35.68 34.34
C VAL B 419 -33.96 36.23 34.92
N TRP B 420 -34.05 36.17 36.24
CA TRP B 420 -35.26 36.44 37.00
C TRP B 420 -35.58 37.93 37.02
N LYS B 421 -36.88 38.22 37.23
CA LYS B 421 -37.41 39.57 37.08
C LYS B 421 -37.98 40.17 38.35
N LEU B 422 -38.56 39.39 39.26
CA LEU B 422 -39.33 39.96 40.37
C LEU B 422 -38.46 40.19 41.60
N VAL B 423 -39.09 40.73 42.65
CA VAL B 423 -38.44 41.39 43.80
C VAL B 423 -37.24 42.25 43.35
N PRO C 2 10.80 -16.38 -31.70
CA PRO C 2 10.17 -16.65 -33.00
C PRO C 2 11.02 -17.56 -33.86
N ARG C 3 11.08 -17.26 -35.15
CA ARG C 3 12.16 -17.75 -36.00
C ARG C 3 13.12 -16.64 -36.40
N PHE C 4 12.73 -15.37 -36.25
CA PHE C 4 13.53 -14.22 -36.63
C PHE C 4 13.48 -13.17 -35.52
N LEU C 5 14.59 -12.50 -35.29
CA LEU C 5 14.64 -11.26 -34.51
C LEU C 5 15.40 -10.23 -35.33
N LYS C 6 14.95 -8.99 -35.33
CA LYS C 6 15.62 -7.97 -36.14
C LYS C 6 16.38 -7.00 -35.26
N VAL C 7 17.51 -6.52 -35.76
CA VAL C 7 18.25 -5.44 -35.13
C VAL C 7 18.48 -4.35 -36.15
N LYS C 8 18.33 -3.11 -35.70
CA LYS C 8 18.41 -1.92 -36.55
C LYS C 8 19.61 -1.08 -36.15
N ASN C 9 20.26 -0.48 -37.14
CA ASN C 9 21.22 0.58 -36.91
C ASN C 9 20.51 1.91 -37.12
N TRP C 10 20.48 2.75 -36.09
CA TRP C 10 19.69 3.97 -36.16
C TRP C 10 20.42 5.12 -36.85
N GLU C 11 21.70 4.98 -37.14
CA GLU C 11 22.46 5.95 -37.92
C GLU C 11 22.36 5.66 -39.41
N THR C 12 22.42 4.38 -39.81
CA THR C 12 22.43 3.98 -41.21
C THR C 12 21.09 3.44 -41.71
N GLU C 13 20.18 3.08 -40.81
CA GLU C 13 18.91 2.43 -41.08
C GLU C 13 19.04 0.97 -41.54
N VAL C 14 20.25 0.40 -41.55
CA VAL C 14 20.42 -1.00 -41.92
C VAL C 14 19.70 -1.89 -40.89
N VAL C 15 19.00 -2.90 -41.39
CA VAL C 15 18.31 -3.88 -40.54
C VAL C 15 18.85 -5.27 -40.84
N LEU C 16 19.17 -6.02 -39.79
CA LEU C 16 19.69 -7.38 -39.90
C LEU C 16 18.74 -8.35 -39.19
N THR C 17 18.80 -9.62 -39.60
CA THR C 17 17.89 -10.63 -39.09
C THR C 17 18.68 -11.74 -38.41
N ASP C 18 18.39 -11.97 -37.14
CA ASP C 18 19.13 -12.93 -36.34
C ASP C 18 18.30 -14.20 -36.23
N THR C 19 18.84 -15.29 -36.79
CA THR C 19 18.33 -16.62 -36.53
C THR C 19 19.24 -17.44 -35.64
N LEU C 20 20.49 -17.01 -35.46
CA LEU C 20 21.46 -17.78 -34.69
C LEU C 20 21.08 -17.89 -33.21
N HIS C 21 20.28 -16.96 -32.68
CA HIS C 21 19.88 -17.01 -31.28
C HIS C 21 19.10 -18.28 -30.96
N LEU C 22 18.51 -18.92 -31.96
CA LEU C 22 17.80 -20.19 -31.71
C LEU C 22 18.73 -21.30 -31.20
N LYS C 23 20.05 -21.13 -31.32
CA LYS C 23 20.98 -22.15 -30.85
C LYS C 23 21.66 -21.80 -29.53
N SER C 24 21.09 -20.89 -28.74
CA SER C 24 21.75 -20.48 -27.49
C SER C 24 21.36 -21.42 -26.35
N THR C 25 22.17 -21.43 -25.28
CA THR C 25 21.91 -22.41 -24.22
C THR C 25 21.98 -21.86 -22.79
N LEU C 26 23.17 -21.54 -22.27
CA LEU C 26 23.19 -21.01 -20.91
C LEU C 26 22.39 -19.71 -20.87
N GLU C 27 22.03 -19.30 -19.67
CA GLU C 27 21.15 -18.17 -19.52
C GLU C 27 21.91 -16.86 -19.65
N THR C 28 21.18 -15.82 -20.02
CA THR C 28 21.71 -14.47 -19.99
C THR C 28 21.73 -13.91 -18.58
N GLY C 29 20.92 -14.44 -17.68
CA GLY C 29 20.64 -13.80 -16.42
C GLY C 29 19.38 -12.96 -16.42
N CYS C 30 18.96 -12.47 -17.59
CA CYS C 30 17.71 -11.73 -17.63
C CYS C 30 16.52 -12.66 -17.48
N THR C 31 15.38 -12.10 -17.10
CA THR C 31 14.12 -12.81 -17.14
C THR C 31 13.18 -12.05 -18.06
N GLU C 32 11.95 -12.57 -18.21
CA GLU C 32 10.98 -11.88 -19.04
C GLU C 32 10.58 -10.53 -18.46
N TYR C 33 10.79 -10.32 -17.16
CA TYR C 33 10.36 -9.10 -16.51
C TYR C 33 11.51 -8.25 -15.98
N ILE C 34 12.74 -8.74 -15.99
CA ILE C 34 13.88 -7.97 -15.50
C ILE C 34 15.05 -8.14 -16.46
N CYS C 35 15.70 -7.04 -16.83
CA CYS C 35 16.89 -7.08 -17.66
C CYS C 35 18.12 -6.83 -16.79
N MET C 36 19.09 -7.72 -16.89
CA MET C 36 20.33 -7.66 -16.12
C MET C 36 21.53 -7.41 -17.02
N GLY C 37 21.31 -6.79 -18.17
CA GLY C 37 22.35 -6.52 -19.17
C GLY C 37 23.53 -5.71 -18.67
N SER C 38 23.43 -5.04 -17.53
CA SER C 38 24.60 -4.34 -16.99
C SER C 38 25.16 -4.96 -15.71
N ILE C 39 24.72 -6.16 -15.36
CA ILE C 39 25.33 -6.88 -14.25
C ILE C 39 26.61 -7.54 -14.75
N MET C 40 27.71 -7.40 -14.00
CA MET C 40 28.99 -7.90 -14.54
C MET C 40 29.05 -9.42 -14.53
N HIS C 41 28.76 -10.05 -13.40
CA HIS C 41 28.74 -11.51 -13.27
C HIS C 41 27.32 -11.94 -12.89
N PRO C 42 26.44 -12.18 -13.87
CA PRO C 42 25.11 -12.69 -13.49
C PRO C 42 25.05 -14.21 -13.47
N VAL C 52 32.05 -30.92 -10.85
CA VAL C 52 32.36 -31.40 -12.19
C VAL C 52 31.17 -32.14 -12.78
N ALA C 53 31.14 -32.20 -14.11
CA ALA C 53 29.99 -32.78 -14.81
C ALA C 53 29.93 -34.29 -14.63
N THR C 54 28.72 -34.82 -14.51
CA THR C 54 28.50 -36.25 -14.44
C THR C 54 28.49 -36.87 -15.84
N LYS C 55 28.50 -38.21 -15.88
CA LYS C 55 28.49 -38.92 -17.15
C LYS C 55 27.31 -38.49 -18.02
N ASP C 56 26.10 -38.55 -17.47
CA ASP C 56 24.91 -38.25 -18.24
C ASP C 56 24.75 -36.75 -18.53
N GLN C 57 25.35 -35.88 -17.72
CA GLN C 57 25.44 -34.49 -18.10
C GLN C 57 26.37 -34.31 -19.30
N LEU C 58 27.47 -35.07 -19.35
CA LEU C 58 28.50 -34.83 -20.37
C LEU C 58 28.04 -35.28 -21.76
N PHE C 59 27.34 -36.42 -21.83
CA PHE C 59 26.90 -36.99 -23.11
C PHE C 59 26.27 -35.96 -24.04
N PRO C 60 25.17 -35.28 -23.66
CA PRO C 60 24.55 -34.37 -24.62
C PRO C 60 25.40 -33.16 -24.94
N LEU C 61 26.24 -32.69 -24.01
CA LEU C 61 27.12 -31.57 -24.31
C LEU C 61 28.17 -31.99 -25.34
N ALA C 62 28.74 -33.18 -25.16
CA ALA C 62 29.70 -33.68 -26.14
C ALA C 62 29.05 -33.84 -27.50
N LYS C 63 27.85 -34.45 -27.53
CA LYS C 63 27.19 -34.69 -28.81
C LYS C 63 26.95 -33.38 -29.55
N GLU C 64 26.45 -32.36 -28.85
CA GLU C 64 26.15 -31.09 -29.52
C GLU C 64 27.41 -30.46 -30.11
N PHE C 65 28.53 -30.50 -29.37
CA PHE C 65 29.76 -29.97 -29.91
C PHE C 65 30.24 -30.77 -31.12
N ILE C 66 30.21 -32.10 -31.04
CA ILE C 66 30.69 -32.92 -32.17
C ILE C 66 29.81 -32.70 -33.39
N ASP C 67 28.48 -32.59 -33.17
CA ASP C 67 27.58 -32.30 -34.29
C ASP C 67 27.93 -30.98 -34.94
N GLN C 68 28.19 -29.96 -34.11
CA GLN C 68 28.53 -28.63 -34.62
C GLN C 68 29.87 -28.66 -35.36
N TYR C 69 30.84 -29.42 -34.84
CA TYR C 69 32.12 -29.52 -35.55
C TYR C 69 31.94 -30.18 -36.91
N TYR C 70 31.23 -31.30 -36.96
CA TYR C 70 31.12 -32.01 -38.23
C TYR C 70 30.23 -31.26 -39.20
N SER C 71 29.29 -30.45 -38.71
CA SER C 71 28.54 -29.60 -39.61
C SER C 71 29.42 -28.52 -40.21
N SER C 72 30.31 -27.93 -39.40
CA SER C 72 31.18 -26.86 -39.87
C SER C 72 32.11 -27.32 -40.99
N ILE C 73 32.53 -28.58 -40.99
CA ILE C 73 33.39 -29.12 -42.03
C ILE C 73 32.59 -29.89 -43.08
N LYS C 74 31.29 -29.67 -43.15
CA LYS C 74 30.42 -30.26 -44.17
C LYS C 74 30.58 -31.78 -44.21
N ARG C 75 30.57 -32.40 -43.03
CA ARG C 75 30.63 -33.85 -42.90
C ARG C 75 29.57 -34.35 -41.91
N PHE C 76 28.46 -33.61 -41.78
CA PHE C 76 27.42 -34.02 -40.85
C PHE C 76 26.73 -35.28 -41.35
N GLY C 77 26.52 -36.23 -40.45
CA GLY C 77 25.94 -37.51 -40.81
C GLY C 77 26.91 -38.49 -41.43
N SER C 78 28.17 -38.08 -41.64
CA SER C 78 29.15 -38.91 -42.31
C SER C 78 29.58 -40.09 -41.44
N LYS C 79 30.21 -41.07 -42.11
CA LYS C 79 30.78 -42.21 -41.43
C LYS C 79 31.76 -41.77 -40.34
N ALA C 80 32.61 -40.77 -40.64
CA ALA C 80 33.56 -40.28 -39.65
C ALA C 80 32.88 -39.57 -38.49
N HIS C 81 31.76 -38.87 -38.77
CA HIS C 81 30.99 -38.23 -37.71
C HIS C 81 30.39 -39.28 -36.77
N MET C 82 29.80 -40.35 -37.34
CA MET C 82 29.15 -41.36 -36.51
C MET C 82 30.16 -42.15 -35.69
N GLU C 83 31.36 -42.40 -36.23
CA GLU C 83 32.35 -43.12 -35.45
C GLU C 83 32.94 -42.25 -34.35
N ARG C 84 33.19 -40.96 -34.64
CA ARG C 84 33.65 -40.06 -33.59
C ARG C 84 32.64 -40.03 -32.43
N LEU C 85 31.36 -39.87 -32.76
CA LEU C 85 30.30 -39.89 -31.75
C LEU C 85 30.37 -41.15 -30.90
N GLU C 86 30.46 -42.32 -31.54
CA GLU C 86 30.54 -43.57 -30.81
C GLU C 86 31.81 -43.63 -29.96
N GLU C 87 32.93 -43.18 -30.51
CA GLU C 87 34.19 -43.18 -29.77
C GLU C 87 34.12 -42.26 -28.55
N VAL C 88 33.50 -41.08 -28.69
CA VAL C 88 33.38 -40.16 -27.56
C VAL C 88 32.51 -40.78 -26.48
N ASN C 89 31.36 -41.35 -26.87
CA ASN C 89 30.47 -42.03 -25.93
C ASN C 89 31.21 -43.11 -25.14
N LYS C 90 32.03 -43.92 -25.81
CA LYS C 90 32.78 -44.96 -25.11
C LYS C 90 33.71 -44.35 -24.07
N GLU C 91 34.45 -43.31 -24.46
CA GLU C 91 35.36 -42.66 -23.52
C GLU C 91 34.61 -42.16 -22.29
N ILE C 92 33.49 -41.46 -22.50
CA ILE C 92 32.69 -40.99 -21.38
C ILE C 92 32.23 -42.18 -20.53
N ASP C 93 31.76 -43.24 -21.18
CA ASP C 93 31.26 -44.41 -20.44
C ASP C 93 32.35 -45.02 -19.57
N THR C 94 33.57 -45.14 -20.09
CA THR C 94 34.62 -45.84 -19.36
C THR C 94 35.43 -44.94 -18.44
N THR C 95 35.58 -43.65 -18.76
CA THR C 95 36.48 -42.77 -18.03
C THR C 95 35.79 -41.57 -17.40
N SER C 96 34.50 -41.38 -17.64
CA SER C 96 33.71 -40.23 -17.20
C SER C 96 34.17 -38.93 -17.82
N THR C 97 34.98 -38.98 -18.87
CA THR C 97 35.38 -37.79 -19.60
C THR C 97 35.79 -38.24 -21.00
N TYR C 98 36.32 -37.31 -21.80
CA TYR C 98 36.88 -37.68 -23.10
C TYR C 98 37.94 -36.67 -23.51
N GLN C 99 38.63 -36.99 -24.59
CA GLN C 99 39.73 -36.17 -25.07
C GLN C 99 39.41 -35.61 -26.45
N LEU C 100 39.58 -34.30 -26.63
CA LEU C 100 39.39 -33.69 -27.94
C LEU C 100 40.53 -34.06 -28.90
N LYS C 101 40.19 -34.27 -30.17
CA LYS C 101 41.21 -34.31 -31.20
C LYS C 101 41.81 -32.92 -31.38
N ASP C 102 43.01 -32.88 -31.97
CA ASP C 102 43.67 -31.59 -32.16
C ASP C 102 42.82 -30.65 -33.02
N THR C 103 42.19 -31.19 -34.07
CA THR C 103 41.35 -30.37 -34.93
C THR C 103 40.19 -29.78 -34.14
N GLU C 104 39.58 -30.58 -33.28
CA GLU C 104 38.44 -30.15 -32.50
C GLU C 104 38.88 -29.07 -31.50
N LEU C 105 40.07 -29.23 -30.91
CA LEU C 105 40.58 -28.23 -29.98
C LEU C 105 40.75 -26.88 -30.67
N ILE C 106 41.38 -26.88 -31.86
CA ILE C 106 41.58 -25.63 -32.58
C ILE C 106 40.24 -24.97 -32.92
N TYR C 107 39.34 -25.76 -33.49
CA TYR C 107 38.00 -25.28 -33.83
C TYR C 107 37.29 -24.73 -32.60
N GLY C 108 37.39 -25.46 -31.50
CA GLY C 108 36.71 -25.03 -30.28
C GLY C 108 37.25 -23.71 -29.76
N ALA C 109 38.59 -23.58 -29.74
CA ALA C 109 39.20 -22.37 -29.22
C ALA C 109 38.86 -21.16 -30.08
N LYS C 110 38.87 -21.33 -31.41
CA LYS C 110 38.51 -20.24 -32.31
C LYS C 110 37.05 -19.82 -32.11
N HIS C 111 36.16 -20.79 -31.93
CA HIS C 111 34.76 -20.43 -31.82
C HIS C 111 34.42 -19.84 -30.45
N ALA C 112 35.16 -20.23 -29.42
CA ALA C 112 35.00 -19.53 -28.15
C ALA C 112 35.28 -18.04 -28.30
N TRP C 113 36.33 -17.68 -29.06
CA TRP C 113 36.56 -16.28 -29.37
C TRP C 113 35.43 -15.72 -30.22
N ARG C 114 35.04 -16.46 -31.27
CA ARG C 114 33.99 -15.97 -32.17
C ARG C 114 32.72 -15.66 -31.40
N ASN C 115 32.45 -16.41 -30.33
CA ASN C 115 31.24 -16.30 -29.53
C ASN C 115 31.36 -15.31 -28.37
N ALA C 116 32.52 -14.70 -28.14
CA ALA C 116 32.69 -13.85 -26.96
C ALA C 116 31.93 -12.53 -27.18
N SER C 117 30.71 -12.43 -26.63
CA SER C 117 29.88 -11.28 -26.96
CA SER C 117 29.84 -11.28 -26.88
C SER C 117 30.47 -9.95 -26.47
N ARG C 118 31.37 -9.98 -25.48
CA ARG C 118 31.97 -8.77 -24.95
C ARG C 118 33.22 -8.29 -25.69
N CYS C 119 33.63 -8.94 -26.79
CA CYS C 119 34.88 -8.65 -27.48
C CYS C 119 34.66 -7.90 -28.79
N VAL C 120 35.21 -6.68 -28.88
CA VAL C 120 35.10 -5.87 -30.10
C VAL C 120 36.11 -6.26 -31.16
N GLY C 121 37.05 -7.15 -30.86
CA GLY C 121 38.11 -7.47 -31.80
C GLY C 121 37.90 -8.76 -32.58
N ARG C 122 36.66 -9.23 -32.64
CA ARG C 122 36.37 -10.55 -33.19
C ARG C 122 36.46 -10.64 -34.71
N ILE C 123 36.66 -9.53 -35.44
CA ILE C 123 36.89 -9.70 -36.87
C ILE C 123 38.12 -10.58 -37.14
N GLN C 124 38.96 -10.79 -36.15
CA GLN C 124 40.21 -11.55 -36.26
C GLN C 124 40.09 -13.01 -35.84
N TRP C 125 38.88 -13.47 -35.49
CA TRP C 125 38.71 -14.72 -34.74
C TRP C 125 39.31 -15.94 -35.44
N SER C 126 39.22 -16.02 -36.78
CA SER C 126 39.71 -17.24 -37.42
C SER C 126 41.23 -17.24 -37.57
N LYS C 127 41.88 -16.13 -37.26
CA LYS C 127 43.33 -16.03 -37.25
C LYS C 127 43.82 -16.05 -35.79
N LEU C 128 43.78 -17.24 -35.22
CA LEU C 128 44.20 -17.48 -33.84
C LEU C 128 45.18 -18.64 -33.85
N GLN C 129 46.36 -18.42 -33.30
CA GLN C 129 47.36 -19.48 -33.22
C GLN C 129 47.12 -20.26 -31.93
N VAL C 130 46.87 -21.56 -32.06
CA VAL C 130 46.47 -22.40 -30.93
C VAL C 130 47.65 -23.25 -30.52
N PHE C 131 48.09 -23.11 -29.26
CA PHE C 131 49.17 -23.93 -28.72
C PHE C 131 48.59 -24.98 -27.78
N ASP C 132 48.76 -26.25 -28.15
CA ASP C 132 48.22 -27.38 -27.41
C ASP C 132 49.21 -27.74 -26.29
N ALA C 133 48.87 -27.42 -25.05
CA ALA C 133 49.71 -27.75 -23.90
C ALA C 133 49.08 -28.85 -23.04
N ARG C 134 48.23 -29.70 -23.64
CA ARG C 134 47.53 -30.70 -22.86
C ARG C 134 48.43 -31.82 -22.33
N ASP C 135 49.70 -31.90 -22.76
CA ASP C 135 50.64 -32.88 -22.21
C ASP C 135 51.41 -32.36 -20.99
N CYS C 136 51.15 -31.12 -20.56
CA CYS C 136 51.91 -30.52 -19.47
C CYS C 136 51.57 -31.17 -18.13
N THR C 137 52.55 -31.23 -17.23
CA THR C 137 52.32 -31.87 -15.93
C THR C 137 52.81 -31.07 -14.75
N THR C 138 53.66 -30.04 -14.93
CA THR C 138 54.23 -29.32 -13.80
C THR C 138 54.24 -27.82 -14.08
N ALA C 139 54.46 -27.05 -13.01
CA ALA C 139 54.50 -25.59 -13.11
C ALA C 139 55.66 -25.11 -13.97
N HIS C 140 56.81 -25.81 -13.89
CA HIS C 140 57.92 -25.49 -14.78
C HIS C 140 57.53 -25.68 -16.24
N GLY C 141 56.83 -26.77 -16.55
CA GLY C 141 56.35 -26.95 -17.90
C GLY C 141 55.42 -25.83 -18.32
N MET C 142 54.54 -25.38 -17.42
CA MET C 142 53.63 -24.27 -17.74
C MET C 142 54.43 -23.01 -18.03
N PHE C 143 55.42 -22.71 -17.19
CA PHE C 143 56.29 -21.56 -17.42
C PHE C 143 56.88 -21.60 -18.82
N ASN C 144 57.38 -22.77 -19.23
CA ASN C 144 58.00 -22.90 -20.54
C ASN C 144 56.98 -22.65 -21.65
N TYR C 145 55.79 -23.26 -21.55
CA TYR C 145 54.73 -23.02 -22.53
C TYR C 145 54.34 -21.53 -22.60
N ILE C 146 54.29 -20.85 -21.45
CA ILE C 146 53.86 -19.46 -21.41
C ILE C 146 54.93 -18.53 -21.98
N CYS C 147 56.21 -18.79 -21.66
CA CYS C 147 57.30 -18.05 -22.29
C CYS C 147 57.24 -18.15 -23.81
N ASN C 148 57.17 -19.37 -24.33
CA ASN C 148 57.02 -19.54 -25.77
C ASN C 148 55.81 -18.78 -26.32
N HIS C 149 54.67 -18.86 -25.63
CA HIS C 149 53.50 -18.09 -26.04
C HIS C 149 53.83 -16.60 -26.13
N VAL C 150 54.45 -16.05 -25.08
CA VAL C 150 54.75 -14.63 -25.06
C VAL C 150 55.64 -14.24 -26.22
N LYS C 151 56.68 -15.04 -26.47
CA LYS C 151 57.63 -14.69 -27.50
C LYS C 151 56.99 -14.73 -28.89
N TYR C 152 56.20 -15.78 -29.15
CA TYR C 152 55.51 -15.90 -30.43
C TYR C 152 54.52 -14.76 -30.65
N ALA C 153 53.73 -14.47 -29.62
CA ALA C 153 52.68 -13.45 -29.75
C ALA C 153 53.28 -12.05 -29.89
N THR C 154 54.38 -11.79 -29.18
CA THR C 154 54.96 -10.45 -29.22
C THR C 154 55.60 -10.18 -30.57
N ASN C 155 56.38 -11.13 -31.09
CA ASN C 155 56.87 -11.06 -32.47
C ASN C 155 57.56 -9.72 -32.75
N LYS C 156 58.34 -9.24 -31.78
CA LYS C 156 59.08 -7.97 -31.88
C LYS C 156 58.17 -6.75 -32.14
N GLY C 157 56.92 -6.80 -31.67
CA GLY C 157 55.97 -5.71 -31.82
C GLY C 157 54.92 -5.94 -32.88
N ASN C 158 55.13 -6.91 -33.76
CA ASN C 158 54.13 -7.24 -34.78
C ASN C 158 53.24 -8.33 -34.19
N LEU C 159 52.30 -7.89 -33.35
CA LEU C 159 51.62 -8.82 -32.44
C LEU C 159 50.73 -9.80 -33.19
N ARG C 160 50.67 -11.02 -32.68
CA ARG C 160 49.92 -12.13 -33.25
C ARG C 160 49.04 -12.73 -32.16
N SER C 161 47.76 -12.93 -32.45
CA SER C 161 46.88 -13.51 -31.45
CA SER C 161 46.86 -13.52 -31.47
C SER C 161 47.21 -15.00 -31.23
N ALA C 162 47.16 -15.42 -29.97
CA ALA C 162 47.49 -16.80 -29.65
C ALA C 162 46.80 -17.20 -28.36
N ILE C 163 46.67 -18.52 -28.19
CA ILE C 163 46.14 -19.11 -26.95
C ILE C 163 46.93 -20.38 -26.67
N THR C 164 47.18 -20.64 -25.39
CA THR C 164 47.81 -21.87 -24.94
C THR C 164 46.84 -22.59 -24.01
N ILE C 165 46.62 -23.88 -24.26
CA ILE C 165 45.56 -24.63 -23.58
C ILE C 165 46.18 -25.76 -22.77
N PHE C 166 46.02 -25.68 -21.46
CA PHE C 166 46.57 -26.64 -20.52
C PHE C 166 45.56 -27.76 -20.26
N PRO C 167 45.93 -28.82 -19.53
CA PRO C 167 45.00 -29.95 -19.37
C PRO C 167 43.67 -29.56 -18.74
N GLN C 168 42.60 -30.23 -19.19
CA GLN C 168 41.25 -29.95 -18.74
C GLN C 168 41.04 -30.37 -17.31
N ARG C 169 39.99 -29.82 -16.71
CA ARG C 169 39.56 -30.25 -15.40
C ARG C 169 39.21 -31.74 -15.43
N THR C 170 39.46 -32.40 -14.30
CA THR C 170 39.12 -33.82 -14.17
C THR C 170 38.14 -33.98 -13.02
N ASP C 171 38.64 -34.12 -11.80
CA ASP C 171 37.75 -34.19 -10.64
C ASP C 171 37.54 -32.85 -9.95
N GLY C 172 38.17 -31.78 -10.42
CA GLY C 172 38.11 -30.49 -9.74
C GLY C 172 39.15 -30.31 -8.64
N LYS C 173 39.90 -31.36 -8.30
CA LYS C 173 40.94 -31.29 -7.28
C LYS C 173 42.34 -31.32 -7.89
N HIS C 174 42.44 -31.28 -9.22
CA HIS C 174 43.72 -31.28 -9.92
C HIS C 174 43.76 -30.20 -11.00
N ASP C 175 43.14 -29.05 -10.75
CA ASP C 175 43.02 -28.00 -11.76
C ASP C 175 44.39 -27.41 -12.09
N PHE C 176 44.62 -27.14 -13.38
CA PHE C 176 45.67 -26.23 -13.79
C PHE C 176 45.12 -24.81 -13.78
N ARG C 177 45.84 -23.88 -13.16
CA ARG C 177 45.45 -22.47 -13.12
C ARG C 177 46.67 -21.60 -13.26
N VAL C 178 46.54 -20.54 -14.05
CA VAL C 178 47.42 -19.38 -13.95
C VAL C 178 46.77 -18.45 -12.94
N TRP C 179 47.48 -18.15 -11.84
CA TRP C 179 46.86 -17.32 -10.81
C TRP C 179 46.84 -15.84 -11.21
N ASN C 180 47.75 -15.41 -12.09
CA ASN C 180 47.69 -14.04 -12.60
C ASN C 180 46.41 -13.82 -13.39
N SER C 181 45.92 -12.58 -13.36
CA SER C 181 44.74 -12.26 -14.15
C SER C 181 45.14 -11.97 -15.59
N GLN C 182 46.31 -11.35 -15.80
CA GLN C 182 46.95 -11.31 -17.11
C GLN C 182 48.38 -11.79 -17.00
N LEU C 183 48.93 -12.29 -18.13
CA LEU C 183 50.31 -12.80 -18.11
C LEU C 183 51.30 -11.72 -17.70
N ILE C 184 51.10 -10.50 -18.18
CA ILE C 184 51.98 -9.36 -17.90
C ILE C 184 51.13 -8.28 -17.27
N ARG C 185 51.42 -7.94 -16.00
CA ARG C 185 50.81 -6.80 -15.33
C ARG C 185 51.83 -6.19 -14.39
N TYR C 186 51.56 -4.97 -13.94
CA TYR C 186 52.45 -4.29 -13.02
C TYR C 186 52.00 -4.48 -11.57
N ALA C 187 52.97 -4.52 -10.67
CA ALA C 187 52.69 -4.65 -9.25
C ALA C 187 52.04 -3.39 -8.70
N GLY C 188 51.28 -3.55 -7.62
CA GLY C 188 50.80 -2.43 -6.85
C GLY C 188 51.12 -2.62 -5.38
N TYR C 189 51.50 -1.54 -4.72
CA TYR C 189 51.91 -1.58 -3.31
C TYR C 189 51.19 -0.49 -2.53
N LYS C 190 50.35 -0.91 -1.58
CA LYS C 190 49.76 0.06 -0.65
C LYS C 190 50.82 0.53 0.34
N GLN C 191 50.82 1.82 0.63
CA GLN C 191 51.78 2.39 1.56
C GLN C 191 51.18 2.57 2.94
N PRO C 192 52.01 2.68 3.98
CA PRO C 192 51.48 2.98 5.32
C PRO C 192 50.62 4.24 5.36
N ASP C 193 50.93 5.25 4.55
CA ASP C 193 50.19 6.51 4.59
C ASP C 193 48.91 6.46 3.75
N GLY C 194 48.56 5.29 3.23
CA GLY C 194 47.36 5.13 2.44
C GLY C 194 47.53 5.31 0.95
N SER C 195 48.67 5.84 0.50
CA SER C 195 48.88 6.01 -0.94
C SER C 195 49.24 4.67 -1.59
N THR C 196 49.33 4.69 -2.92
CA THR C 196 49.60 3.48 -3.69
C THR C 196 50.76 3.71 -4.64
N LEU C 197 51.66 2.73 -4.71
CA LEU C 197 52.73 2.72 -5.69
C LEU C 197 52.39 1.71 -6.77
N GLY C 198 52.50 2.11 -8.02
CA GLY C 198 52.17 1.21 -9.13
C GLY C 198 50.69 1.07 -9.42
N ASP C 199 50.26 -0.14 -9.74
CA ASP C 199 48.90 -0.35 -10.22
C ASP C 199 47.97 -0.69 -9.06
N PRO C 200 47.04 0.18 -8.68
CA PRO C 200 46.16 -0.13 -7.53
C PRO C 200 45.27 -1.35 -7.74
N ALA C 201 44.95 -1.67 -8.99
CA ALA C 201 44.14 -2.86 -9.27
C ALA C 201 44.81 -4.16 -8.88
N ASN C 202 46.12 -4.16 -8.69
CA ASN C 202 46.84 -5.41 -8.50
C ASN C 202 47.41 -5.55 -7.09
N VAL C 203 46.93 -4.75 -6.14
CA VAL C 203 47.48 -4.78 -4.78
C VAL C 203 47.31 -6.16 -4.15
N GLN C 204 46.12 -6.74 -4.29
CA GLN C 204 45.87 -8.04 -3.67
C GLN C 204 46.79 -9.11 -4.26
N PHE C 205 46.87 -9.18 -5.59
CA PHE C 205 47.70 -10.23 -6.17
C PHE C 205 49.17 -9.99 -5.88
N THR C 206 49.60 -8.72 -5.84
CA THR C 206 50.97 -8.41 -5.45
C THR C 206 51.29 -8.92 -4.05
N GLU C 207 50.35 -8.75 -3.11
CA GLU C 207 50.59 -9.27 -1.75
C GLU C 207 50.73 -10.78 -1.74
N ILE C 208 49.90 -11.49 -2.53
CA ILE C 208 49.98 -12.94 -2.57
C ILE C 208 51.37 -13.37 -3.02
N CYS C 209 51.91 -12.72 -4.06
CA CYS C 209 53.23 -13.07 -4.57
C CYS C 209 54.29 -12.85 -3.51
N ILE C 210 54.25 -11.69 -2.85
CA ILE C 210 55.24 -11.39 -1.81
C ILE C 210 55.20 -12.46 -0.73
N GLN C 211 54.01 -12.89 -0.33
CA GLN C 211 53.90 -13.96 0.65
C GLN C 211 54.51 -15.25 0.14
N GLN C 212 54.27 -15.59 -1.13
CA GLN C 212 54.89 -16.78 -1.69
C GLN C 212 56.42 -16.67 -1.79
N GLY C 213 57.00 -15.54 -1.41
CA GLY C 213 58.45 -15.37 -1.45
C GLY C 213 59.00 -14.51 -2.57
N TRP C 214 58.14 -13.81 -3.32
CA TRP C 214 58.67 -12.88 -4.31
C TRP C 214 59.33 -11.67 -3.62
N LYS C 215 60.51 -11.27 -4.12
CA LYS C 215 61.22 -10.12 -3.61
C LYS C 215 60.86 -8.91 -4.48
N PRO C 216 60.01 -8.00 -4.02
CA PRO C 216 59.53 -6.94 -4.91
C PRO C 216 60.53 -5.82 -5.03
N PRO C 217 60.75 -5.29 -6.23
CA PRO C 217 61.61 -4.10 -6.37
C PRO C 217 61.05 -2.88 -5.68
N ARG C 218 59.72 -2.82 -5.50
CA ARG C 218 59.02 -1.65 -4.98
C ARG C 218 59.30 -0.42 -5.86
N GLY C 219 58.79 -0.51 -7.09
CA GLY C 219 58.86 0.56 -8.07
C GLY C 219 57.49 0.76 -8.70
N ARG C 220 57.38 1.66 -9.69
CA ARG C 220 56.07 1.97 -10.27
C ARG C 220 55.65 0.97 -11.35
N PHE C 221 56.59 0.31 -12.02
CA PHE C 221 56.28 -0.57 -13.14
C PHE C 221 57.08 -1.87 -13.00
N ASP C 222 56.87 -2.55 -11.87
CA ASP C 222 57.45 -3.87 -11.66
C ASP C 222 56.57 -4.90 -12.35
N VAL C 223 57.11 -5.59 -13.34
CA VAL C 223 56.37 -6.70 -13.93
C VAL C 223 56.24 -7.79 -12.88
N LEU C 224 55.01 -8.27 -12.68
CA LEU C 224 54.79 -9.27 -11.64
C LEU C 224 55.32 -10.64 -12.08
N PRO C 225 55.62 -11.51 -11.12
CA PRO C 225 56.03 -12.88 -11.48
C PRO C 225 54.82 -13.72 -11.87
N LEU C 226 55.08 -14.80 -12.60
CA LEU C 226 54.00 -15.74 -12.89
C LEU C 226 53.81 -16.64 -11.69
N LEU C 227 52.55 -16.91 -11.33
CA LEU C 227 52.19 -17.79 -10.22
C LEU C 227 51.39 -18.94 -10.82
N LEU C 228 52.04 -20.08 -11.05
CA LEU C 228 51.48 -21.15 -11.88
C LEU C 228 51.14 -22.37 -11.04
N GLN C 229 49.94 -22.92 -11.27
CA GLN C 229 49.45 -24.09 -10.57
C GLN C 229 49.19 -25.22 -11.55
N ALA C 230 49.85 -26.37 -11.32
CA ALA C 230 49.73 -27.56 -12.16
C ALA C 230 49.13 -28.70 -11.35
N ASN C 231 48.11 -29.35 -11.91
CA ASN C 231 47.56 -30.60 -11.38
C ASN C 231 47.06 -30.47 -9.95
N GLY C 232 46.54 -29.30 -9.59
CA GLY C 232 46.02 -29.06 -8.25
C GLY C 232 47.06 -28.83 -7.18
N ASN C 233 48.35 -28.75 -7.51
CA ASN C 233 49.35 -28.54 -6.48
C ASN C 233 49.44 -27.05 -6.11
N ASP C 234 50.15 -26.77 -5.02
CA ASP C 234 50.40 -25.39 -4.64
C ASP C 234 51.08 -24.66 -5.81
N PRO C 235 50.73 -23.41 -6.05
CA PRO C 235 51.32 -22.71 -7.19
C PRO C 235 52.76 -22.28 -6.91
N GLU C 236 53.49 -22.06 -8.00
CA GLU C 236 54.92 -21.77 -7.93
C GLU C 236 55.24 -20.49 -8.68
N LEU C 237 56.21 -19.74 -8.16
CA LEU C 237 56.60 -18.44 -8.72
C LEU C 237 57.67 -18.60 -9.79
N PHE C 238 57.57 -17.77 -10.84
CA PHE C 238 58.54 -17.72 -11.93
C PHE C 238 58.64 -16.29 -12.45
N GLN C 239 59.86 -15.88 -12.80
CA GLN C 239 60.10 -14.56 -13.35
C GLN C 239 60.15 -14.63 -14.87
N ILE C 240 59.22 -13.94 -15.53
CA ILE C 240 59.31 -13.90 -16.99
C ILE C 240 60.61 -13.24 -17.39
N PRO C 241 61.39 -13.81 -18.31
CA PRO C 241 62.65 -13.18 -18.72
C PRO C 241 62.41 -11.79 -19.28
N PRO C 242 63.11 -10.78 -18.77
CA PRO C 242 62.74 -9.39 -19.09
C PRO C 242 62.80 -9.07 -20.56
N GLU C 243 63.67 -9.76 -21.31
CA GLU C 243 63.77 -9.51 -22.74
C GLU C 243 62.56 -10.04 -23.50
N LEU C 244 61.70 -10.85 -22.87
CA LEU C 244 60.45 -11.23 -23.52
C LEU C 244 59.31 -10.24 -23.27
N VAL C 245 59.51 -9.21 -22.45
CA VAL C 245 58.43 -8.30 -22.06
C VAL C 245 58.62 -6.99 -22.81
N LEU C 246 57.83 -6.79 -23.86
CA LEU C 246 57.98 -5.60 -24.67
C LEU C 246 57.20 -4.45 -24.02
N GLU C 247 57.85 -3.30 -23.87
CA GLU C 247 57.22 -2.15 -23.24
C GLU C 247 57.39 -0.92 -24.12
N VAL C 248 56.50 0.05 -23.91
CA VAL C 248 56.43 1.25 -24.71
C VAL C 248 56.43 2.45 -23.77
N PRO C 249 57.46 3.29 -23.77
CA PRO C 249 57.41 4.54 -23.02
C PRO C 249 56.40 5.49 -23.65
N ILE C 250 55.60 6.15 -22.80
CA ILE C 250 54.50 6.98 -23.30
C ILE C 250 54.97 8.42 -23.40
N ARG C 251 54.95 8.96 -24.62
CA ARG C 251 55.22 10.36 -24.85
C ARG C 251 54.09 10.93 -25.70
N HIS C 252 54.03 12.26 -25.79
CA HIS C 252 52.95 12.94 -26.48
C HIS C 252 53.52 13.71 -27.66
N PRO C 253 52.81 13.73 -28.81
CA PRO C 253 53.38 14.38 -30.00
C PRO C 253 53.44 15.90 -29.90
N LYS C 254 52.61 16.54 -29.09
CA LYS C 254 52.62 17.98 -28.91
C LYS C 254 53.27 18.42 -27.61
N PHE C 255 53.04 17.70 -26.52
CA PHE C 255 53.41 18.14 -25.17
C PHE C 255 54.76 17.52 -24.79
N GLU C 256 55.80 18.36 -24.85
CA GLU C 256 57.16 17.92 -24.55
C GLU C 256 57.26 17.35 -23.15
N TRP C 257 56.48 17.87 -22.20
CA TRP C 257 56.58 17.45 -20.82
C TRP C 257 55.96 16.09 -20.54
N PHE C 258 55.20 15.52 -21.49
CA PHE C 258 54.48 14.30 -21.18
C PHE C 258 55.44 13.17 -20.81
N LYS C 259 56.51 13.02 -21.57
CA LYS C 259 57.49 11.98 -21.28
C LYS C 259 58.04 12.10 -19.87
N ASP C 260 58.05 13.31 -19.30
CA ASP C 260 58.58 13.49 -17.95
C ASP C 260 57.70 12.85 -16.88
N LEU C 261 56.48 12.43 -17.21
CA LEU C 261 55.67 11.71 -16.25
C LEU C 261 56.19 10.30 -15.97
N GLY C 262 57.19 9.85 -16.73
CA GLY C 262 57.82 8.56 -16.52
C GLY C 262 56.91 7.38 -16.76
N LEU C 263 55.96 7.51 -17.68
CA LEU C 263 54.96 6.47 -17.90
C LEU C 263 55.40 5.52 -19.00
N LYS C 264 55.06 4.24 -18.81
CA LYS C 264 55.21 3.25 -19.87
C LYS C 264 54.09 2.24 -19.71
N TRP C 265 53.90 1.43 -20.74
CA TRP C 265 52.99 0.29 -20.65
C TRP C 265 53.59 -0.89 -21.40
N TYR C 266 53.01 -2.05 -21.15
CA TYR C 266 53.46 -3.27 -21.81
C TYR C 266 52.67 -3.48 -23.09
N GLY C 267 53.28 -4.14 -24.07
CA GLY C 267 52.63 -4.19 -25.38
C GLY C 267 51.63 -5.30 -25.57
N LEU C 268 51.66 -6.33 -24.73
CA LEU C 268 50.91 -7.55 -25.00
C LEU C 268 49.79 -7.75 -23.99
N PRO C 269 48.51 -7.63 -24.37
CA PRO C 269 47.44 -7.95 -23.43
C PRO C 269 47.07 -9.42 -23.49
N ALA C 270 47.10 -10.11 -22.36
CA ALA C 270 46.99 -11.56 -22.34
C ALA C 270 46.19 -12.01 -21.12
N VAL C 271 44.92 -12.35 -21.33
CA VAL C 271 44.03 -12.71 -20.24
C VAL C 271 44.29 -14.16 -19.82
N SER C 272 44.50 -14.38 -18.53
CA SER C 272 44.92 -15.69 -18.06
C SER C 272 44.03 -16.27 -16.96
N ASN C 273 42.89 -15.62 -16.61
CA ASN C 273 42.07 -16.14 -15.52
C ASN C 273 40.71 -16.69 -15.96
N MET C 274 40.48 -16.85 -17.24
CA MET C 274 39.19 -17.34 -17.72
C MET C 274 39.19 -18.83 -17.98
N LEU C 275 37.99 -19.37 -18.11
CA LEU C 275 37.81 -20.79 -18.31
C LEU C 275 37.26 -21.02 -19.71
N LEU C 276 37.84 -21.96 -20.43
CA LEU C 276 37.46 -22.28 -21.80
C LEU C 276 36.62 -23.56 -21.77
N GLU C 277 35.37 -23.47 -22.21
CA GLU C 277 34.47 -24.60 -22.21
C GLU C 277 34.24 -25.05 -23.65
N ILE C 278 34.54 -26.31 -23.92
CA ILE C 278 34.37 -26.89 -25.26
C ILE C 278 33.74 -28.25 -25.08
N GLY C 279 32.53 -28.42 -25.62
CA GLY C 279 31.86 -29.72 -25.59
C GLY C 279 31.69 -30.30 -24.20
N GLY C 280 31.46 -29.44 -23.20
CA GLY C 280 31.34 -29.87 -21.83
C GLY C 280 32.66 -29.99 -21.08
N LEU C 281 33.79 -30.03 -21.78
CA LEU C 281 35.08 -30.09 -21.11
C LEU C 281 35.50 -28.69 -20.68
N GLU C 282 36.17 -28.62 -19.53
CA GLU C 282 36.52 -27.34 -18.92
C GLU C 282 38.03 -27.20 -18.85
N PHE C 283 38.56 -26.20 -19.55
CA PHE C 283 39.99 -25.92 -19.58
C PHE C 283 40.20 -24.70 -18.69
N SER C 284 40.58 -24.95 -17.44
CA SER C 284 40.66 -23.90 -16.42
C SER C 284 41.90 -23.01 -16.56
N ALA C 285 42.88 -23.41 -17.37
CA ALA C 285 44.05 -22.56 -17.66
C ALA C 285 44.20 -22.49 -19.18
N CYS C 286 43.96 -21.31 -19.74
CA CYS C 286 43.93 -21.16 -21.19
C CYS C 286 44.33 -19.75 -21.60
N PRO C 287 45.51 -19.26 -21.20
CA PRO C 287 45.83 -17.84 -21.43
C PRO C 287 45.83 -17.51 -22.92
N PHE C 288 45.26 -16.36 -23.25
CA PHE C 288 45.11 -15.92 -24.63
C PHE C 288 45.44 -14.44 -24.76
N SER C 289 45.94 -14.05 -25.93
CA SER C 289 46.48 -12.72 -26.10
C SER C 289 46.12 -12.18 -27.48
N GLY C 290 46.03 -10.87 -27.58
CA GLY C 290 45.86 -10.22 -28.86
C GLY C 290 46.72 -8.99 -28.95
N TRP C 291 46.11 -7.84 -29.25
CA TRP C 291 46.78 -6.56 -29.15
C TRP C 291 45.76 -5.55 -28.57
N TYR C 292 46.27 -4.43 -28.07
CA TYR C 292 45.44 -3.47 -27.36
C TYR C 292 44.61 -2.58 -28.28
N MET C 293 43.41 -2.24 -27.82
CA MET C 293 42.76 -1.01 -28.22
C MET C 293 43.21 0.11 -27.28
N GLY C 294 43.54 1.27 -27.84
CA GLY C 294 44.20 2.31 -27.05
C GLY C 294 43.46 2.70 -25.78
N THR C 295 42.13 2.69 -25.81
CA THR C 295 41.38 3.14 -24.63
C THR C 295 41.50 2.17 -23.47
N GLU C 296 41.83 0.89 -23.73
CA GLU C 296 42.02 -0.01 -22.61
C GLU C 296 43.14 0.48 -21.71
N ILE C 297 44.19 1.04 -22.32
CA ILE C 297 45.31 1.62 -21.57
C ILE C 297 44.97 3.03 -21.14
N GLY C 298 44.65 3.89 -22.12
CA GLY C 298 44.59 5.33 -21.94
C GLY C 298 43.37 5.86 -21.21
N VAL C 299 42.25 5.13 -21.22
CA VAL C 299 41.06 5.52 -20.48
C VAL C 299 40.94 4.76 -19.17
N ARG C 300 41.08 3.43 -19.21
CA ARG C 300 40.82 2.59 -18.06
C ARG C 300 42.07 2.37 -17.20
N ASP C 301 43.16 1.86 -17.82
CA ASP C 301 44.39 1.60 -17.09
C ASP C 301 45.00 2.87 -16.50
N TYR C 302 44.87 4.01 -17.17
CA TYR C 302 45.49 5.24 -16.69
C TYR C 302 44.56 6.14 -15.91
N CYS C 303 43.25 6.16 -16.24
CA CYS C 303 42.33 7.19 -15.78
C CYS C 303 41.18 6.70 -14.92
N ASP C 304 41.00 5.39 -14.73
CA ASP C 304 40.07 4.94 -13.71
C ASP C 304 40.52 5.45 -12.33
N ASN C 305 39.53 5.82 -11.51
CA ASN C 305 39.82 6.42 -10.21
C ASN C 305 40.63 5.48 -9.32
N SER C 306 40.32 4.18 -9.33
CA SER C 306 41.07 3.19 -8.58
C SER C 306 42.13 2.49 -9.45
N ARG C 307 42.54 3.11 -10.57
CA ARG C 307 43.72 2.69 -11.31
C ARG C 307 44.84 3.72 -11.14
N TYR C 308 45.63 3.96 -12.19
CA TYR C 308 46.79 4.82 -11.99
C TYR C 308 46.38 6.26 -11.76
N ASN C 309 45.20 6.66 -12.26
CA ASN C 309 44.52 7.90 -11.85
C ASN C 309 45.42 9.13 -12.07
N ILE C 310 45.89 9.32 -13.30
CA ILE C 310 46.81 10.40 -13.64
C ILE C 310 46.12 11.57 -14.31
N LEU C 311 44.78 11.60 -14.31
CA LEU C 311 44.08 12.74 -14.86
C LEU C 311 44.52 14.03 -14.20
N GLU C 312 44.55 14.04 -12.86
CA GLU C 312 44.90 15.24 -12.11
C GLU C 312 46.26 15.79 -12.53
N GLU C 313 47.27 14.92 -12.61
CA GLU C 313 48.60 15.42 -12.96
C GLU C 313 48.63 15.94 -14.39
N VAL C 314 48.03 15.20 -15.34
CA VAL C 314 48.04 15.64 -16.73
C VAL C 314 47.31 16.96 -16.87
N ALA C 315 46.17 17.10 -16.17
CA ALA C 315 45.42 18.33 -16.21
C ALA C 315 46.18 19.47 -15.55
N LYS C 316 46.92 19.17 -14.48
CA LYS C 316 47.80 20.17 -13.88
C LYS C 316 48.80 20.69 -14.90
N LYS C 317 49.51 19.76 -15.56
CA LYS C 317 50.48 20.15 -16.57
C LYS C 317 49.85 20.88 -17.74
N MET C 318 48.56 20.68 -18.01
CA MET C 318 47.88 21.40 -19.07
C MET C 318 47.33 22.75 -18.63
N ASN C 319 47.57 23.15 -17.37
CA ASN C 319 47.07 24.42 -16.82
CA ASN C 319 47.08 24.42 -16.82
C ASN C 319 45.55 24.51 -16.89
N LEU C 320 44.87 23.37 -16.80
CA LEU C 320 43.42 23.37 -16.88
C LEU C 320 42.81 23.91 -15.58
N ASP C 321 41.62 24.50 -15.70
CA ASP C 321 40.89 24.95 -14.52
C ASP C 321 40.18 23.76 -13.92
N MET C 322 40.72 23.23 -12.81
CA MET C 322 40.19 22.05 -12.17
C MET C 322 39.29 22.39 -11.00
N ARG C 323 38.80 23.64 -10.92
CA ARG C 323 37.96 24.03 -9.81
C ARG C 323 36.51 23.57 -9.99
N LYS C 324 36.02 23.49 -11.23
CA LYS C 324 34.64 23.07 -11.47
C LYS C 324 34.59 22.01 -12.56
N THR C 325 33.61 21.11 -12.45
CA THR C 325 33.51 20.02 -13.40
C THR C 325 33.13 20.52 -14.79
N SER C 326 32.32 21.57 -14.87
CA SER C 326 31.80 22.04 -16.14
C SER C 326 32.89 22.60 -17.05
N SER C 327 34.10 22.83 -16.55
CA SER C 327 35.20 23.10 -17.47
C SER C 327 35.58 21.89 -18.31
N LEU C 328 35.09 20.69 -17.95
CA LEU C 328 35.44 19.42 -18.61
C LEU C 328 36.95 19.21 -18.67
N TRP C 329 37.64 19.57 -17.60
CA TRP C 329 39.08 19.34 -17.55
C TRP C 329 39.39 17.84 -17.56
N LYS C 330 38.57 17.01 -16.91
CA LYS C 330 38.80 15.57 -16.96
C LYS C 330 38.68 15.03 -18.37
N ASP C 331 37.60 15.40 -19.06
CA ASP C 331 37.42 15.01 -20.46
C ASP C 331 38.60 15.47 -21.31
N GLN C 332 39.07 16.71 -21.09
CA GLN C 332 40.13 17.27 -21.91
C GLN C 332 41.44 16.50 -21.74
N ALA C 333 41.80 16.19 -20.50
CA ALA C 333 43.04 15.46 -20.24
C ALA C 333 42.92 13.99 -20.61
N LEU C 334 41.73 13.40 -20.50
CA LEU C 334 41.53 12.03 -20.95
C LEU C 334 41.87 11.87 -22.43
N VAL C 335 41.45 12.84 -23.26
CA VAL C 335 41.73 12.72 -24.69
C VAL C 335 43.23 12.78 -24.94
N GLU C 336 43.92 13.74 -24.30
CA GLU C 336 45.35 13.91 -24.54
C GLU C 336 46.13 12.66 -24.14
N ILE C 337 45.72 12.01 -23.04
CA ILE C 337 46.40 10.79 -22.61
C ILE C 337 46.24 9.71 -23.67
N ASN C 338 45.04 9.60 -24.24
CA ASN C 338 44.80 8.56 -25.23
C ASN C 338 45.49 8.87 -26.55
N ILE C 339 45.67 10.14 -26.89
CA ILE C 339 46.48 10.50 -28.05
C ILE C 339 47.91 10.02 -27.84
N ALA C 340 48.46 10.28 -26.65
CA ALA C 340 49.83 9.88 -26.33
C ALA C 340 50.02 8.38 -26.43
N VAL C 341 49.08 7.61 -25.87
CA VAL C 341 49.15 6.15 -25.91
C VAL C 341 49.28 5.66 -27.35
N LEU C 342 48.42 6.15 -28.25
CA LEU C 342 48.43 5.67 -29.63
C LEU C 342 49.68 6.13 -30.37
N TYR C 343 50.05 7.40 -30.18
CA TYR C 343 51.25 7.92 -30.81
C TYR C 343 52.48 7.14 -30.38
N SER C 344 52.53 6.75 -29.11
CA SER C 344 53.71 6.07 -28.59
C SER C 344 53.83 4.66 -29.17
N PHE C 345 52.73 3.91 -29.17
CA PHE C 345 52.76 2.55 -29.73
C PHE C 345 53.07 2.58 -31.22
N GLN C 346 52.47 3.52 -31.96
CA GLN C 346 52.70 3.59 -33.40
C GLN C 346 54.15 3.95 -33.71
N SER C 347 54.72 4.91 -32.96
CA SER C 347 56.12 5.29 -33.16
C SER C 347 57.06 4.11 -32.90
N ASP C 348 56.75 3.30 -31.90
CA ASP C 348 57.59 2.14 -31.60
C ASP C 348 57.20 0.92 -32.40
N LYS C 349 56.28 1.05 -33.37
CA LYS C 349 55.84 -0.04 -34.24
C LYS C 349 55.42 -1.26 -33.42
N VAL C 350 54.60 -0.99 -32.42
CA VAL C 350 53.93 -2.01 -31.63
C VAL C 350 52.45 -1.95 -31.97
N THR C 351 51.89 -3.09 -32.38
CA THR C 351 50.50 -3.13 -32.84
C THR C 351 49.53 -2.56 -31.81
N ILE C 352 48.62 -1.70 -32.29
CA ILE C 352 47.57 -1.13 -31.45
C ILE C 352 46.47 -0.67 -32.40
N VAL C 353 45.26 -0.51 -31.87
CA VAL C 353 44.13 -0.07 -32.67
C VAL C 353 43.37 1.00 -31.87
N ASP C 354 43.01 2.09 -32.54
CA ASP C 354 42.23 3.10 -31.85
C ASP C 354 40.76 2.71 -31.86
N HIS C 355 39.99 3.35 -30.98
CA HIS C 355 38.61 2.90 -30.81
C HIS C 355 37.76 3.19 -32.02
N HIS C 356 38.08 4.21 -32.82
CA HIS C 356 37.31 4.45 -34.03
C HIS C 356 37.55 3.34 -35.05
N SER C 357 38.81 2.94 -35.26
CA SER C 357 39.08 1.86 -36.18
CA SER C 357 39.10 1.85 -36.17
C SER C 357 38.49 0.54 -35.69
N ALA C 358 38.62 0.24 -34.40
CA ALA C 358 38.14 -1.03 -33.88
C ALA C 358 36.63 -1.17 -34.05
N THR C 359 35.88 -0.10 -33.73
CA THR C 359 34.43 -0.23 -33.77
C THR C 359 33.91 -0.28 -35.20
N GLU C 360 34.50 0.48 -36.11
CA GLU C 360 34.15 0.34 -37.52
C GLU C 360 34.39 -1.08 -38.01
N SER C 361 35.52 -1.68 -37.64
CA SER C 361 35.78 -3.05 -38.05
C SER C 361 34.73 -4.00 -37.48
N PHE C 362 34.36 -3.80 -36.22
CA PHE C 362 33.40 -4.71 -35.60
C PHE C 362 32.05 -4.68 -36.31
N ILE C 363 31.60 -3.49 -36.74
CA ILE C 363 30.35 -3.39 -37.50
C ILE C 363 30.43 -4.19 -38.81
N LYS C 364 31.55 -4.03 -39.53
CA LYS C 364 31.74 -4.85 -40.72
C LYS C 364 31.72 -6.33 -40.36
N HIS C 365 32.35 -6.68 -39.24
CA HIS C 365 32.35 -8.07 -38.80
C HIS C 365 30.95 -8.54 -38.46
N MET C 366 30.23 -7.74 -37.67
CA MET C 366 28.87 -8.10 -37.30
C MET C 366 28.02 -8.34 -38.54
N GLU C 367 28.10 -7.44 -39.52
CA GLU C 367 27.27 -7.59 -40.71
C GLU C 367 27.66 -8.85 -41.48
N ASN C 368 28.96 -9.14 -41.57
CA ASN C 368 29.38 -10.37 -42.22
C ASN C 368 28.87 -11.59 -41.48
N GLU C 369 28.94 -11.56 -40.13
CA GLU C 369 28.45 -12.67 -39.33
C GLU C 369 26.96 -12.90 -39.51
N TYR C 370 26.16 -11.84 -39.58
CA TYR C 370 24.74 -12.03 -39.80
C TYR C 370 24.49 -12.70 -41.16
N ARG C 371 25.29 -12.34 -42.16
CA ARG C 371 25.13 -12.92 -43.50
C ARG C 371 25.50 -14.40 -43.51
N CYS C 372 26.71 -14.74 -43.09
CA CYS C 372 27.18 -16.10 -43.24
C CYS C 372 26.79 -17.02 -42.09
N ARG C 373 26.46 -16.46 -40.91
CA ARG C 373 26.17 -17.28 -39.75
C ARG C 373 24.76 -17.13 -39.21
N GLY C 374 24.04 -16.08 -39.59
CA GLY C 374 22.72 -15.85 -39.03
C GLY C 374 22.68 -15.02 -37.76
N GLY C 375 23.80 -14.44 -37.36
CA GLY C 375 23.78 -13.54 -36.22
C GLY C 375 25.16 -13.40 -35.61
N CYS C 376 25.21 -12.58 -34.59
CA CYS C 376 26.46 -12.28 -33.90
C CYS C 376 26.11 -11.79 -32.49
N PRO C 377 26.24 -12.64 -31.49
CA PRO C 377 25.97 -12.20 -30.11
C PRO C 377 26.92 -11.08 -29.71
N ALA C 378 26.36 -10.00 -29.18
CA ALA C 378 27.14 -8.82 -28.86
C ALA C 378 26.58 -8.13 -27.63
N ASP C 379 27.48 -7.68 -26.75
CA ASP C 379 27.14 -7.03 -25.48
C ASP C 379 27.45 -5.53 -25.60
N TRP C 380 26.40 -4.75 -25.88
CA TRP C 380 26.55 -3.33 -26.18
C TRP C 380 27.27 -2.60 -25.05
N VAL C 381 26.94 -2.94 -23.80
CA VAL C 381 27.55 -2.36 -22.61
C VAL C 381 29.07 -2.47 -22.64
N TRP C 382 29.60 -3.57 -23.20
CA TRP C 382 31.05 -3.75 -23.31
C TRP C 382 31.62 -3.34 -24.66
N ILE C 383 30.84 -3.48 -25.74
CA ILE C 383 31.36 -3.18 -27.09
C ILE C 383 31.56 -1.68 -27.27
N VAL C 384 30.66 -0.86 -26.73
CA VAL C 384 30.81 0.60 -26.85
C VAL C 384 32.05 1.07 -26.07
N PRO C 385 32.94 1.85 -26.69
CA PRO C 385 34.19 2.21 -26.00
C PRO C 385 33.95 3.11 -24.82
N PRO C 386 34.87 3.12 -23.83
CA PRO C 386 34.63 3.88 -22.58
C PRO C 386 34.83 5.38 -22.72
N MET C 387 35.04 5.88 -23.93
CA MET C 387 35.07 7.31 -24.19
C MET C 387 34.49 7.55 -25.57
N SER C 388 34.00 8.78 -25.78
CA SER C 388 33.51 9.22 -27.10
C SER C 388 32.48 8.26 -27.66
N GLY C 389 31.63 7.71 -26.78
CA GLY C 389 30.77 6.60 -27.15
C GLY C 389 29.95 6.83 -28.41
N SER C 390 29.24 7.96 -28.47
CA SER C 390 28.27 8.11 -29.56
C SER C 390 28.91 8.57 -30.86
N ILE C 391 30.18 8.96 -30.86
CA ILE C 391 30.76 9.31 -32.14
C ILE C 391 31.43 8.08 -32.76
N THR C 392 31.21 6.90 -32.15
CA THR C 392 31.61 5.66 -32.81
C THR C 392 30.38 4.95 -33.37
N PRO C 393 30.53 4.12 -34.41
CA PRO C 393 29.34 3.54 -35.05
C PRO C 393 28.62 2.50 -34.21
N VAL C 394 29.27 1.84 -33.24
CA VAL C 394 28.60 0.79 -32.49
C VAL C 394 27.51 1.38 -31.59
N PHE C 395 27.67 2.64 -31.18
CA PHE C 395 26.71 3.25 -30.26
C PHE C 395 25.30 3.21 -30.82
N HIS C 396 25.15 3.37 -32.13
CA HIS C 396 23.86 3.44 -32.79
C HIS C 396 23.39 2.09 -33.31
N GLN C 397 24.14 1.03 -33.03
CA GLN C 397 23.87 -0.32 -33.51
C GLN C 397 23.11 -1.10 -32.43
N GLU C 398 21.89 -1.50 -32.72
CA GLU C 398 21.20 -2.48 -31.87
C GLU C 398 21.93 -3.82 -31.95
N MET C 399 22.01 -4.51 -30.82
CA MET C 399 22.72 -5.79 -30.71
C MET C 399 21.90 -6.73 -29.86
N LEU C 400 22.00 -8.02 -30.16
CA LEU C 400 21.37 -9.07 -29.36
C LEU C 400 22.46 -9.85 -28.64
N ASN C 401 22.26 -10.08 -27.34
CA ASN C 401 23.22 -10.79 -26.51
C ASN C 401 22.67 -12.15 -26.11
N TYR C 402 23.45 -13.21 -26.37
CA TYR C 402 23.07 -14.57 -26.01
C TYR C 402 24.33 -15.41 -25.97
N ARG C 403 24.27 -16.53 -25.26
CA ARG C 403 25.47 -17.34 -25.04
C ARG C 403 25.48 -18.54 -25.97
N LEU C 404 26.52 -18.63 -26.78
CA LEU C 404 26.79 -19.81 -27.59
C LEU C 404 28.00 -20.53 -27.00
N THR C 405 28.01 -21.84 -27.16
CA THR C 405 29.20 -22.58 -26.79
CA THR C 405 29.16 -22.66 -26.79
C THR C 405 29.84 -23.18 -28.04
N PRO C 406 31.18 -23.41 -28.03
CA PRO C 406 32.21 -23.17 -27.01
C PRO C 406 32.30 -21.72 -26.51
N SER C 407 32.73 -21.53 -25.28
CA SER C 407 32.69 -20.20 -24.71
C SER C 407 33.82 -20.00 -23.71
N PHE C 408 34.18 -18.74 -23.51
CA PHE C 408 34.98 -18.33 -22.37
C PHE C 408 34.06 -17.89 -21.25
N GLU C 409 34.39 -18.32 -20.03
CA GLU C 409 33.59 -18.06 -18.85
C GLU C 409 34.50 -17.52 -17.76
N TYR C 410 33.91 -16.77 -16.84
CA TYR C 410 34.58 -16.43 -15.60
C TYR C 410 34.63 -17.65 -14.68
N GLN C 411 35.57 -17.61 -13.76
CA GLN C 411 35.75 -18.66 -12.76
C GLN C 411 36.24 -18.00 -11.48
N PRO C 412 36.04 -18.63 -10.33
CA PRO C 412 36.47 -18.01 -9.08
C PRO C 412 37.97 -17.82 -9.06
N ASP C 413 38.42 -16.80 -8.32
CA ASP C 413 39.85 -16.61 -8.13
C ASP C 413 40.42 -17.81 -7.38
N PRO C 414 41.61 -18.29 -7.76
CA PRO C 414 42.07 -19.57 -7.19
C PRO C 414 42.45 -19.47 -5.73
N TRP C 415 42.87 -18.31 -5.23
CA TRP C 415 43.16 -18.21 -3.80
C TRP C 415 41.90 -18.32 -2.95
N ASN C 416 40.71 -18.14 -3.54
CA ASN C 416 39.50 -18.30 -2.75
C ASN C 416 39.14 -19.77 -2.54
N THR C 417 39.56 -20.66 -3.44
CA THR C 417 39.15 -22.05 -3.36
C THR C 417 40.29 -23.05 -3.15
N HIS C 418 41.56 -22.64 -3.28
CA HIS C 418 42.65 -23.62 -3.27
C HIS C 418 42.86 -24.22 -1.89
N VAL C 419 43.05 -25.53 -1.87
CA VAL C 419 43.34 -26.29 -0.64
C VAL C 419 44.86 -26.41 -0.55
N TRP C 420 45.47 -25.59 0.32
CA TRP C 420 46.92 -25.53 0.45
C TRP C 420 47.48 -26.82 1.06
N LYS C 421 48.63 -27.27 0.54
CA LYS C 421 49.25 -28.53 0.93
C LYS C 421 50.45 -28.36 1.86
N LEU C 422 51.29 -27.36 1.64
CA LEU C 422 52.64 -27.33 2.22
C LEU C 422 52.61 -27.14 3.74
N VAL C 423 53.77 -27.42 4.36
CA VAL C 423 53.96 -27.56 5.82
C VAL C 423 52.76 -28.19 6.54
N PHE D 4 14.88 -11.32 -4.85
CA PHE D 4 15.76 -10.33 -4.22
C PHE D 4 17.10 -10.27 -4.94
N LEU D 5 17.33 -9.18 -5.66
CA LEU D 5 18.47 -9.04 -6.55
C LEU D 5 19.37 -7.93 -6.08
N LYS D 6 20.68 -8.13 -6.20
CA LYS D 6 21.66 -7.17 -5.75
C LYS D 6 22.33 -6.51 -6.93
N VAL D 7 22.63 -5.22 -6.78
CA VAL D 7 23.43 -4.47 -7.74
C VAL D 7 24.65 -3.95 -7.02
N LYS D 8 25.80 -4.03 -7.68
CA LYS D 8 27.06 -3.60 -7.11
C LYS D 8 27.61 -2.43 -7.90
N ASN D 9 28.23 -1.49 -7.20
CA ASN D 9 29.07 -0.48 -7.81
C ASN D 9 30.52 -0.94 -7.70
N TRP D 10 31.21 -1.04 -8.83
CA TRP D 10 32.56 -1.61 -8.84
C TRP D 10 33.64 -0.59 -8.51
N GLU D 11 33.28 0.69 -8.40
CA GLU D 11 34.20 1.70 -7.89
C GLU D 11 34.17 1.73 -6.37
N THR D 12 32.98 1.86 -5.78
CA THR D 12 32.83 2.04 -4.35
C THR D 12 32.65 0.74 -3.57
N GLU D 13 32.26 -0.34 -4.25
CA GLU D 13 31.86 -1.61 -3.66
C GLU D 13 30.54 -1.53 -2.91
N VAL D 14 29.76 -0.46 -3.09
CA VAL D 14 28.42 -0.41 -2.50
C VAL D 14 27.51 -1.41 -3.21
N VAL D 15 26.81 -2.21 -2.43
CA VAL D 15 25.85 -3.20 -2.93
C VAL D 15 24.46 -2.80 -2.46
N LEU D 16 23.51 -2.75 -3.39
CA LEU D 16 22.11 -2.44 -3.10
C LEU D 16 21.26 -3.67 -3.39
N THR D 17 20.10 -3.75 -2.74
CA THR D 17 19.26 -4.93 -2.80
C THR D 17 17.89 -4.53 -3.30
N ASP D 18 17.48 -5.09 -4.44
CA ASP D 18 16.26 -4.67 -5.12
C ASP D 18 15.14 -5.65 -4.81
N THR D 19 14.08 -5.15 -4.20
CA THR D 19 12.82 -5.88 -4.12
C THR D 19 11.71 -5.22 -4.91
N LEU D 20 11.89 -3.97 -5.33
CA LEU D 20 10.85 -3.24 -6.04
C LEU D 20 10.50 -3.92 -7.36
N HIS D 21 11.47 -4.59 -7.98
CA HIS D 21 11.22 -5.28 -9.24
C HIS D 21 10.12 -6.32 -9.13
N LEU D 22 9.76 -6.74 -7.91
CA LEU D 22 8.66 -7.69 -7.76
C LEU D 22 7.32 -7.10 -8.18
N LYS D 23 7.22 -5.77 -8.28
CA LYS D 23 6.01 -5.08 -8.70
C LYS D 23 5.96 -4.82 -10.21
N SER D 24 6.92 -5.29 -10.98
CA SER D 24 6.93 -4.95 -12.40
C SER D 24 5.84 -5.70 -13.14
N THR D 25 5.24 -5.03 -14.13
CA THR D 25 4.07 -5.57 -14.81
C THR D 25 4.38 -6.10 -16.21
N LEU D 26 5.09 -5.32 -17.03
CA LEU D 26 5.22 -5.58 -18.45
C LEU D 26 6.56 -6.24 -18.78
N GLU D 27 6.55 -7.04 -19.85
CA GLU D 27 7.76 -7.72 -20.32
C GLU D 27 8.83 -6.71 -20.75
N THR D 28 10.09 -7.05 -20.44
CA THR D 28 11.20 -6.23 -20.90
C THR D 28 11.55 -6.49 -22.35
N GLY D 29 11.18 -7.67 -22.86
CA GLY D 29 11.69 -8.15 -24.11
C GLY D 29 12.77 -9.20 -23.97
N CYS D 30 13.47 -9.22 -22.83
CA CYS D 30 14.49 -10.23 -22.61
C CYS D 30 13.85 -11.56 -22.20
N THR D 31 14.63 -12.62 -22.34
CA THR D 31 14.31 -13.92 -21.78
C THR D 31 15.57 -14.45 -21.08
N GLU D 32 15.43 -15.62 -20.47
CA GLU D 32 16.60 -16.31 -19.94
C GLU D 32 17.63 -16.64 -21.02
N TYR D 33 17.25 -16.64 -22.29
CA TYR D 33 18.19 -16.97 -23.35
C TYR D 33 18.69 -15.79 -24.17
N ILE D 34 17.95 -14.68 -24.23
CA ILE D 34 18.36 -13.58 -25.10
C ILE D 34 18.11 -12.29 -24.34
N CYS D 35 19.10 -11.39 -24.35
CA CYS D 35 18.96 -10.08 -23.73
C CYS D 35 18.76 -9.03 -24.82
N MET D 36 17.73 -8.20 -24.65
CA MET D 36 17.43 -7.14 -25.60
C MET D 36 17.71 -5.75 -25.04
N GLY D 37 18.65 -5.66 -24.09
CA GLY D 37 18.94 -4.41 -23.42
C GLY D 37 19.39 -3.26 -24.31
N SER D 38 19.86 -3.54 -25.54
CA SER D 38 20.25 -2.45 -26.42
C SER D 38 19.30 -2.28 -27.61
N ILE D 39 18.14 -2.94 -27.60
CA ILE D 39 17.10 -2.69 -28.58
C ILE D 39 16.32 -1.43 -28.18
N MET D 40 16.13 -0.52 -29.14
CA MET D 40 15.43 0.74 -28.84
C MET D 40 14.00 0.50 -28.34
N HIS D 41 13.25 -0.38 -29.03
CA HIS D 41 11.86 -0.71 -28.68
C HIS D 41 11.70 -2.22 -28.60
N PRO D 42 12.16 -2.84 -27.50
CA PRO D 42 12.22 -4.31 -27.49
C PRO D 42 10.87 -5.00 -27.33
N SER D 43 9.85 -4.31 -26.78
CA SER D 43 8.63 -4.99 -26.39
C SER D 43 7.40 -4.26 -26.91
N GLN D 44 6.43 -5.01 -27.41
CA GLN D 44 5.12 -4.48 -27.74
C GLN D 44 4.08 -4.81 -26.67
N HIS D 45 4.51 -5.31 -25.51
CA HIS D 45 3.60 -5.67 -24.42
C HIS D 45 2.98 -4.39 -23.83
N ALA D 46 1.70 -4.17 -24.13
CA ALA D 46 0.93 -3.07 -23.59
C ALA D 46 -0.13 -3.61 -22.65
N ARG D 47 -0.64 -2.75 -21.78
CA ARG D 47 -1.50 -3.22 -20.70
C ARG D 47 -2.97 -3.35 -21.09
N ARG D 48 -3.42 -2.69 -22.16
CA ARG D 48 -4.79 -2.90 -22.62
C ARG D 48 -4.82 -2.93 -24.15
N PRO D 49 -5.66 -3.79 -24.73
CA PRO D 49 -5.60 -4.06 -26.17
C PRO D 49 -5.91 -2.90 -27.10
N GLU D 50 -5.97 -3.22 -28.40
CA GLU D 50 -6.14 -2.33 -29.55
C GLU D 50 -6.68 -0.94 -29.23
N ASP D 51 -7.96 -0.87 -28.88
CA ASP D 51 -8.55 0.41 -28.51
C ASP D 51 -9.58 0.21 -27.39
N VAL D 52 -10.74 0.87 -27.49
CA VAL D 52 -11.75 0.92 -26.44
C VAL D 52 -12.00 -0.47 -25.85
N ALA D 53 -11.45 -0.70 -24.66
CA ALA D 53 -11.44 -1.99 -24.02
C ALA D 53 -12.82 -2.32 -23.44
N THR D 54 -13.04 -3.60 -23.21
CA THR D 54 -14.20 -4.06 -22.44
C THR D 54 -13.98 -3.79 -20.96
N LYS D 55 -15.02 -4.02 -20.17
CA LYS D 55 -14.93 -3.72 -18.74
C LYS D 55 -13.88 -4.57 -18.04
N ASP D 56 -13.84 -5.88 -18.32
CA ASP D 56 -12.86 -6.75 -17.67
C ASP D 56 -11.44 -6.49 -18.12
N GLN D 57 -11.23 -5.64 -19.13
CA GLN D 57 -9.88 -5.24 -19.48
C GLN D 57 -9.46 -3.95 -18.79
N LEU D 58 -10.37 -2.99 -18.66
CA LEU D 58 -9.99 -1.70 -18.09
C LEU D 58 -10.03 -1.73 -16.57
N PHE D 59 -11.11 -2.25 -16.00
CA PHE D 59 -11.29 -2.12 -14.55
C PHE D 59 -10.13 -2.70 -13.75
N PRO D 60 -9.63 -3.90 -14.02
CA PRO D 60 -8.47 -4.38 -13.23
C PRO D 60 -7.30 -3.42 -13.23
N LEU D 61 -7.03 -2.75 -14.36
CA LEU D 61 -5.94 -1.78 -14.40
C LEU D 61 -6.28 -0.54 -13.59
N ALA D 62 -7.54 -0.08 -13.66
CA ALA D 62 -7.96 1.06 -12.86
C ALA D 62 -7.86 0.74 -11.37
N LYS D 63 -8.36 -0.44 -10.98
CA LYS D 63 -8.30 -0.86 -9.59
C LYS D 63 -6.86 -0.90 -9.08
N GLU D 64 -5.93 -1.42 -9.89
CA GLU D 64 -4.53 -1.48 -9.47
C GLU D 64 -3.97 -0.09 -9.22
N PHE D 65 -4.24 0.87 -10.13
CA PHE D 65 -3.71 2.20 -9.92
C PHE D 65 -4.35 2.89 -8.71
N ILE D 66 -5.67 2.77 -8.59
CA ILE D 66 -6.35 3.43 -7.47
C ILE D 66 -5.88 2.83 -6.16
N ASP D 67 -5.71 1.49 -6.12
CA ASP D 67 -5.10 0.81 -4.98
C ASP D 67 -3.74 1.39 -4.66
N GLN D 68 -2.86 1.46 -5.67
CA GLN D 68 -1.52 2.00 -5.48
C GLN D 68 -1.57 3.42 -4.93
N TYR D 69 -2.43 4.27 -5.50
CA TYR D 69 -2.53 5.65 -5.01
C TYR D 69 -3.04 5.72 -3.57
N TYR D 70 -4.08 4.94 -3.22
CA TYR D 70 -4.57 5.04 -1.86
C TYR D 70 -3.61 4.40 -0.86
N SER D 71 -2.87 3.38 -1.29
CA SER D 71 -1.77 2.88 -0.47
C SER D 71 -0.71 3.95 -0.28
N SER D 72 -0.34 4.65 -1.36
CA SER D 72 0.68 5.69 -1.28
C SER D 72 0.37 6.71 -0.19
N ILE D 73 -0.91 7.05 0.02
CA ILE D 73 -1.28 8.04 1.03
C ILE D 73 -1.78 7.38 2.32
N LYS D 74 -1.54 6.07 2.49
CA LYS D 74 -1.81 5.38 3.75
C LYS D 74 -3.29 5.37 4.07
N ARG D 75 -4.11 5.09 3.06
CA ARG D 75 -5.56 5.01 3.22
C ARG D 75 -6.12 3.85 2.41
N PHE D 76 -5.38 2.75 2.35
CA PHE D 76 -5.87 1.54 1.71
C PHE D 76 -7.08 1.00 2.46
N GLY D 77 -8.16 0.72 1.72
CA GLY D 77 -9.39 0.23 2.32
C GLY D 77 -10.19 1.28 3.03
N SER D 78 -9.73 2.52 3.06
CA SER D 78 -10.47 3.60 3.68
C SER D 78 -11.81 3.78 3.01
N LYS D 79 -12.64 4.64 3.61
CA LYS D 79 -13.94 4.95 3.03
C LYS D 79 -13.78 5.54 1.63
N ALA D 80 -12.92 6.56 1.49
CA ALA D 80 -12.74 7.20 0.19
C ALA D 80 -12.14 6.24 -0.84
N HIS D 81 -11.35 5.27 -0.41
CA HIS D 81 -10.81 4.30 -1.34
C HIS D 81 -11.90 3.39 -1.89
N MET D 82 -12.74 2.85 -0.99
CA MET D 82 -13.84 1.99 -1.39
C MET D 82 -14.86 2.74 -2.23
N GLU D 83 -15.19 3.97 -1.84
CA GLU D 83 -16.06 4.81 -2.64
C GLU D 83 -15.49 5.01 -4.05
N ARG D 84 -14.19 5.30 -4.12
CA ARG D 84 -13.56 5.57 -5.40
C ARG D 84 -13.63 4.36 -6.33
N LEU D 85 -13.45 3.15 -5.78
CA LEU D 85 -13.58 1.96 -6.60
C LEU D 85 -14.98 1.84 -7.19
N GLU D 86 -16.01 2.03 -6.37
CA GLU D 86 -17.38 1.99 -6.87
C GLU D 86 -17.62 3.05 -7.93
N GLU D 87 -17.03 4.23 -7.77
CA GLU D 87 -17.26 5.32 -8.71
C GLU D 87 -16.61 5.01 -10.05
N VAL D 88 -15.37 4.52 -10.03
CA VAL D 88 -14.73 4.09 -11.27
C VAL D 88 -15.53 2.98 -11.92
N ASN D 89 -15.99 2.02 -11.11
CA ASN D 89 -16.84 0.94 -11.61
C ASN D 89 -18.05 1.46 -12.37
N LYS D 90 -18.77 2.42 -11.77
CA LYS D 90 -19.97 2.97 -12.41
C LYS D 90 -19.62 3.77 -13.65
N GLU D 91 -18.52 4.54 -13.60
CA GLU D 91 -18.08 5.32 -14.75
C GLU D 91 -17.75 4.41 -15.94
N ILE D 92 -17.05 3.32 -15.68
CA ILE D 92 -16.71 2.41 -16.77
C ILE D 92 -17.96 1.75 -17.30
N ASP D 93 -18.87 1.35 -16.39
CA ASP D 93 -20.14 0.78 -16.78
C ASP D 93 -20.93 1.67 -17.73
N THR D 94 -20.84 2.99 -17.54
CA THR D 94 -21.71 3.90 -18.28
C THR D 94 -21.01 4.73 -19.34
N THR D 95 -19.68 4.71 -19.40
CA THR D 95 -18.95 5.44 -20.44
C THR D 95 -17.85 4.65 -21.11
N SER D 96 -17.55 3.43 -20.65
CA SER D 96 -16.42 2.61 -21.10
C SER D 96 -15.06 3.19 -20.69
N THR D 97 -15.04 4.25 -19.90
CA THR D 97 -13.77 4.80 -19.42
C THR D 97 -14.02 5.40 -18.02
N TYR D 98 -13.02 6.09 -17.48
CA TYR D 98 -13.22 6.86 -16.25
C TYR D 98 -12.25 8.04 -16.24
N GLN D 99 -12.50 8.97 -15.31
CA GLN D 99 -11.73 10.22 -15.26
C GLN D 99 -10.94 10.27 -13.96
N LEU D 100 -9.67 10.66 -14.06
CA LEU D 100 -8.84 10.81 -12.88
C LEU D 100 -9.21 12.08 -12.11
N LYS D 101 -9.21 11.97 -10.78
CA LYS D 101 -9.19 13.14 -9.92
C LYS D 101 -7.88 13.91 -10.10
N ASP D 102 -7.93 15.21 -9.77
CA ASP D 102 -6.74 16.06 -9.89
C ASP D 102 -5.57 15.51 -9.11
N THR D 103 -5.81 15.07 -7.87
CA THR D 103 -4.75 14.48 -7.05
C THR D 103 -4.17 13.23 -7.70
N GLU D 104 -5.05 12.38 -8.26
CA GLU D 104 -4.59 11.16 -8.92
C GLU D 104 -3.81 11.46 -10.19
N LEU D 105 -4.26 12.48 -10.94
CA LEU D 105 -3.54 12.89 -12.14
C LEU D 105 -2.12 13.33 -11.78
N ILE D 106 -1.99 14.14 -10.73
CA ILE D 106 -0.68 14.64 -10.33
C ILE D 106 0.20 13.48 -9.88
N TYR D 107 -0.33 12.63 -9.00
CA TYR D 107 0.41 11.48 -8.52
C TYR D 107 0.91 10.61 -9.68
N GLY D 108 0.03 10.38 -10.67
CA GLY D 108 0.40 9.51 -11.77
C GLY D 108 1.49 10.10 -12.66
N ALA D 109 1.41 11.41 -12.93
CA ALA D 109 2.43 12.04 -13.77
C ALA D 109 3.79 12.01 -13.10
N LYS D 110 3.83 12.36 -11.80
CA LYS D 110 5.10 12.33 -11.08
C LYS D 110 5.70 10.93 -11.07
N HIS D 111 4.85 9.91 -10.94
CA HIS D 111 5.38 8.56 -10.83
C HIS D 111 5.77 7.99 -12.19
N ALA D 112 5.13 8.47 -13.27
CA ALA D 112 5.64 8.14 -14.61
C ALA D 112 7.06 8.64 -14.79
N TRP D 113 7.32 9.90 -14.41
CA TRP D 113 8.70 10.40 -14.41
C TRP D 113 9.58 9.57 -13.48
N ARG D 114 9.10 9.27 -12.27
CA ARG D 114 9.92 8.50 -11.32
C ARG D 114 10.27 7.11 -11.85
N ASN D 115 9.43 6.56 -12.72
CA ASN D 115 9.60 5.19 -13.18
C ASN D 115 10.30 5.11 -14.53
N ALA D 116 10.76 6.25 -15.07
CA ALA D 116 11.32 6.32 -16.42
C ALA D 116 12.78 5.83 -16.37
N SER D 117 12.96 4.54 -16.66
CA SER D 117 14.27 3.96 -16.43
CA SER D 117 14.26 3.89 -16.50
C SER D 117 15.37 4.60 -17.27
N ARG D 118 15.04 5.25 -18.38
CA ARG D 118 16.06 5.84 -19.23
C ARG D 118 16.46 7.27 -18.84
N CYS D 119 15.89 7.85 -17.77
CA CYS D 119 16.09 9.26 -17.45
C CYS D 119 17.09 9.43 -16.32
N VAL D 120 18.17 10.17 -16.59
CA VAL D 120 19.19 10.44 -15.57
C VAL D 120 18.81 11.58 -14.65
N GLY D 121 17.74 12.31 -14.96
CA GLY D 121 17.40 13.49 -14.18
C GLY D 121 16.35 13.27 -13.11
N ARG D 122 16.08 12.01 -12.75
CA ARG D 122 14.93 11.70 -11.89
C ARG D 122 15.09 12.12 -10.43
N ILE D 123 16.26 12.56 -9.97
CA ILE D 123 16.32 13.00 -8.58
C ILE D 123 15.32 14.13 -8.34
N GLN D 124 14.90 14.82 -9.40
CA GLN D 124 13.93 15.93 -9.35
C GLN D 124 12.46 15.47 -9.45
N TRP D 125 12.19 14.15 -9.43
CA TRP D 125 10.90 13.65 -9.91
C TRP D 125 9.70 14.26 -9.17
N SER D 126 9.80 14.47 -7.85
CA SER D 126 8.62 14.95 -7.14
C SER D 126 8.42 16.45 -7.30
N LYS D 127 9.36 17.15 -7.94
CA LYS D 127 9.27 18.58 -8.21
C LYS D 127 8.90 18.73 -9.69
N LEU D 128 7.61 18.63 -9.96
CA LEU D 128 7.09 18.66 -11.32
C LEU D 128 5.79 19.44 -11.30
N GLN D 129 5.70 20.48 -12.10
CA GLN D 129 4.47 21.25 -12.19
C GLN D 129 3.57 20.60 -13.23
N VAL D 130 2.34 20.28 -12.83
CA VAL D 130 1.38 19.57 -13.67
C VAL D 130 0.27 20.55 -14.06
N PHE D 131 0.12 20.79 -15.37
CA PHE D 131 -0.97 21.59 -15.89
C PHE D 131 -2.02 20.67 -16.48
N ASP D 132 -3.21 20.70 -15.89
CA ASP D 132 -4.35 19.91 -16.34
C ASP D 132 -5.01 20.62 -17.53
N ALA D 133 -4.92 20.01 -18.71
CA ALA D 133 -5.52 20.56 -19.91
C ALA D 133 -6.63 19.65 -20.43
N ARG D 134 -7.24 18.88 -19.54
CA ARG D 134 -8.25 17.94 -19.99
C ARG D 134 -9.55 18.59 -20.39
N ASP D 135 -9.69 19.91 -20.25
CA ASP D 135 -10.89 20.57 -20.75
C ASP D 135 -10.71 21.07 -22.17
N CYS D 136 -9.54 20.85 -22.77
CA CYS D 136 -9.24 21.39 -24.09
C CYS D 136 -10.10 20.71 -25.15
N THR D 137 -10.51 21.48 -26.17
CA THR D 137 -11.31 20.91 -27.25
C THR D 137 -10.80 21.22 -28.65
N THR D 138 -9.87 22.15 -28.82
CA THR D 138 -9.47 22.53 -30.17
C THR D 138 -7.98 22.76 -30.23
N ALA D 139 -7.46 22.78 -31.46
CA ALA D 139 -6.04 23.02 -31.67
C ALA D 139 -5.64 24.40 -31.17
N HIS D 140 -6.53 25.39 -31.30
CA HIS D 140 -6.26 26.71 -30.76
C HIS D 140 -6.09 26.66 -29.25
N GLY D 141 -7.01 25.97 -28.57
CA GLY D 141 -6.84 25.72 -27.14
C GLY D 141 -5.52 25.03 -26.82
N MET D 142 -5.16 24.00 -27.59
CA MET D 142 -3.88 23.31 -27.35
C MET D 142 -2.71 24.28 -27.47
N PHE D 143 -2.74 25.14 -28.49
CA PHE D 143 -1.68 26.12 -28.68
C PHE D 143 -1.56 27.05 -27.46
N ASN D 144 -2.72 27.50 -26.94
CA ASN D 144 -2.72 28.35 -25.76
C ASN D 144 -2.09 27.63 -24.56
N TYR D 145 -2.46 26.36 -24.36
CA TYR D 145 -1.89 25.60 -23.25
C TYR D 145 -0.37 25.42 -23.39
N ILE D 146 0.11 25.21 -24.62
CA ILE D 146 1.53 24.97 -24.82
C ILE D 146 2.33 26.25 -24.65
N CYS D 147 1.80 27.39 -25.13
CA CYS D 147 2.47 28.67 -24.91
C CYS D 147 2.62 28.97 -23.42
N ASN D 148 1.56 28.75 -22.64
CA ASN D 148 1.64 28.94 -21.20
C ASN D 148 2.66 28.00 -20.56
N HIS D 149 2.64 26.73 -20.98
CA HIS D 149 3.65 25.79 -20.51
C HIS D 149 5.05 26.31 -20.81
N VAL D 150 5.30 26.66 -22.08
CA VAL D 150 6.64 27.09 -22.47
C VAL D 150 7.06 28.33 -21.69
N LYS D 151 6.14 29.27 -21.47
CA LYS D 151 6.51 30.46 -20.74
C LYS D 151 6.81 30.15 -19.28
N TYR D 152 6.00 29.30 -18.64
CA TYR D 152 6.23 28.92 -17.25
C TYR D 152 7.56 28.17 -17.09
N ALA D 153 7.74 27.14 -17.92
CA ALA D 153 8.91 26.28 -17.82
C ALA D 153 10.21 27.04 -18.09
N THR D 154 10.16 28.01 -19.01
CA THR D 154 11.34 28.78 -19.35
C THR D 154 11.75 29.74 -18.23
N ASN D 155 10.80 30.52 -17.72
CA ASN D 155 11.02 31.33 -16.51
C ASN D 155 12.28 32.18 -16.65
N LYS D 156 12.42 32.82 -17.81
CA LYS D 156 13.53 33.72 -18.10
C LYS D 156 14.88 33.04 -17.94
N GLY D 157 14.95 31.71 -18.10
CA GLY D 157 16.20 30.98 -18.01
C GLY D 157 16.36 30.17 -16.75
N ASN D 158 15.54 30.43 -15.73
CA ASN D 158 15.56 29.65 -14.49
C ASN D 158 14.54 28.51 -14.64
N LEU D 159 14.95 27.48 -15.40
CA LEU D 159 13.98 26.53 -15.95
C LEU D 159 13.30 25.71 -14.84
N ARG D 160 12.04 25.38 -15.09
CA ARG D 160 11.19 24.67 -14.15
C ARG D 160 10.58 23.49 -14.88
N SER D 161 10.59 22.32 -14.24
CA SER D 161 10.03 21.13 -14.87
C SER D 161 8.51 21.19 -14.93
N ALA D 162 7.94 20.74 -16.04
CA ALA D 162 6.50 20.87 -16.19
C ALA D 162 6.00 19.85 -17.21
N ILE D 163 4.72 19.52 -17.07
CA ILE D 163 4.00 18.67 -18.02
C ILE D 163 2.59 19.25 -18.17
N THR D 164 2.08 19.25 -19.40
CA THR D 164 0.71 19.64 -19.69
C THR D 164 -0.02 18.43 -20.27
N ILE D 165 -1.20 18.10 -19.72
CA ILE D 165 -1.88 16.85 -20.05
C ILE D 165 -3.23 17.13 -20.70
N PHE D 166 -3.36 16.73 -21.97
CA PHE D 166 -4.54 16.94 -22.79
C PHE D 166 -5.47 15.74 -22.64
N PRO D 167 -6.70 15.82 -23.20
CA PRO D 167 -7.67 14.75 -22.96
C PRO D 167 -7.15 13.37 -23.34
N GLN D 168 -7.49 12.39 -22.51
CA GLN D 168 -7.10 11.02 -22.76
C GLN D 168 -7.78 10.45 -24.00
N ARG D 169 -7.22 9.35 -24.48
CA ARG D 169 -7.78 8.64 -25.62
C ARG D 169 -9.13 8.03 -25.27
N THR D 170 -10.05 8.05 -26.24
CA THR D 170 -11.37 7.47 -26.05
C THR D 170 -11.48 6.25 -26.95
N ASP D 171 -11.91 6.40 -28.20
CA ASP D 171 -12.01 5.27 -29.12
C ASP D 171 -10.80 5.11 -30.01
N GLY D 172 -9.84 6.04 -29.95
CA GLY D 172 -8.66 5.95 -30.78
C GLY D 172 -8.74 6.70 -32.09
N LYS D 173 -9.91 7.25 -32.44
CA LYS D 173 -10.05 8.11 -33.59
C LYS D 173 -10.24 9.57 -33.21
N HIS D 174 -10.26 9.89 -31.91
CA HIS D 174 -10.41 11.24 -31.41
C HIS D 174 -9.18 11.65 -30.60
N ASP D 175 -8.02 11.19 -31.01
CA ASP D 175 -6.81 11.43 -30.24
C ASP D 175 -6.42 12.90 -30.29
N PHE D 176 -5.92 13.40 -29.15
CA PHE D 176 -5.14 14.62 -29.15
C PHE D 176 -3.68 14.25 -29.38
N ARG D 177 -3.01 14.95 -30.31
CA ARG D 177 -1.60 14.68 -30.58
C ARG D 177 -0.85 15.97 -30.85
N VAL D 178 0.33 16.12 -30.25
CA VAL D 178 1.31 17.07 -30.74
C VAL D 178 2.12 16.32 -31.79
N TRP D 179 2.14 16.83 -33.02
CA TRP D 179 2.84 16.10 -34.06
C TRP D 179 4.34 16.31 -34.00
N ASN D 180 4.79 17.46 -33.51
CA ASN D 180 6.22 17.67 -33.27
C ASN D 180 6.73 16.62 -32.28
N SER D 181 8.00 16.23 -32.45
CA SER D 181 8.60 15.31 -31.48
C SER D 181 9.07 16.05 -30.22
N GLN D 182 9.52 17.30 -30.37
CA GLN D 182 9.71 18.21 -29.26
C GLN D 182 9.02 19.54 -29.59
N LEU D 183 8.67 20.28 -28.54
CA LEU D 183 7.97 21.55 -28.75
C LEU D 183 8.81 22.51 -29.57
N ILE D 184 10.12 22.55 -29.30
CA ILE D 184 11.03 23.48 -29.97
C ILE D 184 12.14 22.66 -30.63
N ARG D 185 12.20 22.69 -31.96
CA ARG D 185 13.24 22.03 -32.75
C ARG D 185 13.50 22.87 -33.99
N TYR D 186 14.65 22.62 -34.64
CA TYR D 186 15.02 23.36 -35.83
C TYR D 186 14.65 22.58 -37.10
N ALA D 187 14.27 23.31 -38.14
CA ALA D 187 13.91 22.70 -39.40
C ALA D 187 15.14 22.09 -40.08
N GLY D 188 14.87 21.14 -40.97
CA GLY D 188 15.90 20.54 -41.81
C GLY D 188 15.45 20.51 -43.25
N TYR D 189 16.30 20.97 -44.17
CA TYR D 189 15.92 21.17 -45.56
C TYR D 189 16.77 20.27 -46.46
N LYS D 190 16.10 19.52 -47.33
CA LYS D 190 16.81 18.77 -48.37
C LYS D 190 17.29 19.74 -49.45
N GLN D 191 18.54 19.57 -49.88
CA GLN D 191 19.15 20.53 -50.79
C GLN D 191 19.21 19.99 -52.21
N PRO D 192 19.31 20.89 -53.21
CA PRO D 192 19.57 20.45 -54.59
C PRO D 192 20.73 19.49 -54.70
N ASP D 193 21.90 19.88 -54.21
CA ASP D 193 23.07 19.01 -54.39
C ASP D 193 23.00 17.71 -53.54
N GLY D 194 21.87 17.40 -52.92
CA GLY D 194 21.71 16.15 -52.20
C GLY D 194 22.03 16.20 -50.71
N SER D 195 22.67 17.26 -50.23
CA SER D 195 23.01 17.38 -48.82
C SER D 195 21.80 17.93 -48.06
N THR D 196 22.03 18.46 -46.85
CA THR D 196 20.96 18.88 -45.96
C THR D 196 21.33 20.18 -45.25
N LEU D 197 20.35 21.08 -45.14
CA LEU D 197 20.49 22.34 -44.42
C LEU D 197 19.69 22.29 -43.13
N GLY D 198 20.31 22.66 -42.02
CA GLY D 198 19.64 22.67 -40.73
C GLY D 198 19.80 21.34 -40.01
N ASP D 199 18.70 20.82 -39.46
CA ASP D 199 18.74 19.60 -38.67
C ASP D 199 18.22 18.42 -39.49
N PRO D 200 19.07 17.44 -39.86
CA PRO D 200 18.60 16.36 -40.74
C PRO D 200 17.55 15.45 -40.11
N ALA D 201 17.52 15.35 -38.77
CA ALA D 201 16.48 14.56 -38.10
C ALA D 201 15.08 15.01 -38.48
N ASN D 202 14.91 16.30 -38.77
CA ASN D 202 13.57 16.87 -38.92
C ASN D 202 13.19 17.10 -40.37
N VAL D 203 13.90 16.48 -41.32
CA VAL D 203 13.62 16.72 -42.73
C VAL D 203 12.18 16.30 -43.05
N GLN D 204 11.78 15.11 -42.59
CA GLN D 204 10.43 14.65 -42.90
C GLN D 204 9.39 15.53 -42.24
N PHE D 205 9.56 15.82 -40.94
CA PHE D 205 8.59 16.68 -40.27
C PHE D 205 8.59 18.08 -40.88
N THR D 206 9.77 18.64 -41.15
CA THR D 206 9.86 19.90 -41.88
C THR D 206 9.06 19.84 -43.18
N GLU D 207 9.14 18.73 -43.90
CA GLU D 207 8.46 18.66 -45.19
C GLU D 207 6.95 18.54 -45.02
N ILE D 208 6.49 17.86 -43.97
CA ILE D 208 5.07 17.84 -43.65
C ILE D 208 4.55 19.24 -43.39
N CYS D 209 5.32 20.03 -42.61
CA CYS D 209 4.93 21.41 -42.32
C CYS D 209 4.85 22.23 -43.61
N ILE D 210 5.87 22.10 -44.48
CA ILE D 210 5.86 22.83 -45.74
C ILE D 210 4.68 22.40 -46.58
N GLN D 211 4.44 21.09 -46.65
CA GLN D 211 3.28 20.53 -47.33
C GLN D 211 1.97 20.94 -46.66
N GLN D 212 2.00 21.47 -45.45
CA GLN D 212 0.81 21.97 -44.79
C GLN D 212 0.64 23.48 -44.93
N GLY D 213 1.48 24.15 -45.72
CA GLY D 213 1.36 25.56 -45.95
C GLY D 213 2.35 26.44 -45.21
N TRP D 214 3.25 25.84 -44.42
CA TRP D 214 4.28 26.61 -43.75
C TRP D 214 5.26 27.18 -44.76
N LYS D 215 5.57 28.47 -44.63
CA LYS D 215 6.55 29.13 -45.48
C LYS D 215 7.90 29.09 -44.79
N PRO D 216 8.81 28.20 -45.17
CA PRO D 216 10.08 28.09 -44.47
C PRO D 216 10.98 29.26 -44.81
N PRO D 217 11.58 29.91 -43.81
CA PRO D 217 12.59 30.94 -44.10
C PRO D 217 13.92 30.37 -44.63
N ARG D 218 14.11 29.06 -44.53
CA ARG D 218 15.27 28.34 -45.10
C ARG D 218 16.59 28.90 -44.57
N GLY D 219 16.72 28.88 -43.23
CA GLY D 219 17.97 29.03 -42.56
C GLY D 219 18.47 27.72 -41.98
N ARG D 220 19.49 27.83 -41.11
CA ARG D 220 19.99 26.65 -40.41
C ARG D 220 19.35 26.47 -39.04
N PHE D 221 18.77 27.54 -38.47
CA PHE D 221 18.16 27.52 -37.15
C PHE D 221 16.75 28.14 -37.23
N ASP D 222 15.92 27.56 -38.09
CA ASP D 222 14.52 27.93 -38.22
C ASP D 222 13.72 27.13 -37.21
N VAL D 223 13.15 27.82 -36.22
CA VAL D 223 12.26 27.15 -35.27
C VAL D 223 11.03 26.66 -36.02
N LEU D 224 10.71 25.39 -35.85
CA LEU D 224 9.57 24.80 -36.53
C LEU D 224 8.26 25.29 -35.93
N PRO D 225 7.20 25.30 -36.72
CA PRO D 225 5.87 25.61 -36.16
C PRO D 225 5.37 24.43 -35.37
N LEU D 226 4.39 24.70 -34.51
CA LEU D 226 3.65 23.63 -33.85
C LEU D 226 2.61 23.06 -34.81
N LEU D 227 2.48 21.74 -34.82
CA LEU D 227 1.49 21.04 -35.65
C LEU D 227 0.62 20.24 -34.68
N LEU D 228 -0.56 20.76 -34.38
CA LEU D 228 -1.37 20.29 -33.26
C LEU D 228 -2.67 19.66 -33.74
N GLN D 229 -3.01 18.51 -33.15
CA GLN D 229 -4.24 17.77 -33.45
C GLN D 229 -5.07 17.61 -32.19
N ALA D 230 -6.33 18.02 -32.25
CA ALA D 230 -7.30 17.91 -31.17
C ALA D 230 -8.46 17.04 -31.62
N ASN D 231 -8.87 16.10 -30.76
CA ASN D 231 -10.08 15.31 -30.96
C ASN D 231 -10.13 14.69 -32.36
N GLY D 232 -8.99 14.19 -32.83
CA GLY D 232 -8.94 13.45 -34.06
C GLY D 232 -9.02 14.26 -35.33
N ASN D 233 -9.15 15.59 -35.24
CA ASN D 233 -9.25 16.39 -36.46
C ASN D 233 -7.89 16.55 -37.13
N ASP D 234 -7.91 17.01 -38.37
CA ASP D 234 -6.68 17.31 -39.07
C ASP D 234 -5.83 18.28 -38.24
N PRO D 235 -4.50 18.15 -38.28
CA PRO D 235 -3.66 19.03 -37.48
C PRO D 235 -3.57 20.44 -38.05
N GLU D 236 -3.24 21.40 -37.18
CA GLU D 236 -3.20 22.83 -37.54
C GLU D 236 -1.85 23.43 -37.18
N LEU D 237 -1.34 24.33 -38.04
CA LEU D 237 -0.04 24.97 -37.81
C LEU D 237 -0.16 26.23 -36.95
N PHE D 238 0.83 26.44 -36.07
CA PHE D 238 0.91 27.62 -35.20
C PHE D 238 2.36 28.05 -35.02
N GLN D 239 2.62 29.34 -35.05
CA GLN D 239 3.98 29.83 -34.81
C GLN D 239 4.14 30.16 -33.32
N ILE D 240 5.02 29.45 -32.63
CA ILE D 240 5.32 29.87 -31.26
C ILE D 240 5.86 31.29 -31.30
N PRO D 241 5.31 32.21 -30.51
CA PRO D 241 5.85 33.58 -30.50
C PRO D 241 7.32 33.56 -30.14
N PRO D 242 8.16 34.21 -30.94
CA PRO D 242 9.61 34.08 -30.73
C PRO D 242 10.05 34.51 -29.35
N GLU D 243 9.39 35.49 -28.74
CA GLU D 243 9.81 35.94 -27.42
C GLU D 243 9.61 34.87 -26.37
N LEU D 244 8.87 33.80 -26.67
CA LEU D 244 8.78 32.69 -25.76
C LEU D 244 9.88 31.65 -25.97
N VAL D 245 10.67 31.74 -27.04
CA VAL D 245 11.66 30.70 -27.37
C VAL D 245 13.04 31.24 -26.97
N LEU D 246 13.52 30.80 -25.82
CA LEU D 246 14.81 31.25 -25.33
C LEU D 246 15.92 30.48 -26.05
N GLU D 247 16.87 31.19 -26.63
CA GLU D 247 17.99 30.60 -27.34
C GLU D 247 19.30 31.11 -26.75
N VAL D 248 20.35 30.30 -26.87
CA VAL D 248 21.66 30.65 -26.35
C VAL D 248 22.65 30.65 -27.50
N PRO D 249 23.28 31.78 -27.81
CA PRO D 249 24.39 31.76 -28.77
C PRO D 249 25.57 30.99 -28.20
N ILE D 250 26.17 30.14 -29.02
CA ILE D 250 27.28 29.31 -28.55
C ILE D 250 28.60 30.01 -28.84
N ARG D 251 29.35 30.30 -27.77
CA ARG D 251 30.72 30.81 -27.88
C ARG D 251 31.62 30.01 -26.95
N HIS D 252 32.94 30.14 -27.16
CA HIS D 252 33.94 29.36 -26.43
C HIS D 252 34.76 30.27 -25.54
N PRO D 253 35.05 29.83 -24.30
CA PRO D 253 35.77 30.70 -23.36
C PRO D 253 37.22 30.97 -23.75
N LYS D 254 37.78 30.24 -24.69
CA LYS D 254 39.18 30.42 -25.06
C LYS D 254 39.35 30.68 -26.55
N PHE D 255 38.61 29.98 -27.38
CA PHE D 255 38.66 30.14 -28.83
C PHE D 255 37.74 31.29 -29.21
N GLU D 256 38.34 32.44 -29.52
CA GLU D 256 37.53 33.58 -29.92
C GLU D 256 36.86 33.36 -31.28
N TRP D 257 37.34 32.42 -32.09
CA TRP D 257 36.72 32.17 -33.38
C TRP D 257 35.47 31.32 -33.27
N PHE D 258 35.17 30.76 -32.11
CA PHE D 258 34.04 29.84 -32.00
C PHE D 258 32.72 30.54 -32.26
N LYS D 259 32.56 31.76 -31.74
CA LYS D 259 31.29 32.45 -31.94
C LYS D 259 31.06 32.75 -33.41
N ASP D 260 32.13 32.94 -34.18
CA ASP D 260 32.00 33.19 -35.60
C ASP D 260 31.52 31.98 -36.39
N LEU D 261 31.30 30.84 -35.72
CA LEU D 261 30.63 29.70 -36.34
C LEU D 261 29.13 29.93 -36.49
N GLY D 262 28.59 30.93 -35.81
CA GLY D 262 27.18 31.27 -35.91
C GLY D 262 26.23 30.22 -35.38
N LEU D 263 26.64 29.47 -34.37
CA LEU D 263 25.81 28.42 -33.79
C LEU D 263 25.00 28.95 -32.64
N LYS D 264 23.81 28.38 -32.47
CA LYS D 264 23.02 28.61 -31.26
C LYS D 264 22.21 27.36 -30.98
N TRP D 265 21.54 27.36 -29.82
CA TRP D 265 20.61 26.29 -29.50
C TRP D 265 19.55 26.86 -28.58
N TYR D 266 18.46 26.12 -28.46
CA TYR D 266 17.35 26.55 -27.62
C TYR D 266 17.52 26.00 -26.21
N GLY D 267 16.87 26.66 -25.26
CA GLY D 267 17.14 26.35 -23.88
C GLY D 267 16.24 25.31 -23.26
N LEU D 268 15.08 25.08 -23.88
CA LEU D 268 14.02 24.28 -23.28
C LEU D 268 13.89 22.94 -23.99
N PRO D 269 14.27 21.81 -23.37
CA PRO D 269 13.99 20.50 -23.97
C PRO D 269 12.61 20.02 -23.55
N ALA D 270 11.73 19.76 -24.50
CA ALA D 270 10.33 19.51 -24.19
C ALA D 270 9.81 18.38 -25.08
N VAL D 271 9.82 17.15 -24.55
CA VAL D 271 9.40 16.01 -25.35
C VAL D 271 7.89 16.03 -25.48
N SER D 272 7.40 15.88 -26.72
CA SER D 272 5.96 16.03 -26.96
C SER D 272 5.35 14.89 -27.76
N ASN D 273 6.06 13.80 -28.01
CA ASN D 273 5.49 12.72 -28.81
C ASN D 273 5.27 11.42 -28.03
N MET D 274 5.40 11.45 -26.71
CA MET D 274 5.24 10.22 -25.94
C MET D 274 3.84 10.12 -25.36
N LEU D 275 3.53 8.93 -24.83
CA LEU D 275 2.21 8.61 -24.31
C LEU D 275 2.33 8.35 -22.81
N LEU D 276 1.42 8.94 -22.04
CA LEU D 276 1.41 8.80 -20.59
C LEU D 276 0.30 7.84 -20.21
N GLU D 277 0.65 6.77 -19.51
CA GLU D 277 -0.29 5.70 -19.18
C GLU D 277 -0.49 5.66 -17.67
N ILE D 278 -1.73 5.84 -17.23
CA ILE D 278 -2.07 5.84 -15.82
C ILE D 278 -3.34 5.01 -15.63
N GLY D 279 -3.22 3.90 -14.91
CA GLY D 279 -4.37 3.07 -14.59
C GLY D 279 -5.20 2.68 -15.79
N GLY D 280 -4.55 2.35 -16.90
CA GLY D 280 -5.24 1.95 -18.11
C GLY D 280 -5.67 3.09 -19.01
N LEU D 281 -5.55 4.33 -18.55
CA LEU D 281 -5.87 5.50 -19.35
C LEU D 281 -4.64 5.94 -20.14
N GLU D 282 -4.86 6.40 -21.37
CA GLU D 282 -3.78 6.73 -22.28
C GLU D 282 -3.87 8.20 -22.69
N PHE D 283 -2.93 9.02 -22.20
CA PHE D 283 -2.86 10.44 -22.56
C PHE D 283 -1.84 10.56 -23.69
N SER D 284 -2.35 10.63 -24.93
CA SER D 284 -1.54 10.63 -26.15
C SER D 284 -0.87 11.96 -26.45
N ALA D 285 -1.29 13.05 -25.79
CA ALA D 285 -0.61 14.34 -25.87
C ALA D 285 -0.33 14.81 -24.45
N CYS D 286 0.95 14.85 -24.09
CA CYS D 286 1.38 15.14 -22.73
C CYS D 286 2.78 15.75 -22.73
N PRO D 287 2.99 16.87 -23.42
CA PRO D 287 4.36 17.40 -23.55
C PRO D 287 4.94 17.75 -22.18
N PHE D 288 6.17 17.28 -21.94
CA PHE D 288 6.86 17.54 -20.68
C PHE D 288 8.26 18.09 -20.96
N SER D 289 8.79 18.84 -19.99
CA SER D 289 10.01 19.58 -20.22
C SER D 289 10.79 19.69 -18.93
N GLY D 290 12.11 19.77 -19.06
CA GLY D 290 12.97 20.03 -17.93
C GLY D 290 14.07 20.99 -18.32
N TRP D 291 15.34 20.56 -18.21
CA TRP D 291 16.46 21.35 -18.66
C TRP D 291 17.51 20.37 -19.20
N TYR D 292 18.46 20.88 -19.97
CA TYR D 292 19.36 20.02 -20.70
C TYR D 292 20.52 19.54 -19.85
N MET D 293 20.99 18.32 -20.17
CA MET D 293 22.36 17.92 -19.85
C MET D 293 23.20 18.28 -21.05
N GLY D 294 24.35 18.90 -20.82
CA GLY D 294 25.09 19.54 -21.90
C GLY D 294 25.37 18.64 -23.08
N THR D 295 25.64 17.35 -22.82
CA THR D 295 25.99 16.42 -23.89
C THR D 295 24.84 16.20 -24.87
N GLU D 296 23.59 16.38 -24.43
CA GLU D 296 22.46 16.21 -25.35
C GLU D 296 22.56 17.19 -26.52
N ILE D 297 23.08 18.39 -26.26
CA ILE D 297 23.36 19.34 -27.34
C ILE D 297 24.72 19.09 -27.97
N GLY D 298 25.78 19.07 -27.16
CA GLY D 298 27.14 19.13 -27.69
C GLY D 298 27.63 17.82 -28.29
N VAL D 299 27.10 16.70 -27.83
CA VAL D 299 27.52 15.40 -28.36
C VAL D 299 26.55 14.96 -29.46
N ARG D 300 25.25 14.85 -29.13
CA ARG D 300 24.27 14.24 -30.04
C ARG D 300 23.73 15.22 -31.08
N ASP D 301 23.20 16.37 -30.64
CA ASP D 301 22.56 17.31 -31.56
C ASP D 301 23.56 17.86 -32.58
N TYR D 302 24.80 18.11 -32.15
CA TYR D 302 25.79 18.75 -33.02
C TYR D 302 26.69 17.76 -33.76
N CYS D 303 26.94 16.58 -33.18
CA CYS D 303 28.01 15.71 -33.66
C CYS D 303 27.59 14.35 -34.18
N ASP D 304 26.35 13.91 -33.98
CA ASP D 304 25.86 12.73 -34.68
C ASP D 304 26.04 12.91 -36.18
N ASN D 305 26.25 11.78 -36.89
CA ASN D 305 26.50 11.87 -38.33
C ASN D 305 25.26 12.30 -39.10
N SER D 306 24.11 11.71 -38.79
CA SER D 306 22.85 12.12 -39.40
C SER D 306 22.20 13.28 -38.64
N ARG D 307 22.99 14.11 -37.95
CA ARG D 307 22.50 15.36 -37.36
C ARG D 307 23.34 16.52 -37.89
N TYR D 308 23.76 17.44 -37.01
CA TYR D 308 24.41 18.67 -37.49
C TYR D 308 25.83 18.42 -37.97
N ASN D 309 26.53 17.43 -37.43
CA ASN D 309 27.76 16.90 -38.03
C ASN D 309 28.88 17.95 -38.11
N ILE D 310 28.97 18.85 -37.13
CA ILE D 310 29.84 20.02 -37.25
C ILE D 310 31.27 19.73 -36.81
N LEU D 311 31.57 18.45 -36.53
CA LEU D 311 32.88 18.08 -35.98
C LEU D 311 34.01 18.55 -36.89
N GLU D 312 33.94 18.22 -38.18
CA GLU D 312 34.97 18.63 -39.14
C GLU D 312 35.19 20.13 -39.10
N GLU D 313 34.10 20.92 -39.11
CA GLU D 313 34.25 22.36 -39.14
C GLU D 313 35.02 22.86 -37.92
N VAL D 314 34.70 22.33 -36.74
CA VAL D 314 35.42 22.73 -35.54
C VAL D 314 36.86 22.23 -35.57
N ALA D 315 37.05 21.00 -36.01
CA ALA D 315 38.39 20.42 -36.07
C ALA D 315 39.29 21.23 -36.99
N LYS D 316 38.75 21.69 -38.13
CA LYS D 316 39.53 22.54 -39.04
C LYS D 316 39.98 23.81 -38.35
N LYS D 317 39.06 24.53 -37.70
CA LYS D 317 39.41 25.74 -36.98
C LYS D 317 40.48 25.49 -35.91
N MET D 318 40.47 24.31 -35.30
CA MET D 318 41.46 23.96 -34.29
C MET D 318 42.79 23.50 -34.88
N ASN D 319 42.88 23.36 -36.21
CA ASN D 319 44.11 22.93 -36.89
C ASN D 319 44.57 21.56 -36.38
N LEU D 320 43.64 20.62 -36.33
CA LEU D 320 43.96 19.26 -35.91
C LEU D 320 44.30 18.41 -37.12
N ASP D 321 45.15 17.41 -36.89
CA ASP D 321 45.51 16.43 -37.90
C ASP D 321 44.29 15.56 -38.16
N MET D 322 43.61 15.79 -39.28
CA MET D 322 42.41 15.02 -39.64
C MET D 322 42.69 13.96 -40.69
N ARG D 323 43.97 13.64 -40.92
CA ARG D 323 44.30 12.62 -41.91
C ARG D 323 43.88 11.22 -41.44
N LYS D 324 44.01 10.93 -40.14
CA LYS D 324 43.77 9.58 -39.64
C LYS D 324 42.97 9.62 -38.34
N THR D 325 42.29 8.49 -38.05
CA THR D 325 41.45 8.44 -36.84
C THR D 325 42.27 8.48 -35.57
N SER D 326 43.46 7.87 -35.58
CA SER D 326 44.25 7.69 -34.36
C SER D 326 44.79 9.00 -33.80
N SER D 327 44.70 10.10 -34.54
CA SER D 327 45.00 11.39 -33.94
C SER D 327 43.92 11.84 -32.96
N LEU D 328 42.76 11.17 -32.94
CA LEU D 328 41.66 11.47 -32.03
C LEU D 328 41.14 12.90 -32.22
N TRP D 329 41.20 13.42 -33.44
CA TRP D 329 40.71 14.77 -33.71
C TRP D 329 39.21 14.89 -33.43
N LYS D 330 38.44 13.85 -33.74
CA LYS D 330 37.02 13.89 -33.38
C LYS D 330 36.85 14.01 -31.88
N ASP D 331 37.62 13.24 -31.11
CA ASP D 331 37.48 13.29 -29.65
C ASP D 331 37.84 14.66 -29.10
N GLN D 332 38.85 15.31 -29.70
CA GLN D 332 39.33 16.60 -29.19
C GLN D 332 38.30 17.70 -29.43
N ALA D 333 37.80 17.79 -30.66
CA ALA D 333 36.80 18.82 -30.95
C ALA D 333 35.52 18.58 -30.17
N LEU D 334 35.14 17.31 -30.02
CA LEU D 334 33.95 16.96 -29.26
C LEU D 334 34.00 17.58 -27.86
N VAL D 335 35.15 17.48 -27.19
CA VAL D 335 35.31 18.07 -25.87
C VAL D 335 35.16 19.59 -25.94
N GLU D 336 35.84 20.23 -26.90
CA GLU D 336 35.78 21.68 -26.99
C GLU D 336 34.35 22.16 -27.19
N ILE D 337 33.57 21.43 -27.99
CA ILE D 337 32.20 21.85 -28.25
C ILE D 337 31.39 21.77 -26.97
N ASN D 338 31.57 20.69 -26.21
CA ASN D 338 30.79 20.56 -24.99
C ASN D 338 31.24 21.56 -23.93
N ILE D 339 32.51 21.94 -23.93
CA ILE D 339 32.96 23.06 -23.11
C ILE D 339 32.21 24.33 -23.48
N ALA D 340 32.09 24.62 -24.78
CA ALA D 340 31.46 25.86 -25.23
C ALA D 340 29.97 25.88 -24.88
N VAL D 341 29.28 24.75 -25.04
CA VAL D 341 27.85 24.69 -24.75
C VAL D 341 27.61 25.04 -23.28
N LEU D 342 28.34 24.37 -22.38
CA LEU D 342 28.22 24.67 -20.95
C LEU D 342 28.58 26.13 -20.67
N TYR D 343 29.74 26.58 -21.16
CA TYR D 343 30.13 27.97 -20.95
C TYR D 343 29.04 28.95 -21.39
N SER D 344 28.41 28.68 -22.54
CA SER D 344 27.44 29.63 -23.08
C SER D 344 26.16 29.67 -22.24
N PHE D 345 25.58 28.50 -21.94
CA PHE D 345 24.38 28.46 -21.11
C PHE D 345 24.62 29.09 -19.74
N GLN D 346 25.76 28.78 -19.13
CA GLN D 346 26.04 29.34 -17.81
C GLN D 346 26.22 30.85 -17.87
N SER D 347 26.82 31.34 -18.96
CA SER D 347 27.04 32.77 -19.09
C SER D 347 25.72 33.52 -19.20
N ASP D 348 24.74 32.95 -19.89
CA ASP D 348 23.44 33.57 -20.06
C ASP D 348 22.45 33.20 -18.95
N LYS D 349 22.93 32.53 -17.90
CA LYS D 349 22.09 32.10 -16.77
C LYS D 349 20.89 31.29 -17.23
N VAL D 350 21.11 30.36 -18.17
CA VAL D 350 20.11 29.39 -18.56
C VAL D 350 20.48 28.06 -17.92
N THR D 351 19.51 27.45 -17.22
CA THR D 351 19.79 26.22 -16.48
C THR D 351 20.37 25.15 -17.39
N ILE D 352 21.45 24.51 -16.92
CA ILE D 352 22.07 23.40 -17.65
C ILE D 352 22.87 22.62 -16.64
N VAL D 353 23.13 21.34 -16.93
CA VAL D 353 23.91 20.49 -16.05
C VAL D 353 24.93 19.74 -16.89
N ASP D 354 26.17 19.65 -16.38
CA ASP D 354 27.15 18.84 -17.09
C ASP D 354 26.95 17.35 -16.76
N HIS D 355 27.53 16.50 -17.61
CA HIS D 355 27.32 15.06 -17.42
C HIS D 355 27.99 14.54 -16.15
N HIS D 356 29.01 15.22 -15.62
CA HIS D 356 29.64 14.79 -14.38
C HIS D 356 28.70 15.02 -13.19
N SER D 357 28.12 16.21 -13.11
CA SER D 357 27.20 16.52 -12.03
C SER D 357 25.90 15.73 -12.16
N ALA D 358 25.37 15.59 -13.38
CA ALA D 358 24.13 14.85 -13.57
C ALA D 358 24.27 13.39 -13.19
N THR D 359 25.37 12.74 -13.57
CA THR D 359 25.47 11.33 -13.23
C THR D 359 25.74 11.13 -11.75
N GLU D 360 26.49 12.03 -11.11
CA GLU D 360 26.67 11.91 -9.67
C GLU D 360 25.33 12.08 -8.94
N SER D 361 24.52 13.04 -9.37
CA SER D 361 23.19 13.16 -8.79
CA SER D 361 23.18 13.16 -8.80
C SER D 361 22.36 11.88 -8.97
N PHE D 362 22.55 11.18 -10.10
CA PHE D 362 21.74 9.99 -10.32
C PHE D 362 22.14 8.88 -9.35
N ILE D 363 23.45 8.70 -9.14
CA ILE D 363 23.93 7.76 -8.12
C ILE D 363 23.28 8.06 -6.77
N LYS D 364 23.23 9.34 -6.40
CA LYS D 364 22.58 9.72 -5.15
C LYS D 364 21.10 9.38 -5.18
N HIS D 365 20.43 9.66 -6.30
CA HIS D 365 19.03 9.29 -6.43
C HIS D 365 18.83 7.79 -6.25
N MET D 366 19.71 6.99 -6.87
CA MET D 366 19.62 5.54 -6.72
C MET D 366 19.68 5.15 -5.26
N GLU D 367 20.67 5.66 -4.51
CA GLU D 367 20.78 5.35 -3.09
CA GLU D 367 20.77 5.32 -3.09
C GLU D 367 19.48 5.66 -2.37
N ASN D 368 18.90 6.83 -2.67
CA ASN D 368 17.66 7.23 -2.00
C ASN D 368 16.52 6.26 -2.30
N GLU D 369 16.38 5.91 -3.58
CA GLU D 369 15.28 5.06 -4.02
C GLU D 369 15.41 3.66 -3.45
N TYR D 370 16.62 3.09 -3.38
CA TYR D 370 16.77 1.78 -2.74
C TYR D 370 16.44 1.88 -1.25
N ARG D 371 16.82 2.99 -0.60
CA ARG D 371 16.55 3.10 0.83
C ARG D 371 15.05 3.20 1.13
N CYS D 372 14.33 4.04 0.41
CA CYS D 372 12.93 4.22 0.79
C CYS D 372 11.95 3.41 -0.04
N ARG D 373 12.34 2.95 -1.23
CA ARG D 373 11.40 2.27 -2.12
C ARG D 373 11.79 0.83 -2.43
N GLY D 374 13.00 0.39 -2.06
CA GLY D 374 13.41 -0.96 -2.38
C GLY D 374 13.92 -1.16 -3.80
N GLY D 375 14.15 -0.10 -4.56
CA GLY D 375 14.74 -0.25 -5.88
C GLY D 375 14.54 0.98 -6.72
N CYS D 376 15.20 0.96 -7.89
CA CYS D 376 15.09 2.03 -8.88
C CYS D 376 15.38 1.48 -10.27
N PRO D 377 14.37 1.38 -11.14
CA PRO D 377 14.62 0.88 -12.51
C PRO D 377 15.52 1.82 -13.29
N ALA D 378 16.57 1.26 -13.90
CA ALA D 378 17.53 2.09 -14.61
C ALA D 378 18.10 1.33 -15.79
N ASP D 379 18.19 2.02 -16.92
CA ASP D 379 18.63 1.46 -18.21
C ASP D 379 20.05 1.99 -18.45
N TRP D 380 21.06 1.15 -18.14
CA TRP D 380 22.47 1.56 -18.22
C TRP D 380 22.81 2.13 -19.60
N VAL D 381 22.28 1.52 -20.66
CA VAL D 381 22.57 1.92 -22.02
C VAL D 381 22.20 3.39 -22.26
N TRP D 382 21.14 3.88 -21.61
CA TRP D 382 20.71 5.26 -21.76
C TRP D 382 21.27 6.18 -20.68
N ILE D 383 21.54 5.66 -19.48
CA ILE D 383 21.97 6.51 -18.37
C ILE D 383 23.41 6.96 -18.59
N VAL D 384 24.27 6.07 -19.11
CA VAL D 384 25.68 6.41 -19.29
C VAL D 384 25.81 7.48 -20.38
N PRO D 385 26.54 8.57 -20.13
CA PRO D 385 26.53 9.67 -21.09
C PRO D 385 27.26 9.29 -22.36
N PRO D 386 26.93 9.93 -23.49
CA PRO D 386 27.51 9.53 -24.79
C PRO D 386 28.96 9.97 -24.99
N MET D 387 29.60 10.59 -24.00
CA MET D 387 31.04 10.81 -24.04
C MET D 387 31.61 10.62 -22.64
N SER D 388 32.89 10.27 -22.59
CA SER D 388 33.63 10.14 -21.34
C SER D 388 32.94 9.19 -20.35
N GLY D 389 32.32 8.13 -20.89
CA GLY D 389 31.50 7.26 -20.07
C GLY D 389 32.19 6.79 -18.80
N SER D 390 33.41 6.27 -18.92
CA SER D 390 33.98 5.58 -17.78
C SER D 390 34.58 6.52 -16.73
N ILE D 391 34.68 7.81 -17.00
CA ILE D 391 35.10 8.70 -15.93
C ILE D 391 33.86 9.32 -15.30
N THR D 392 32.68 8.74 -15.56
CA THR D 392 31.52 9.11 -14.78
C THR D 392 31.15 7.98 -13.84
N PRO D 393 30.51 8.28 -12.70
CA PRO D 393 30.24 7.22 -11.71
C PRO D 393 29.23 6.19 -12.17
N VAL D 394 28.33 6.53 -13.10
CA VAL D 394 27.31 5.57 -13.50
C VAL D 394 27.89 4.46 -14.35
N PHE D 395 29.04 4.69 -14.98
CA PHE D 395 29.65 3.64 -15.80
C PHE D 395 29.96 2.39 -14.98
N HIS D 396 30.40 2.57 -13.74
CA HIS D 396 30.78 1.48 -12.86
C HIS D 396 29.64 0.99 -11.98
N GLN D 397 28.42 1.48 -12.19
CA GLN D 397 27.25 1.14 -11.38
C GLN D 397 26.40 0.09 -12.11
N GLU D 398 26.23 -1.09 -11.52
CA GLU D 398 25.28 -2.05 -12.06
C GLU D 398 23.87 -1.54 -11.86
N MET D 399 22.99 -1.82 -12.82
CA MET D 399 21.61 -1.37 -12.72
C MET D 399 20.67 -2.49 -13.17
N LEU D 400 19.49 -2.53 -12.57
CA LEU D 400 18.42 -3.44 -12.96
C LEU D 400 17.36 -2.64 -13.69
N ASN D 401 16.92 -3.14 -14.83
CA ASN D 401 15.89 -2.47 -15.62
C ASN D 401 14.61 -3.28 -15.59
N TYR D 402 13.50 -2.62 -15.25
CA TYR D 402 12.18 -3.23 -15.23
C TYR D 402 11.14 -2.13 -15.42
N ARG D 403 9.93 -2.54 -15.77
CA ARG D 403 8.89 -1.63 -16.23
C ARG D 403 7.80 -1.51 -15.17
N LEU D 404 7.66 -0.32 -14.61
CA LEU D 404 6.65 -0.02 -13.60
C LEU D 404 5.61 0.92 -14.18
N THR D 405 4.39 0.83 -13.65
CA THR D 405 3.34 1.73 -14.08
C THR D 405 2.92 2.61 -12.90
N PRO D 406 2.47 3.86 -13.15
CA PRO D 406 2.36 4.68 -14.37
C PRO D 406 3.67 4.84 -15.16
N SER D 407 3.58 5.15 -16.46
CA SER D 407 4.80 5.22 -17.26
C SER D 407 4.58 6.09 -18.49
N PHE D 408 5.71 6.52 -19.08
CA PHE D 408 5.72 7.12 -20.41
C PHE D 408 6.07 6.04 -21.43
N GLU D 409 5.33 6.00 -22.53
CA GLU D 409 5.52 4.99 -23.56
C GLU D 409 5.73 5.66 -24.90
N TYR D 410 6.42 4.98 -25.80
CA TYR D 410 6.45 5.43 -27.18
C TYR D 410 5.12 5.12 -27.86
N GLN D 411 4.89 5.81 -28.97
CA GLN D 411 3.67 5.62 -29.76
C GLN D 411 4.01 5.93 -31.21
N PRO D 412 3.23 5.41 -32.15
CA PRO D 412 3.55 5.63 -33.56
C PRO D 412 3.39 7.10 -33.91
N ASP D 413 4.16 7.53 -34.90
CA ASP D 413 4.03 8.89 -35.40
C ASP D 413 2.65 9.08 -36.02
N PRO D 414 1.94 10.16 -35.71
CA PRO D 414 0.54 10.28 -36.14
C PRO D 414 0.37 10.34 -37.66
N TRP D 415 1.41 10.70 -38.41
CA TRP D 415 1.23 10.77 -39.86
C TRP D 415 1.25 9.39 -40.53
N ASN D 416 1.64 8.33 -39.81
CA ASN D 416 1.54 6.99 -40.33
C ASN D 416 0.17 6.36 -40.09
N THR D 417 -0.68 7.02 -39.29
CA THR D 417 -1.97 6.46 -38.92
C THR D 417 -3.15 7.40 -39.17
N HIS D 418 -2.92 8.70 -39.32
CA HIS D 418 -4.03 9.64 -39.40
C HIS D 418 -4.76 9.52 -40.73
N VAL D 419 -6.09 9.48 -40.67
CA VAL D 419 -6.94 9.51 -41.85
C VAL D 419 -7.43 10.96 -42.03
N TRP D 420 -6.95 11.61 -43.10
CA TRP D 420 -7.20 13.02 -43.32
C TRP D 420 -8.65 13.25 -43.76
N LYS D 421 -9.06 14.51 -43.67
CA LYS D 421 -10.45 14.88 -43.98
C LYS D 421 -10.54 16.07 -44.94
CHA HEM E . -14.80 -10.27 23.02
CHB HEM E . -14.98 -11.49 27.71
CHC HEM E . -10.31 -12.86 27.45
CHD HEM E . -9.96 -10.77 23.09
C1A HEM E . -15.30 -10.61 24.27
C2A HEM E . -16.71 -10.75 24.66
C3A HEM E . -16.75 -11.09 25.95
C4A HEM E . -15.38 -11.18 26.43
CMA HEM E . -18.01 -11.36 26.82
CAA HEM E . -17.94 -10.58 23.75
CBA HEM E . -17.94 -11.86 22.94
CGA HEM E . -19.23 -12.04 22.19
O1A HEM E . -20.28 -11.63 22.73
O2A HEM E . -19.19 -12.61 21.07
C1B HEM E . -13.74 -12.01 28.04
C2B HEM E . -13.41 -12.65 29.29
C3B HEM E . -12.12 -13.00 29.25
C4B HEM E . -11.59 -12.63 27.93
CMB HEM E . -14.38 -12.82 30.49
CAB HEM E . -11.41 -13.72 30.43
CBB HEM E . -10.08 -13.80 30.49
C1C HEM E . -9.78 -12.46 26.23
C2C HEM E . -8.42 -12.66 25.75
C3C HEM E . -8.34 -12.09 24.52
C4C HEM E . -9.62 -11.48 24.23
CMC HEM E . -7.31 -13.45 26.50
CAC HEM E . -7.15 -11.97 23.52
CBC HEM E . -5.89 -12.25 23.86
C1D HEM E . -11.23 -10.48 22.69
C2D HEM E . -11.61 -9.96 21.38
C3D HEM E . -12.94 -9.80 21.37
C4D HEM E . -13.47 -10.26 22.65
CMD HEM E . -10.66 -9.58 20.23
CAD HEM E . -13.75 -9.29 20.16
CBD HEM E . -14.08 -10.54 19.32
CGD HEM E . -14.97 -10.20 18.15
O1D HEM E . -15.00 -9.00 17.75
O2D HEM E . -15.65 -11.12 17.63
NA HEM E . -14.54 -10.87 25.39
NB HEM E . -12.62 -12.02 27.24
NC HEM E . -10.45 -11.74 25.28
ND HEM E . -12.39 -10.64 23.44
FE HEM E . -12.42 -11.03 25.42
N1 H4B F . -22.47 -7.73 21.61
C2 H4B F . -21.74 -8.83 21.86
N2 H4B F . -21.06 -8.93 23.02
N3 H4B F . -21.67 -9.84 20.95
C4 H4B F . -22.33 -9.76 19.78
O4 H4B F . -22.27 -10.70 18.95
C4A H4B F . -23.08 -8.63 19.51
C8A H4B F . -23.14 -7.61 20.45
N5 H4B F . -23.76 -8.50 18.35
N8 H4B F . -23.87 -6.49 20.20
C6 H4B F . -24.02 -7.16 17.89
C7 H4B F . -24.67 -6.34 18.99
C9 H4B F . -24.89 -7.16 16.62
O9 H4B F . -25.96 -8.10 16.76
C10 H4B F . -25.45 -5.75 16.38
C11 H4B F . -26.21 -5.67 15.06
O10 H4B F . -24.38 -4.80 16.36
C02 K8F G . -14.45 -15.10 26.32
C03 K8F G . -13.07 -15.22 26.15
C04 K8F G . -12.52 -15.16 24.86
C05 K8F G . -13.38 -15.00 23.78
C06 K8F G . -14.75 -14.89 24.00
C07 K8F G . -11.04 -15.28 24.65
C08 K8F G . -15.68 -14.72 22.84
C09 K8F G . -16.13 -16.11 22.40
C10 K8F G . -16.50 -16.14 20.93
C12 K8F G . -18.24 -15.12 19.57
C13 K8F G . -17.52 -14.25 18.56
C14 K8F G . -16.36 -14.13 19.52
F15 K8F G . -17.23 -14.86 17.43
F16 K8F G . -18.12 -13.07 18.40
N01 K8F G . -15.25 -14.96 25.26
N02 K8F G . -15.01 -15.18 27.55
N11 K8F G . -17.15 -14.89 20.52
C1 GOL H . 3.52 -14.14 30.60
O1 GOL H . 2.75 -13.05 31.06
C2 GOL H . 3.97 -13.86 29.16
O2 GOL H . 4.04 -15.02 28.33
C3 GOL H . 5.30 -13.14 29.28
O3 GOL H . 5.11 -12.08 30.19
ZN ZN I . -20.06 6.57 15.58
C1 GOL J . 5.11 0.32 -7.03
O1 GOL J . 4.85 0.53 -8.41
C2 GOL J . 4.49 1.43 -6.19
O2 GOL J . 5.27 2.60 -6.26
C3 GOL J . 4.37 0.99 -4.73
O3 GOL J . 5.49 1.45 -4.00
CHA HEM K . -37.65 7.99 23.08
CHB HEM K . -41.21 4.68 23.02
CHC HEM K . -44.17 8.12 21.22
CHD HEM K . -40.40 11.06 20.49
C1A HEM K . -38.38 6.85 23.32
C2A HEM K . -37.97 5.71 24.14
C3A HEM K . -38.95 4.79 24.12
C4A HEM K . -40.02 5.31 23.31
CMA HEM K . -38.96 3.43 24.84
CAA HEM K . -36.64 5.62 24.89
CBA HEM K . -36.86 6.41 26.17
CGA HEM K . -35.92 5.96 27.25
O1A HEM K . -35.69 4.73 27.38
O2A HEM K . -35.39 6.82 27.98
C1B HEM K . -42.33 5.35 22.53
C2B HEM K . -43.66 4.78 22.43
C3B HEM K . -44.47 5.72 21.94
C4B HEM K . -43.70 6.92 21.71
CMB HEM K . -44.06 3.33 22.81
CAB HEM K . -45.98 5.46 21.68
CBB HEM K . -46.70 6.19 20.81
C1C HEM K . -43.43 9.23 20.90
C2C HEM K . -43.96 10.48 20.39
C3C HEM K . -42.91 11.31 20.18
C4C HEM K . -41.70 10.59 20.54
CMC HEM K . -45.47 10.73 20.19
CAC HEM K . -42.88 12.76 19.64
CBC HEM K . -43.92 13.31 18.99
C1D HEM K . -39.33 10.50 21.15
C2D HEM K . -38.04 11.09 21.31
C3D HEM K . -37.28 10.26 22.02
C4D HEM K . -38.07 9.09 22.35
CMD HEM K . -37.60 12.46 20.74
CAD HEM K . -35.81 10.51 22.43
CBD HEM K . -35.84 11.31 23.75
CGD HEM K . -34.44 11.53 24.31
O1D HEM K . -33.43 11.40 23.59
O2D HEM K . -34.33 11.86 25.50
NA HEM K . -39.64 6.55 22.82
NB HEM K . -42.38 6.66 22.08
NC HEM K . -42.05 9.32 20.97
ND HEM K . -39.34 9.26 21.81
FE HEM K . -40.73 7.83 21.62
N1 H4B L . -31.26 3.83 26.16
C2 H4B L . -32.47 4.34 26.50
N2 H4B L . -33.58 3.92 25.87
N3 H4B L . -32.58 5.29 27.47
C4 H4B L . -31.48 5.74 28.12
O4 H4B L . -31.59 6.62 29.03
C4A H4B L . -30.25 5.24 27.79
C8A H4B L . -30.15 4.27 26.80
N5 H4B L . -29.12 5.67 28.41
N8 H4B L . -28.95 3.75 26.45
C6 H4B L . -27.86 5.52 27.69
C7 H4B L . -27.73 4.09 27.15
C9 H4B L . -26.64 5.85 28.55
O9 H4B L . -26.74 5.17 29.80
C10 H4B L . -25.30 5.48 27.89
C11 H4B L . -24.13 6.01 28.70
O10 H4B L . -25.22 6.03 26.57
C02 K8F M . -42.73 7.03 25.73
C03 K8F M . -43.39 8.01 24.98
C04 K8F M . -42.81 9.25 24.83
C05 K8F M . -41.59 9.51 25.44
C06 K8F M . -40.97 8.52 26.19
C07 K8F M . -43.48 10.33 24.02
C08 K8F M . -39.64 8.78 26.86
C09 K8F M . -39.81 9.26 28.29
C10 K8F M . -38.55 9.99 28.74
C12 K8F M . -36.19 9.54 28.66
C13 K8F M . -35.61 10.66 27.83
C14 K8F M . -36.92 10.77 27.08
F15 K8F M . -35.30 11.74 28.52
F16 K8F M . -34.64 10.23 27.05
N01 K8F M . -41.55 7.31 26.32
N02 K8F M . -43.25 5.80 25.90
N11 K8F M . -37.43 9.63 27.87
C1 GOL N . -35.78 13.73 2.87
O1 GOL N . -35.23 14.47 3.95
C2 GOL N . -37.26 13.49 3.14
O2 GOL N . -37.56 13.81 4.48
C3 GOL N . -37.65 12.05 2.83
O3 GOL N . -38.95 11.80 3.35
CHA HEM O . 37.14 -8.44 -24.26
CHB HEM O . 39.52 -6.20 -27.85
CHC HEM O . 41.56 -10.42 -28.98
CHD HEM O . 38.56 -12.76 -26.03
C1A HEM O . 37.72 -7.46 -25.04
C2A HEM O . 37.71 -6.02 -24.80
C3A HEM O . 38.37 -5.43 -25.78
C4A HEM O . 38.81 -6.44 -26.70
CMA HEM O . 38.62 -3.92 -25.98
CAA HEM O . 37.08 -5.33 -23.60
CBA HEM O . 38.23 -5.37 -22.60
CGA HEM O . 37.90 -4.70 -21.30
O1A HEM O . 37.27 -3.61 -21.35
O2A HEM O . 38.28 -5.26 -20.23
C1B HEM O . 40.31 -7.16 -28.45
C2B HEM O . 41.27 -6.90 -29.49
C3B HEM O . 41.85 -8.06 -29.82
C4B HEM O . 41.26 -9.09 -28.97
CMB HEM O . 41.58 -5.52 -30.13
CAB HEM O . 42.93 -8.18 -30.91
CBB HEM O . 43.12 -9.31 -31.59
C1C HEM O . 40.97 -11.42 -28.27
C2C HEM O . 41.36 -12.82 -28.29
C3C HEM O . 40.52 -13.48 -27.47
C4C HEM O . 39.59 -12.52 -26.92
CMC HEM O . 42.54 -13.35 -29.12
CAC HEM O . 40.48 -14.99 -27.13
CBC HEM O . 41.07 -15.92 -27.89
C1D HEM O . 37.95 -11.79 -25.26
C2D HEM O . 37.07 -12.03 -24.15
C3D HEM O . 36.67 -10.86 -23.67
C4D HEM O . 37.30 -9.81 -24.44
CMD HEM O . 36.64 -13.42 -23.63
CAD HEM O . 35.74 -10.65 -22.46
CBD HEM O . 36.70 -10.51 -21.27
CGD HEM O . 35.99 -10.20 -19.97
O1D HEM O . 34.74 -10.32 -19.88
O2D HEM O . 36.70 -9.85 -19.00
NA HEM O . 38.41 -7.66 -26.21
NB HEM O . 40.31 -8.50 -28.14
NC HEM O . 39.89 -11.29 -27.43
ND HEM O . 38.08 -10.42 -25.42
FE HEM O . 38.93 -9.45 -27.04
N1 H4B P . 32.98 -2.33 -20.84
C2 H4B P . 34.23 -2.84 -20.97
N2 H4B P . 34.77 -3.02 -22.20
N3 H4B P . 34.96 -3.20 -19.89
C4 H4B P . 34.46 -3.05 -18.64
O4 H4B P . 35.14 -3.39 -17.65
C4A H4B P . 33.19 -2.53 -18.48
C8A H4B P . 32.46 -2.17 -19.60
N5 H4B P . 32.64 -2.37 -17.25
N8 H4B P . 31.20 -1.64 -19.45
C6 H4B P . 31.18 -2.38 -17.16
C7 H4B P . 30.62 -1.37 -18.15
C9 H4B P . 30.63 -2.10 -15.75
O9 H4B P . 31.12 -0.83 -15.28
C10 H4B P . 29.10 -2.07 -15.69
C11 H4B P . 28.63 -1.92 -14.25
O10 H4B P . 28.52 -3.26 -16.24
C02 K8F Q . 42.64 -7.03 -25.66
C03 K8F Q . 42.98 -8.31 -26.08
C04 K8F Q . 42.62 -9.41 -25.29
C05 K8F Q . 41.97 -9.21 -24.09
C06 K8F Q . 41.66 -7.91 -23.71
C07 K8F Q . 42.96 -10.82 -25.71
C08 K8F Q . 40.95 -7.65 -22.40
C09 K8F Q . 41.97 -7.15 -21.39
C10 K8F Q . 41.63 -7.52 -19.94
C12 K8F Q . 40.18 -6.99 -18.08
C13 K8F Q . 39.24 -8.18 -18.04
C14 K8F Q . 39.35 -8.30 -19.54
F15 K8F Q . 39.74 -9.23 -17.40
F16 K8F Q . 38.02 -7.87 -17.66
N01 K8F Q . 42.00 -6.87 -24.49
N02 K8F Q . 42.96 -5.93 -26.39
N11 K8F Q . 40.26 -7.14 -19.55
C1 GOL R . 25.71 -23.31 -34.08
O1 GOL R . 25.99 -22.90 -32.76
C2 GOL R . 26.91 -23.01 -34.98
O2 GOL R . 27.90 -22.33 -34.25
C3 GOL R . 26.48 -22.15 -36.17
O3 GOL R . 27.63 -21.79 -36.89
C1 GOL S . 46.32 -21.14 -37.01
O1 GOL S . 45.14 -20.36 -37.01
C2 GOL S . 45.95 -22.58 -36.70
O2 GOL S . 44.75 -22.90 -37.37
C3 GOL S . 45.75 -22.79 -35.19
O3 GOL S . 47.00 -22.90 -34.55
ZN ZN T . 18.37 -8.11 -20.75
CHA HEM U . 15.32 10.79 -21.01
CHB HEM U . 17.81 14.14 -18.56
CHC HEM U . 13.55 15.88 -16.87
CHD HEM U . 11.23 12.04 -18.65
C1A HEM U . 16.35 11.62 -20.63
C2A HEM U . 17.68 11.70 -21.19
C3A HEM U . 18.37 12.63 -20.53
C4A HEM U . 17.51 13.16 -19.49
CMA HEM U . 19.83 13.07 -20.79
CAA HEM U . 18.24 10.92 -22.40
CBA HEM U . 17.82 11.77 -23.60
CGA HEM U . 18.38 11.26 -24.89
O1A HEM U . 19.57 10.87 -24.88
O2A HEM U . 17.65 11.26 -25.91
C1B HEM U . 16.87 14.92 -17.91
C2B HEM U . 17.14 16.11 -17.14
C3B HEM U . 16.00 16.59 -16.65
C4B HEM U . 14.91 15.72 -17.11
CMB HEM U . 18.54 16.71 -16.91
CAB HEM U . 15.92 17.86 -15.78
CBB HEM U . 14.82 18.24 -15.10
C1C HEM U . 12.52 15.01 -17.22
C2C HEM U . 11.08 15.21 -16.95
C3C HEM U . 10.46 14.13 -17.47
C4C HEM U . 11.48 13.24 -18.03
CMC HEM U . 10.46 16.45 -16.27
CAC HEM U . 8.98 13.73 -17.48
CBC HEM U . 8.10 14.27 -16.62
C1D HEM U . 12.13 11.37 -19.46
C2D HEM U . 11.85 10.24 -20.31
C3D HEM U . 12.96 9.90 -20.95
C4D HEM U . 14.01 10.82 -20.55
CMD HEM U . 10.50 9.48 -20.48
CAD HEM U . 13.07 8.73 -21.96
CBD HEM U . 12.85 9.34 -23.35
CGD HEM U . 12.85 8.30 -24.44
O1D HEM U . 12.83 7.08 -24.11
O2D HEM U . 12.87 8.68 -25.64
NA HEM U . 16.29 12.51 -19.59
NB HEM U . 15.49 14.71 -17.87
NC HEM U . 12.69 13.83 -17.87
ND HEM U . 13.46 11.71 -19.63
FE HEM U . 14.54 12.99 -18.51
N1 H4B V . 21.39 6.69 -24.90
C2 H4B V . 20.74 7.87 -24.89
N2 H4B V . 20.77 8.67 -23.78
N3 H4B V . 20.05 8.29 -25.97
C4 H4B V . 19.97 7.54 -27.09
O4 H4B V . 19.32 7.96 -28.07
C4A H4B V . 20.64 6.32 -27.12
C8A H4B V . 21.35 5.91 -26.00
N5 H4B V . 20.59 5.52 -28.20
N8 H4B V . 21.99 4.72 -26.00
C6 H4B V . 20.77 4.10 -28.00
C7 H4B V . 22.05 3.88 -27.20
C9 H4B V . 20.82 3.32 -29.32
O9 H4B V . 21.71 3.98 -30.23
C10 H4B V . 21.33 1.90 -29.11
C11 H4B V . 21.22 1.08 -30.38
O10 H4B V . 20.60 1.26 -28.05
C02 K8F W . 16.06 16.56 -21.08
C03 K8F W . 14.81 16.78 -20.49
C04 K8F W . 13.68 16.18 -21.01
C05 K8F W . 13.81 15.35 -22.12
C06 K8F W . 15.07 15.17 -22.69
C07 K8F W . 12.32 16.39 -20.40
C08 K8F W . 15.25 14.29 -23.89
C09 K8F W . 15.26 15.12 -25.17
C10 K8F W . 14.64 14.39 -26.36
C12 K8F W . 15.01 12.53 -27.88
C13 K8F W . 13.96 11.51 -27.48
C14 K8F W . 14.04 12.02 -26.07
F15 K8F W . 12.78 11.66 -28.05
F16 K8F W . 14.40 10.26 -27.57
N01 K8F W . 16.15 15.79 -22.15
N02 K8F W . 17.18 17.13 -20.60
N11 K8F W . 15.08 12.99 -26.48
C1 GOL X . 4.22 20.42 -7.79
O1 GOL X . 4.94 19.39 -7.15
C2 GOL X . 2.71 20.15 -7.73
O2 GOL X . 2.45 19.21 -6.72
C3 GOL X . 2.16 19.61 -9.05
O3 GOL X . 1.77 20.64 -9.93
#